data_8CFJ
#
_entry.id   8CFJ
#
_cell.length_a   74.110
_cell.length_b   132.720
_cell.length_c   99.030
_cell.angle_alpha   90.00
_cell.angle_beta   101.41
_cell.angle_gamma   90.00
#
_symmetry.space_group_name_H-M   'P 1 21 1'
#
loop_
_entity.id
_entity.type
_entity.pdbx_description
1 polymer Adenosylhomocysteinase
2 non-polymer NICOTINAMIDE-ADENINE-DINUCLEOTIDE
3 non-polymer ADENINE
4 non-polymer 2-methyl-N-(4-methylphenyl)-L-alanine
5 non-polymer GLYCEROL
6 non-polymer 'POTASSIUM ION'
7 non-polymer 'PHOSPHATE ION'
8 non-polymer 'DIMETHYL SULFOXIDE'
9 water water
#
_entity_poly.entity_id   1
_entity_poly.type   'polypeptide(L)'
_entity_poly.pdbx_seq_one_letter_code
;SNAMSAVMTPAGFTDYKVADITLAAWGRRELIIAESEMPALMGLRRKYAGQQPLKGAKILGCIHMTIQTGVLIETLVALG
AEVRWSSCNIFSTQDQAAAAIAAAGIPVFAWKGETEEEYEWCIEQTILKDGQPWDANMVLDDGGDLTEILHKKYPQMLER
IHGITEETTTGVHRLLDMLKNGTLKVPAINVNDSVTKSKNDNKYGCRHSLNDAIKRGTDHLLSGKQALVIGYGDVGKGSS
QSLRQEGMIVKVAEVDPICAMQACMDGFEVVSPYKNGINDGTEASIDAALLGKIDLIVTTTGNVNVCDANMLKALKKRAV
VCNIGHFDNEIDTAFMRKNWAWEEVKPQVHKIHRTGKDGFDAHNDDYLILLAEGRLVNLGNATGHPSRIMDGSFANQVLA
QIHLFEQKYADLPAAEKAKRLSVEVLPKKLDEEVALEMVKGFGGVVTQLTPKQAEYIGVSVEGPFKPDTYRY
;
_entity_poly.pdbx_strand_id   A,B,C,D
#
# COMPACT_ATOMS: atom_id res chain seq x y z
N THR A 9 -8.97 29.48 -36.46
CA THR A 9 -8.32 30.22 -37.54
C THR A 9 -9.24 30.76 -38.65
N PRO A 10 -10.24 29.99 -39.12
CA PRO A 10 -11.06 30.44 -40.25
C PRO A 10 -11.53 31.88 -40.09
N ALA A 11 -11.55 32.61 -41.21
CA ALA A 11 -11.86 34.04 -41.16
C ALA A 11 -13.29 34.27 -40.69
N GLY A 12 -13.44 35.18 -39.74
CA GLY A 12 -14.76 35.58 -39.26
C GLY A 12 -15.50 34.51 -38.48
N PHE A 13 -14.81 33.50 -37.98
CA PHE A 13 -15.46 32.40 -37.27
C PHE A 13 -16.15 32.90 -35.99
N THR A 14 -17.47 32.66 -35.90
CA THR A 14 -18.24 33.02 -34.72
C THR A 14 -19.13 31.89 -34.24
N ASP A 15 -19.06 30.71 -34.86
CA ASP A 15 -19.97 29.60 -34.57
C ASP A 15 -19.49 28.81 -33.35
N TYR A 16 -19.49 29.49 -32.20
CA TYR A 16 -19.09 28.89 -30.94
C TYR A 16 -19.60 29.76 -29.79
N LYS A 17 -19.46 29.24 -28.57
CA LYS A 17 -19.68 30.05 -27.37
C LYS A 17 -18.83 29.46 -26.25
N VAL A 18 -17.83 30.21 -25.80
CA VAL A 18 -16.90 29.79 -24.76
C VAL A 18 -16.73 30.93 -23.74
N ALA A 19 -16.02 30.63 -22.66
CA ALA A 19 -15.87 31.63 -21.60
C ALA A 19 -14.92 32.74 -21.99
N ASP A 20 -13.80 32.41 -22.64
CA ASP A 20 -12.72 33.38 -22.79
C ASP A 20 -11.79 32.88 -23.90
N ILE A 21 -11.96 33.43 -25.11
CA ILE A 21 -11.15 33.00 -26.26
C ILE A 21 -9.66 33.27 -26.05
N THR A 22 -9.29 34.20 -25.15
CA THR A 22 -7.87 34.50 -24.97
C THR A 22 -7.10 33.36 -24.30
N LEU A 23 -7.80 32.38 -23.72
CA LEU A 23 -7.16 31.20 -23.16
C LEU A 23 -6.73 30.19 -24.22
N ALA A 24 -6.95 30.49 -25.51
CA ALA A 24 -6.75 29.49 -26.56
C ALA A 24 -5.29 29.06 -26.65
N ALA A 25 -4.35 30.01 -26.62
CA ALA A 25 -2.94 29.66 -26.74
C ALA A 25 -2.50 28.75 -25.60
N TRP A 26 -3.01 29.02 -24.39
CA TRP A 26 -2.73 28.14 -23.26
C TRP A 26 -3.32 26.75 -23.49
N GLY A 27 -4.56 26.71 -23.97
CA GLY A 27 -5.16 25.42 -24.30
C GLY A 27 -4.36 24.64 -25.32
N ARG A 28 -3.87 25.32 -26.36
CA ARG A 28 -3.09 24.65 -27.40
C ARG A 28 -1.80 24.07 -26.83
N ARG A 29 -1.12 24.82 -25.95
CA ARG A 29 0.06 24.29 -25.28
C ARG A 29 -0.27 23.00 -24.53
N GLU A 30 -1.40 22.98 -23.82
CA GLU A 30 -1.77 21.77 -23.10
C GLU A 30 -2.23 20.64 -24.02
N LEU A 31 -2.86 20.96 -25.15
CA LEU A 31 -3.21 19.92 -26.12
C LEU A 31 -1.95 19.25 -26.68
N ILE A 32 -0.90 20.03 -26.92
CA ILE A 32 0.33 19.48 -27.46
C ILE A 32 0.99 18.55 -26.44
N ILE A 33 0.97 18.92 -25.16
CA ILE A 33 1.43 18.02 -24.11
C ILE A 33 0.57 16.76 -24.07
N ALA A 34 -0.77 16.92 -24.12
CA ALA A 34 -1.65 15.76 -23.99
C ALA A 34 -1.43 14.77 -25.13
N GLU A 35 -1.13 15.27 -26.33
CA GLU A 35 -0.86 14.38 -27.45
C GLU A 35 0.27 13.41 -27.13
N SER A 36 1.29 13.88 -26.40
CA SER A 36 2.39 13.01 -26.02
C SER A 36 1.98 12.01 -24.94
N GLU A 37 0.85 12.24 -24.27
CA GLU A 37 0.35 11.33 -23.25
C GLU A 37 -0.71 10.38 -23.77
N MET A 38 -1.08 10.47 -25.04
CA MET A 38 -2.19 9.70 -25.58
C MET A 38 -1.74 8.93 -26.82
N PRO A 39 -0.87 7.92 -26.63
CA PRO A 39 -0.31 7.23 -27.82
C PRO A 39 -1.31 6.37 -28.57
N ALA A 40 -2.32 5.80 -27.91
CA ALA A 40 -3.30 5.03 -28.67
C ALA A 40 -4.12 5.94 -29.58
N LEU A 41 -4.57 7.08 -29.04
CA LEU A 41 -5.33 8.03 -29.84
C LEU A 41 -4.45 8.61 -30.96
N MET A 42 -3.23 9.04 -30.60
N MET A 42 -3.23 9.02 -30.63
CA MET A 42 -2.29 9.54 -31.61
CA MET A 42 -2.36 9.56 -31.68
C MET A 42 -2.00 8.48 -32.66
C MET A 42 -1.91 8.49 -32.66
N GLY A 43 -1.83 7.23 -32.23
CA GLY A 43 -1.54 6.16 -33.17
C GLY A 43 -2.64 6.00 -34.20
N LEU A 44 -3.89 6.14 -33.77
CA LEU A 44 -5.00 6.06 -34.72
C LEU A 44 -4.96 7.24 -35.69
N ARG A 45 -4.59 8.42 -35.19
CA ARG A 45 -4.40 9.57 -36.08
C ARG A 45 -3.38 9.27 -37.16
N ARG A 46 -2.22 8.73 -36.76
CA ARG A 46 -1.18 8.44 -37.75
C ARG A 46 -1.59 7.33 -38.69
N LYS A 47 -2.26 6.30 -38.17
CA LYS A 47 -2.56 5.13 -39.00
C LYS A 47 -3.64 5.44 -40.03
N TYR A 48 -4.64 6.24 -39.66
CA TYR A 48 -5.83 6.43 -40.47
C TYR A 48 -5.93 7.79 -41.16
N ALA A 49 -4.99 8.71 -40.91
CA ALA A 49 -5.10 10.04 -41.49
C ALA A 49 -5.20 9.99 -43.01
N GLY A 50 -4.39 9.14 -43.65
CA GLY A 50 -4.39 9.09 -45.10
C GLY A 50 -5.65 8.46 -45.67
N GLN A 51 -6.17 7.43 -45.00
CA GLN A 51 -7.38 6.77 -45.47
C GLN A 51 -8.61 7.67 -45.35
N GLN A 52 -8.58 8.65 -44.44
CA GLN A 52 -9.73 9.51 -44.15
C GLN A 52 -11.01 8.71 -43.91
N PRO A 53 -11.02 7.80 -42.93
CA PRO A 53 -12.19 6.93 -42.76
C PRO A 53 -13.45 7.67 -42.34
N LEU A 54 -13.33 8.90 -41.83
CA LEU A 54 -14.47 9.67 -41.37
C LEU A 54 -14.82 10.82 -42.31
N LYS A 55 -14.21 10.87 -43.50
CA LYS A 55 -14.60 11.86 -44.49
C LYS A 55 -16.10 11.77 -44.76
N GLY A 56 -16.80 12.88 -44.56
CA GLY A 56 -18.24 12.92 -44.71
C GLY A 56 -19.01 12.72 -43.44
N ALA A 57 -18.35 12.28 -42.36
CA ALA A 57 -19.01 12.15 -41.08
C ALA A 57 -19.27 13.53 -40.48
N LYS A 58 -20.47 13.70 -39.94
CA LYS A 58 -20.87 14.95 -39.28
C LYS A 58 -21.37 14.56 -37.90
N ILE A 59 -20.51 14.76 -36.90
CA ILE A 59 -20.67 14.20 -35.57
C ILE A 59 -21.20 15.25 -34.63
N LEU A 60 -22.32 14.95 -33.97
CA LEU A 60 -22.76 15.67 -32.79
C LEU A 60 -22.07 15.04 -31.58
N GLY A 61 -21.32 15.84 -30.84
CA GLY A 61 -20.62 15.32 -29.68
C GLY A 61 -21.02 16.02 -28.39
N CYS A 62 -21.25 15.25 -27.32
CA CYS A 62 -21.63 15.79 -26.02
C CYS A 62 -20.83 15.04 -24.96
N ILE A 63 -19.68 15.60 -24.57
CA ILE A 63 -18.86 15.03 -23.53
C ILE A 63 -17.97 16.13 -22.96
N HIS A 64 -17.74 16.08 -21.65
CA HIS A 64 -16.89 17.00 -20.89
C HIS A 64 -15.83 17.66 -21.75
N MET A 65 -15.87 18.99 -21.86
CA MET A 65 -14.98 19.74 -22.77
C MET A 65 -13.64 20.02 -22.07
N THR A 66 -12.90 18.93 -21.88
CA THR A 66 -11.57 18.95 -21.29
C THR A 66 -10.51 18.96 -22.37
N ILE A 67 -9.26 19.12 -21.92
CA ILE A 67 -8.11 18.96 -22.81
C ILE A 67 -8.13 17.57 -23.46
N GLN A 68 -8.51 16.54 -22.70
CA GLN A 68 -8.54 15.19 -23.24
C GLN A 68 -9.58 15.06 -24.34
N THR A 69 -10.76 15.63 -24.13
CA THR A 69 -11.76 15.65 -25.18
C THR A 69 -11.27 16.43 -26.39
N GLY A 70 -10.49 17.49 -26.17
CA GLY A 70 -9.91 18.22 -27.29
C GLY A 70 -9.05 17.35 -28.20
N VAL A 71 -8.23 16.48 -27.61
CA VAL A 71 -7.42 15.58 -28.43
C VAL A 71 -8.31 14.60 -29.20
N LEU A 72 -9.39 14.13 -28.57
CA LEU A 72 -10.36 13.27 -29.24
C LEU A 72 -11.02 13.99 -30.42
N ILE A 73 -11.48 15.22 -30.18
CA ILE A 73 -12.13 16.02 -31.23
C ILE A 73 -11.19 16.20 -32.42
N GLU A 74 -9.93 16.55 -32.16
CA GLU A 74 -9.02 16.83 -33.27
C GLU A 74 -8.57 15.57 -33.98
N THR A 75 -8.68 14.41 -33.32
CA THR A 75 -8.46 13.14 -33.99
C THR A 75 -9.58 12.83 -34.96
N LEU A 76 -10.83 12.96 -34.51
CA LEU A 76 -11.97 12.76 -35.41
C LEU A 76 -11.88 13.69 -36.62
N VAL A 77 -11.53 14.95 -36.40
CA VAL A 77 -11.39 15.92 -37.49
C VAL A 77 -10.24 15.52 -38.41
N ALA A 78 -9.12 15.06 -37.84
CA ALA A 78 -7.97 14.66 -38.65
C ALA A 78 -8.28 13.44 -39.50
N LEU A 79 -9.27 12.65 -39.13
CA LEU A 79 -9.70 11.51 -39.91
C LEU A 79 -10.83 11.86 -40.87
N GLY A 80 -11.20 13.13 -40.97
CA GLY A 80 -12.14 13.58 -41.99
C GLY A 80 -13.46 14.11 -41.47
N ALA A 81 -13.76 14.02 -40.18
CA ALA A 81 -15.08 14.39 -39.69
C ALA A 81 -15.21 15.90 -39.51
N GLU A 82 -16.44 16.39 -39.64
CA GLU A 82 -16.87 17.66 -39.05
C GLU A 82 -17.62 17.35 -37.76
N VAL A 83 -17.49 18.23 -36.77
CA VAL A 83 -18.14 18.02 -35.48
C VAL A 83 -18.80 19.31 -35.02
N ARG A 84 -19.78 19.16 -34.12
CA ARG A 84 -20.35 20.26 -33.35
C ARG A 84 -20.49 19.77 -31.92
N TRP A 85 -19.92 20.51 -30.95
CA TRP A 85 -19.60 19.96 -29.64
C TRP A 85 -20.20 20.76 -28.49
N SER A 86 -20.55 20.04 -27.42
CA SER A 86 -20.94 20.62 -26.14
C SER A 86 -20.41 19.73 -25.02
N SER A 87 -20.40 20.26 -23.79
CA SER A 87 -20.05 19.47 -22.62
C SER A 87 -21.27 18.73 -22.12
N CYS A 88 -21.04 17.61 -21.41
CA CYS A 88 -22.13 16.84 -20.80
C CYS A 88 -22.25 17.10 -19.30
N ASN A 89 -21.62 18.17 -18.79
CA ASN A 89 -21.77 18.55 -17.40
C ASN A 89 -21.50 20.05 -17.28
N ILE A 90 -22.26 20.70 -16.39
CA ILE A 90 -22.15 22.15 -16.30
C ILE A 90 -20.82 22.62 -15.72
N PHE A 91 -20.09 21.75 -15.01
CA PHE A 91 -18.87 22.17 -14.31
C PHE A 91 -17.61 21.52 -14.86
N SER A 92 -17.72 20.65 -15.87
CA SER A 92 -16.59 19.83 -16.25
C SER A 92 -15.71 20.44 -17.35
N THR A 93 -16.16 21.48 -18.03
CA THR A 93 -15.35 22.09 -19.08
C THR A 93 -14.08 22.70 -18.48
N GLN A 94 -12.97 22.53 -19.19
CA GLN A 94 -11.79 23.34 -18.97
C GLN A 94 -11.83 24.48 -19.99
N ASP A 95 -11.92 25.71 -19.50
CA ASP A 95 -12.18 26.83 -20.42
C ASP A 95 -11.06 27.01 -21.43
N GLN A 96 -9.82 26.65 -21.07
CA GLN A 96 -8.74 26.80 -22.05
C GLN A 96 -8.83 25.72 -23.13
N ALA A 97 -9.40 24.55 -22.80
CA ALA A 97 -9.65 23.53 -23.82
C ALA A 97 -10.70 24.00 -24.81
N ALA A 98 -11.83 24.48 -24.30
CA ALA A 98 -12.88 25.00 -25.16
C ALA A 98 -12.37 26.13 -26.04
N ALA A 99 -11.55 27.02 -25.48
CA ALA A 99 -11.07 28.14 -26.28
C ALA A 99 -10.16 27.67 -27.42
N ALA A 100 -9.30 26.69 -27.15
CA ALA A 100 -8.39 26.22 -28.19
C ALA A 100 -9.14 25.51 -29.31
N ILE A 101 -10.22 24.80 -28.97
CA ILE A 101 -11.02 24.14 -29.99
C ILE A 101 -11.78 25.16 -30.82
N ALA A 102 -12.39 26.15 -30.17
CA ALA A 102 -13.06 27.22 -30.90
C ALA A 102 -12.08 27.97 -31.78
N ALA A 103 -10.88 28.28 -31.27
CA ALA A 103 -9.90 29.00 -32.06
C ALA A 103 -9.40 28.20 -33.26
N ALA A 104 -9.61 26.89 -33.25
CA ALA A 104 -9.26 26.03 -34.38
C ALA A 104 -10.35 25.97 -35.43
N GLY A 105 -11.45 26.70 -35.26
CA GLY A 105 -12.53 26.68 -36.24
C GLY A 105 -13.53 25.55 -36.03
N ILE A 106 -13.62 25.01 -34.83
CA ILE A 106 -14.50 23.88 -34.53
C ILE A 106 -15.64 24.40 -33.67
N PRO A 107 -16.90 24.25 -34.10
CA PRO A 107 -18.03 24.74 -33.27
C PRO A 107 -18.10 24.02 -31.93
N VAL A 108 -17.99 24.80 -30.86
CA VAL A 108 -18.05 24.26 -29.51
C VAL A 108 -18.82 25.25 -28.63
N PHE A 109 -19.68 24.72 -27.76
CA PHE A 109 -20.55 25.52 -26.90
C PHE A 109 -20.43 24.95 -25.50
N ALA A 110 -19.54 25.54 -24.70
CA ALA A 110 -19.18 24.94 -23.42
C ALA A 110 -18.38 25.94 -22.61
N TRP A 111 -18.69 26.02 -21.31
CA TRP A 111 -17.83 26.73 -20.37
C TRP A 111 -18.05 26.17 -18.98
N LYS A 112 -17.07 26.39 -18.10
CA LYS A 112 -17.18 25.95 -16.73
C LYS A 112 -18.16 26.83 -15.96
N GLY A 113 -19.15 26.20 -15.33
CA GLY A 113 -20.10 26.95 -14.54
C GLY A 113 -21.34 27.41 -15.29
N GLU A 114 -21.80 26.56 -16.21
CA GLU A 114 -23.06 26.81 -16.89
C GLU A 114 -24.22 26.72 -15.91
N THR A 115 -25.30 27.46 -16.20
CA THR A 115 -26.57 27.18 -15.57
C THR A 115 -27.24 26.01 -16.30
N GLU A 116 -28.27 25.42 -15.68
CA GLU A 116 -28.98 24.33 -16.34
C GLU A 116 -29.59 24.78 -17.67
N GLU A 117 -30.10 26.02 -17.70
CA GLU A 117 -30.65 26.57 -18.94
C GLU A 117 -29.57 26.68 -20.01
N GLU A 118 -28.41 27.22 -19.64
CA GLU A 118 -27.30 27.35 -20.58
C GLU A 118 -26.82 25.99 -21.06
N TYR A 119 -26.78 24.99 -20.17
CA TYR A 119 -26.40 23.63 -20.55
C TYR A 119 -27.28 23.11 -21.67
N GLU A 120 -28.60 23.23 -21.51
CA GLU A 120 -29.52 22.78 -22.55
C GLU A 120 -29.33 23.58 -23.83
N TRP A 121 -29.15 24.90 -23.70
CA TRP A 121 -28.95 25.75 -24.86
C TRP A 121 -27.70 25.34 -25.64
N CYS A 122 -26.64 24.94 -24.92
CA CYS A 122 -25.41 24.53 -25.59
C CYS A 122 -25.61 23.28 -26.44
N ILE A 123 -26.31 22.28 -25.92
CA ILE A 123 -26.58 21.10 -26.73
C ILE A 123 -27.37 21.49 -27.97
N GLU A 124 -28.35 22.38 -27.82
CA GLU A 124 -29.18 22.77 -28.96
C GLU A 124 -28.38 23.54 -30.01
N GLN A 125 -27.35 24.26 -29.58
CA GLN A 125 -26.47 24.95 -30.52
C GLN A 125 -25.65 23.96 -31.34
N THR A 126 -25.39 22.75 -30.82
CA THR A 126 -24.75 21.76 -31.67
C THR A 126 -25.77 21.16 -32.64
N ILE A 127 -26.99 20.93 -32.15
CA ILE A 127 -28.04 20.32 -32.96
C ILE A 127 -28.46 21.23 -34.10
N LEU A 128 -28.52 22.53 -33.85
CA LEU A 128 -28.92 23.51 -34.85
C LEU A 128 -27.71 24.18 -35.48
N LYS A 129 -27.84 24.52 -36.76
CA LYS A 129 -26.87 25.39 -37.42
C LYS A 129 -27.63 26.41 -38.24
N ASP A 130 -27.44 27.69 -37.91
CA ASP A 130 -28.15 28.78 -38.58
C ASP A 130 -29.66 28.64 -38.43
N GLY A 131 -30.09 28.18 -37.25
CA GLY A 131 -31.49 28.10 -36.92
C GLY A 131 -32.22 26.86 -37.41
N GLN A 132 -31.53 25.95 -38.07
CA GLN A 132 -32.12 24.74 -38.63
C GLN A 132 -31.30 23.53 -38.20
N PRO A 133 -31.92 22.35 -38.17
CA PRO A 133 -31.15 21.15 -37.84
C PRO A 133 -29.94 20.99 -38.76
N TRP A 134 -28.79 20.79 -38.13
CA TRP A 134 -27.59 20.40 -38.86
C TRP A 134 -27.82 19.03 -39.50
N ASP A 135 -27.17 18.81 -40.65
CA ASP A 135 -27.24 17.50 -41.30
C ASP A 135 -26.27 16.51 -40.65
N ALA A 136 -26.44 16.33 -39.35
CA ALA A 136 -25.64 15.36 -38.60
C ALA A 136 -25.94 13.93 -39.05
N ASN A 137 -24.91 13.08 -39.02
CA ASN A 137 -25.10 11.66 -39.28
C ASN A 137 -24.41 10.75 -38.27
N MET A 138 -23.78 11.32 -37.24
CA MET A 138 -23.17 10.55 -36.17
C MET A 138 -23.38 11.26 -34.85
N VAL A 139 -23.41 10.48 -33.77
CA VAL A 139 -23.59 10.97 -32.41
C VAL A 139 -22.54 10.33 -31.51
N LEU A 140 -21.87 11.16 -30.70
CA LEU A 140 -20.97 10.71 -29.66
C LEU A 140 -21.44 11.31 -28.35
N ASP A 141 -21.76 10.47 -27.37
CA ASP A 141 -22.46 10.92 -26.16
C ASP A 141 -21.82 10.35 -24.91
N ASP A 142 -22.04 11.03 -23.79
CA ASP A 142 -21.47 10.68 -22.47
C ASP A 142 -22.56 10.93 -21.42
N GLY A 143 -23.35 9.89 -21.13
CA GLY A 143 -24.41 9.98 -20.15
C GLY A 143 -25.81 9.97 -20.75
N GLY A 144 -25.95 10.14 -22.06
CA GLY A 144 -27.22 9.99 -22.73
C GLY A 144 -28.04 11.25 -22.91
N ASP A 145 -27.57 12.42 -22.43
CA ASP A 145 -28.39 13.62 -22.49
C ASP A 145 -28.64 14.04 -23.94
N LEU A 146 -27.61 14.05 -24.77
CA LEU A 146 -27.78 14.38 -26.19
C LEU A 146 -28.63 13.34 -26.90
N THR A 147 -28.37 12.06 -26.62
CA THR A 147 -29.19 11.00 -27.17
C THR A 147 -30.67 11.22 -26.84
N GLU A 148 -30.95 11.63 -25.61
CA GLU A 148 -32.35 11.82 -25.19
C GLU A 148 -32.99 13.01 -25.88
N ILE A 149 -32.27 14.14 -25.97
CA ILE A 149 -32.83 15.31 -26.63
C ILE A 149 -33.17 15.01 -28.09
N LEU A 150 -32.29 14.31 -28.80
CA LEU A 150 -32.56 13.99 -30.20
C LEU A 150 -33.81 13.12 -30.33
N HIS A 151 -33.94 12.09 -29.47
CA HIS A 151 -35.11 11.22 -29.57
C HIS A 151 -36.38 11.98 -29.19
N LYS A 152 -36.30 12.83 -28.17
CA LYS A 152 -37.47 13.51 -27.62
C LYS A 152 -37.89 14.67 -28.51
N LYS A 153 -36.95 15.54 -28.88
CA LYS A 153 -37.25 16.84 -29.48
C LYS A 153 -36.95 16.91 -30.97
N TYR A 154 -36.01 16.14 -31.48
CA TYR A 154 -35.66 16.17 -32.90
C TYR A 154 -35.66 14.76 -33.50
N PRO A 155 -36.77 14.03 -33.37
CA PRO A 155 -36.77 12.64 -33.86
C PRO A 155 -36.48 12.50 -35.35
N GLN A 156 -36.83 13.51 -36.16
CA GLN A 156 -36.59 13.40 -37.59
C GLN A 156 -35.10 13.40 -37.93
N MET A 157 -34.28 14.10 -37.15
CA MET A 157 -32.84 14.07 -37.39
C MET A 157 -32.27 12.66 -37.28
N LEU A 158 -32.88 11.82 -36.43
CA LEU A 158 -32.40 10.47 -36.25
C LEU A 158 -32.55 9.61 -37.50
N GLU A 159 -33.37 10.06 -38.46
CA GLU A 159 -33.51 9.33 -39.72
C GLU A 159 -32.23 9.32 -40.54
N ARG A 160 -31.32 10.26 -40.29
CA ARG A 160 -30.10 10.39 -41.08
C ARG A 160 -28.85 9.97 -40.32
N ILE A 161 -28.99 9.48 -39.09
CA ILE A 161 -27.86 9.20 -38.21
C ILE A 161 -27.56 7.70 -38.24
N HIS A 162 -26.28 7.36 -38.44
CA HIS A 162 -25.86 5.97 -38.56
C HIS A 162 -25.60 5.29 -37.23
N GLY A 163 -25.27 6.02 -36.18
CA GLY A 163 -24.99 5.37 -34.92
C GLY A 163 -24.72 6.36 -33.81
N ILE A 164 -24.80 5.82 -32.59
CA ILE A 164 -24.43 6.50 -31.35
C ILE A 164 -23.30 5.72 -30.72
N THR A 165 -22.28 6.43 -30.24
CA THR A 165 -21.21 5.82 -29.45
C THR A 165 -21.24 6.43 -28.05
N GLU A 166 -21.69 5.64 -27.07
CA GLU A 166 -21.96 6.10 -25.71
C GLU A 166 -20.81 5.73 -24.78
N GLU A 167 -20.36 6.70 -23.99
CA GLU A 167 -19.11 6.63 -23.23
C GLU A 167 -19.22 5.94 -21.86
N THR A 168 -20.28 6.19 -21.11
CA THR A 168 -20.24 5.90 -19.67
C THR A 168 -21.37 4.98 -19.22
N THR A 169 -21.19 4.46 -18.00
CA THR A 169 -22.07 3.40 -17.49
C THR A 169 -23.54 3.83 -17.50
N THR A 170 -23.81 5.01 -16.93
CA THR A 170 -25.17 5.54 -16.86
C THR A 170 -25.79 5.68 -18.26
N GLY A 171 -25.00 6.15 -19.23
CA GLY A 171 -25.53 6.33 -20.57
C GLY A 171 -25.89 5.00 -21.23
N VAL A 172 -25.04 3.99 -21.06
CA VAL A 172 -25.34 2.67 -21.61
C VAL A 172 -26.65 2.13 -21.02
N HIS A 173 -26.83 2.32 -19.71
CA HIS A 173 -28.05 1.81 -19.08
C HIS A 173 -29.29 2.44 -19.70
N ARG A 174 -29.23 3.74 -20.00
CA ARG A 174 -30.35 4.41 -20.65
C ARG A 174 -30.60 3.85 -22.05
N LEU A 175 -29.52 3.56 -22.79
CA LEU A 175 -29.66 2.97 -24.12
C LEU A 175 -30.31 1.59 -24.05
N LEU A 176 -29.88 0.77 -23.10
CA LEU A 176 -30.44 -0.57 -22.96
C LEU A 176 -31.93 -0.49 -22.60
N ASP A 177 -32.30 0.49 -21.78
CA ASP A 177 -33.72 0.66 -21.45
CA ASP A 177 -33.72 0.65 -21.45
C ASP A 177 -34.53 1.03 -22.69
N MET A 178 -33.98 1.94 -23.52
CA MET A 178 -34.67 2.32 -24.75
C MET A 178 -34.77 1.13 -25.70
N LEU A 179 -33.70 0.36 -25.83
CA LEU A 179 -33.71 -0.80 -26.71
C LEU A 179 -34.79 -1.80 -26.29
N LYS A 180 -34.86 -2.09 -24.99
CA LYS A 180 -35.86 -3.05 -24.52
C LYS A 180 -37.27 -2.51 -24.67
N ASN A 181 -37.44 -1.19 -24.65
CA ASN A 181 -38.74 -0.56 -24.81
C ASN A 181 -39.09 -0.26 -26.26
N GLY A 182 -38.20 -0.58 -27.21
CA GLY A 182 -38.44 -0.30 -28.61
C GLY A 182 -38.40 1.15 -29.01
N THR A 183 -37.78 2.01 -28.21
CA THR A 183 -37.73 3.45 -28.50
C THR A 183 -36.38 3.92 -29.03
N LEU A 184 -35.37 3.07 -29.04
CA LEU A 184 -34.10 3.43 -29.66
C LEU A 184 -34.24 3.39 -31.18
N LYS A 185 -33.76 4.45 -31.85
CA LYS A 185 -33.95 4.61 -33.29
C LYS A 185 -32.72 4.35 -34.12
N VAL A 186 -31.53 4.29 -33.53
CA VAL A 186 -30.30 4.01 -34.27
C VAL A 186 -29.44 3.06 -33.47
N PRO A 187 -28.60 2.29 -34.15
CA PRO A 187 -27.69 1.38 -33.44
C PRO A 187 -26.65 2.14 -32.65
N ALA A 188 -26.06 1.44 -31.69
CA ALA A 188 -25.12 2.07 -30.77
C ALA A 188 -24.00 1.09 -30.43
N ILE A 189 -22.87 1.65 -30.06
CA ILE A 189 -21.75 0.88 -29.52
C ILE A 189 -21.53 1.32 -28.07
N ASN A 190 -21.60 0.34 -27.17
CA ASN A 190 -21.26 0.52 -25.76
C ASN A 190 -19.75 0.60 -25.64
N VAL A 191 -19.23 1.84 -25.60
CA VAL A 191 -17.79 2.04 -25.45
C VAL A 191 -17.36 1.77 -24.02
N ASN A 192 -18.27 1.96 -23.05
CA ASN A 192 -17.90 1.80 -21.64
C ASN A 192 -17.33 0.41 -21.37
N ASP A 193 -17.89 -0.64 -21.97
CA ASP A 193 -17.56 -2.00 -21.58
C ASP A 193 -16.40 -2.63 -22.37
N SER A 194 -15.66 -1.86 -23.17
CA SER A 194 -14.31 -2.29 -23.49
C SER A 194 -13.52 -2.37 -22.19
N VAL A 195 -12.61 -3.34 -22.09
CA VAL A 195 -11.82 -3.41 -20.87
C VAL A 195 -10.90 -2.20 -20.76
N THR A 196 -10.35 -1.75 -21.89
CA THR A 196 -9.49 -0.55 -21.88
C THR A 196 -10.27 0.72 -21.63
N LYS A 197 -11.59 0.65 -21.53
CA LYS A 197 -12.35 1.78 -21.02
C LYS A 197 -12.76 1.52 -19.58
N SER A 198 -13.71 0.59 -19.39
CA SER A 198 -14.28 0.35 -18.06
C SER A 198 -13.20 0.15 -16.99
N LYS A 199 -12.28 -0.78 -17.22
CA LYS A 199 -11.29 -1.17 -16.21
CA LYS A 199 -11.30 -1.15 -16.19
C LYS A 199 -10.02 -0.35 -16.30
N ASN A 200 -10.12 0.89 -16.78
CA ASN A 200 -9.00 1.78 -16.92
C ASN A 200 -9.50 3.16 -16.54
N ASP A 201 -10.39 3.69 -17.36
CA ASP A 201 -11.11 4.92 -17.08
C ASP A 201 -11.88 4.86 -15.75
N ASN A 202 -12.89 3.97 -15.66
CA ASN A 202 -13.83 4.06 -14.54
C ASN A 202 -13.13 3.82 -13.20
N LYS A 203 -12.18 2.90 -13.17
CA LYS A 203 -11.47 2.56 -11.92
C LYS A 203 -10.26 3.46 -11.74
N TYR A 204 -9.24 3.30 -12.60
CA TYR A 204 -7.97 4.00 -12.39
C TYR A 204 -8.13 5.50 -12.56
N GLY A 205 -9.04 5.93 -13.44
CA GLY A 205 -9.29 7.36 -13.56
C GLY A 205 -9.71 7.98 -12.24
N CYS A 206 -10.65 7.35 -11.54
CA CYS A 206 -11.13 7.90 -10.27
C CYS A 206 -10.07 7.78 -9.18
N ARG A 207 -9.25 6.74 -9.24
CA ARG A 207 -8.11 6.66 -8.33
C ARG A 207 -7.23 7.90 -8.45
N HIS A 208 -6.96 8.33 -9.68
CA HIS A 208 -6.12 9.50 -9.88
C HIS A 208 -6.82 10.78 -9.44
N SER A 209 -8.09 10.95 -9.78
CA SER A 209 -8.70 12.27 -9.74
C SER A 209 -9.62 12.54 -8.55
N LEU A 210 -10.01 11.52 -7.77
CA LEU A 210 -10.87 11.81 -6.64
C LEU A 210 -10.10 12.57 -5.55
N ASN A 211 -8.97 12.02 -5.09
CA ASN A 211 -8.21 12.75 -4.06
CA ASN A 211 -8.22 12.75 -4.06
C ASN A 211 -7.68 14.07 -4.60
N ASP A 212 -7.40 14.13 -5.91
CA ASP A 212 -6.98 15.38 -6.57
C ASP A 212 -8.03 16.48 -6.36
N ALA A 213 -9.29 16.15 -6.64
CA ALA A 213 -10.38 17.12 -6.54
C ALA A 213 -10.65 17.51 -5.09
N ILE A 214 -10.56 16.56 -4.16
CA ILE A 214 -10.79 16.90 -2.76
C ILE A 214 -9.69 17.84 -2.27
N LYS A 215 -8.44 17.58 -2.66
CA LYS A 215 -7.34 18.45 -2.26
C LYS A 215 -7.51 19.85 -2.84
N ARG A 216 -7.89 19.95 -4.12
CA ARG A 216 -8.01 21.28 -4.72
C ARG A 216 -9.16 22.07 -4.09
N GLY A 217 -10.25 21.39 -3.78
CA GLY A 217 -11.40 22.08 -3.22
C GLY A 217 -11.23 22.49 -1.77
N THR A 218 -10.63 21.63 -0.96
CA THR A 218 -10.58 21.85 0.49
C THR A 218 -9.19 21.98 1.06
N ASP A 219 -8.18 21.43 0.38
CA ASP A 219 -6.82 21.30 0.92
C ASP A 219 -6.81 20.60 2.29
N HIS A 220 -7.81 19.74 2.53
CA HIS A 220 -7.84 18.97 3.77
C HIS A 220 -6.80 17.85 3.76
N LEU A 221 -6.09 17.71 4.88
CA LEU A 221 -5.40 16.45 5.13
C LEU A 221 -6.40 15.29 5.08
N LEU A 222 -6.06 14.25 4.34
CA LEU A 222 -6.90 13.05 4.29
C LEU A 222 -6.41 11.95 5.20
N SER A 223 -5.08 11.82 5.37
CA SER A 223 -4.51 10.77 6.21
C SER A 223 -5.11 10.79 7.60
N GLY A 224 -5.51 9.61 8.10
CA GLY A 224 -6.00 9.48 9.46
C GLY A 224 -7.47 9.82 9.65
N LYS A 225 -8.14 10.32 8.63
CA LYS A 225 -9.55 10.67 8.72
CA LYS A 225 -9.55 10.68 8.69
C LYS A 225 -10.42 9.53 8.19
N GLN A 226 -11.72 9.60 8.49
CA GLN A 226 -12.67 8.52 8.20
C GLN A 226 -13.49 8.85 6.97
N ALA A 227 -13.52 7.92 6.01
CA ALA A 227 -14.30 8.10 4.81
C ALA A 227 -15.34 7.01 4.71
N LEU A 228 -16.49 7.34 4.11
CA LEU A 228 -17.48 6.35 3.70
C LEU A 228 -17.66 6.47 2.19
N VAL A 229 -17.32 5.40 1.46
CA VAL A 229 -17.56 5.33 0.02
C VAL A 229 -18.83 4.52 -0.19
N ILE A 230 -19.83 5.13 -0.83
CA ILE A 230 -21.08 4.45 -1.16
C ILE A 230 -20.90 3.86 -2.55
N GLY A 231 -20.84 2.54 -2.61
CA GLY A 231 -20.66 1.88 -3.90
C GLY A 231 -19.26 1.30 -4.02
N TYR A 232 -19.16 0.12 -4.65
CA TYR A 232 -17.89 -0.53 -4.88
C TYR A 232 -17.90 -1.25 -6.24
N GLY A 233 -18.49 -0.61 -7.24
CA GLY A 233 -18.30 -0.98 -8.63
C GLY A 233 -16.97 -0.44 -9.10
N ASP A 234 -16.85 -0.18 -10.39
CA ASP A 234 -15.55 0.25 -10.87
C ASP A 234 -15.16 1.61 -10.31
N VAL A 235 -16.11 2.56 -10.30
CA VAL A 235 -15.84 3.90 -9.75
C VAL A 235 -15.62 3.81 -8.24
N GLY A 236 -16.43 3.00 -7.56
CA GLY A 236 -16.26 2.84 -6.12
C GLY A 236 -14.94 2.20 -5.76
N LYS A 237 -14.50 1.22 -6.55
CA LYS A 237 -13.19 0.60 -6.33
C LYS A 237 -12.08 1.64 -6.46
N GLY A 238 -12.07 2.39 -7.56
CA GLY A 238 -11.02 3.38 -7.77
C GLY A 238 -11.07 4.49 -6.75
N SER A 239 -12.28 4.91 -6.37
CA SER A 239 -12.43 5.98 -5.38
C SER A 239 -11.92 5.54 -4.01
N SER A 240 -12.29 4.32 -3.60
CA SER A 240 -11.81 3.80 -2.32
C SER A 240 -10.28 3.73 -2.29
N GLN A 241 -9.67 3.34 -3.41
CA GLN A 241 -8.20 3.30 -3.47
C GLN A 241 -7.62 4.70 -3.41
N SER A 242 -8.24 5.66 -4.11
CA SER A 242 -7.78 7.05 -4.08
C SER A 242 -7.63 7.54 -2.65
N LEU A 243 -8.57 7.15 -1.80
CA LEU A 243 -8.62 7.63 -0.43
C LEU A 243 -7.75 6.79 0.48
N ARG A 244 -7.80 5.46 0.32
CA ARG A 244 -7.00 4.58 1.16
C ARG A 244 -5.50 4.79 0.94
N GLN A 245 -5.08 5.07 -0.30
CA GLN A 245 -3.66 5.27 -0.53
C GLN A 245 -3.13 6.54 0.12
N GLU A 246 -4.00 7.50 0.41
CA GLU A 246 -3.67 8.71 1.16
C GLU A 246 -3.66 8.47 2.66
N GLY A 247 -4.10 7.30 3.10
CA GLY A 247 -4.15 6.97 4.51
C GLY A 247 -5.50 7.19 5.17
N MET A 248 -6.56 7.41 4.41
CA MET A 248 -7.88 7.44 5.03
C MET A 248 -8.24 6.07 5.58
N ILE A 249 -9.04 6.07 6.64
CA ILE A 249 -9.71 4.85 7.10
C ILE A 249 -11.04 4.80 6.35
N VAL A 250 -11.14 3.89 5.38
CA VAL A 250 -12.24 3.86 4.42
C VAL A 250 -13.20 2.73 4.80
N LYS A 251 -14.48 3.09 4.94
CA LYS A 251 -15.57 2.12 5.02
C LYS A 251 -16.35 2.18 3.71
N VAL A 252 -16.93 1.03 3.34
CA VAL A 252 -17.56 0.87 2.02
C VAL A 252 -18.98 0.38 2.24
N ALA A 253 -19.95 0.99 1.54
CA ALA A 253 -21.32 0.49 1.51
C ALA A 253 -21.61 -0.11 0.14
N GLU A 254 -22.41 -1.17 0.12
CA GLU A 254 -22.80 -1.78 -1.15
C GLU A 254 -24.15 -2.45 -0.97
N VAL A 255 -24.89 -2.55 -2.08
CA VAL A 255 -26.05 -3.43 -2.13
C VAL A 255 -25.73 -4.75 -2.81
N ASP A 256 -24.61 -4.83 -3.54
CA ASP A 256 -24.27 -6.04 -4.29
C ASP A 256 -23.32 -6.87 -3.45
N PRO A 257 -23.72 -8.06 -2.99
CA PRO A 257 -22.84 -8.82 -2.08
C PRO A 257 -21.54 -9.25 -2.73
N ILE A 258 -21.48 -9.43 -4.06
CA ILE A 258 -20.20 -9.79 -4.69
C ILE A 258 -19.23 -8.61 -4.59
N CYS A 259 -19.70 -7.41 -4.94
CA CYS A 259 -18.86 -6.23 -4.78
C CYS A 259 -18.49 -6.01 -3.32
N ALA A 260 -19.41 -6.26 -2.38
CA ALA A 260 -19.09 -6.16 -0.97
C ALA A 260 -18.00 -7.17 -0.58
N MET A 261 -18.07 -8.38 -1.11
N MET A 261 -18.07 -8.38 -1.11
CA MET A 261 -17.03 -9.37 -0.84
CA MET A 261 -17.03 -9.37 -0.84
C MET A 261 -15.67 -8.88 -1.30
C MET A 261 -15.67 -8.88 -1.30
N GLN A 262 -15.60 -8.28 -2.49
CA GLN A 262 -14.33 -7.72 -2.96
C GLN A 262 -13.81 -6.65 -2.02
N ALA A 263 -14.69 -5.78 -1.53
CA ALA A 263 -14.26 -4.71 -0.62
C ALA A 263 -13.66 -5.28 0.67
N CYS A 264 -14.30 -6.31 1.23
CA CYS A 264 -13.73 -6.99 2.40
C CYS A 264 -12.34 -7.54 2.08
N MET A 265 -12.23 -8.30 0.99
CA MET A 265 -10.93 -8.89 0.65
C MET A 265 -9.90 -7.83 0.31
N ASP A 266 -10.32 -6.66 -0.14
CA ASP A 266 -9.43 -5.55 -0.42
C ASP A 266 -9.02 -4.80 0.85
N GLY A 267 -9.51 -5.19 2.01
CA GLY A 267 -9.12 -4.58 3.27
C GLY A 267 -10.01 -3.48 3.79
N PHE A 268 -11.26 -3.41 3.35
CA PHE A 268 -12.20 -2.41 3.82
C PHE A 268 -13.26 -3.04 4.71
N GLU A 269 -13.73 -2.25 5.67
CA GLU A 269 -14.89 -2.63 6.46
C GLU A 269 -16.16 -2.26 5.71
N VAL A 270 -17.09 -3.21 5.57
CA VAL A 270 -18.33 -2.97 4.83
C VAL A 270 -19.45 -2.66 5.82
N VAL A 271 -20.07 -1.49 5.65
CA VAL A 271 -21.05 -0.96 6.58
C VAL A 271 -22.21 -0.39 5.79
N SER A 272 -23.34 -0.23 6.48
CA SER A 272 -24.50 0.43 5.90
C SER A 272 -24.82 1.70 6.66
N PRO A 273 -25.24 2.77 5.97
CA PRO A 273 -25.76 3.95 6.68
C PRO A 273 -26.99 3.64 7.51
N TYR A 274 -27.69 2.53 7.22
CA TYR A 274 -28.92 2.17 7.90
C TYR A 274 -28.68 0.98 8.82
N LYS A 275 -29.30 1.01 9.99
CA LYS A 275 -29.21 -0.11 10.91
C LYS A 275 -29.70 -1.38 10.25
N ASN A 276 -28.86 -2.42 10.28
CA ASN A 276 -29.11 -3.71 9.65
C ASN A 276 -29.33 -3.59 8.15
N GLY A 277 -28.91 -2.47 7.56
CA GLY A 277 -29.05 -2.24 6.14
C GLY A 277 -30.45 -1.90 5.66
N ILE A 278 -31.39 -1.64 6.55
CA ILE A 278 -32.79 -1.45 6.17
C ILE A 278 -33.13 0.03 6.23
N ASN A 279 -33.49 0.60 5.09
CA ASN A 279 -33.92 2.00 5.03
C ASN A 279 -35.44 2.06 5.01
N ASP A 280 -36.04 2.39 6.16
CA ASP A 280 -37.48 2.60 6.23
C ASP A 280 -37.85 4.07 6.11
N GLY A 281 -36.91 4.91 5.68
CA GLY A 281 -37.16 6.32 5.49
C GLY A 281 -37.16 7.16 6.75
N THR A 282 -37.25 6.56 7.93
CA THR A 282 -37.30 7.31 9.17
C THR A 282 -35.90 7.62 9.69
N GLU A 283 -35.82 8.61 10.57
CA GLU A 283 -34.53 8.93 11.17
C GLU A 283 -34.04 7.81 12.08
N ALA A 284 -34.96 7.04 12.68
CA ALA A 284 -34.55 5.96 13.57
C ALA A 284 -33.78 4.86 12.86
N SER A 285 -33.92 4.71 11.55
CA SER A 285 -33.15 3.70 10.85
C SER A 285 -31.72 4.15 10.53
N ILE A 286 -31.39 5.42 10.71
CA ILE A 286 -30.03 5.89 10.43
C ILE A 286 -29.08 5.40 11.53
N ASP A 287 -27.94 4.85 11.13
CA ASP A 287 -26.88 4.54 12.08
C ASP A 287 -26.17 5.85 12.42
N ALA A 288 -26.71 6.59 13.40
CA ALA A 288 -26.17 7.90 13.74
C ALA A 288 -24.77 7.81 14.33
N ALA A 289 -24.46 6.75 15.09
CA ALA A 289 -23.13 6.60 15.64
C ALA A 289 -22.08 6.45 14.53
N LEU A 290 -22.38 5.65 13.51
CA LEU A 290 -21.49 5.54 12.36
C LEU A 290 -21.35 6.88 11.63
N LEU A 291 -22.48 7.49 11.25
CA LEU A 291 -22.40 8.70 10.45
C LEU A 291 -21.77 9.85 11.22
N GLY A 292 -21.95 9.90 12.54
CA GLY A 292 -21.35 10.95 13.34
C GLY A 292 -19.84 10.87 13.43
N LYS A 293 -19.23 9.84 12.87
CA LYS A 293 -17.78 9.66 12.88
C LYS A 293 -17.14 9.87 11.51
N ILE A 294 -17.94 10.08 10.47
CA ILE A 294 -17.45 10.12 9.10
C ILE A 294 -17.03 11.55 8.74
N ASP A 295 -15.80 11.69 8.24
CA ASP A 295 -15.29 12.99 7.80
C ASP A 295 -15.53 13.28 6.33
N LEU A 296 -15.85 12.26 5.52
CA LEU A 296 -15.94 12.41 4.08
C LEU A 296 -16.85 11.33 3.55
N ILE A 297 -17.88 11.71 2.79
CA ILE A 297 -18.72 10.74 2.10
C ILE A 297 -18.62 10.99 0.60
N VAL A 298 -18.46 9.90 -0.17
CA VAL A 298 -18.32 9.94 -1.62
C VAL A 298 -19.33 8.95 -2.19
N THR A 299 -20.20 9.40 -3.10
CA THR A 299 -21.18 8.53 -3.73
C THR A 299 -20.67 8.11 -5.11
N THR A 300 -20.80 6.82 -5.42
CA THR A 300 -20.21 6.29 -6.65
C THR A 300 -21.16 5.35 -7.41
N THR A 301 -22.47 5.47 -7.20
CA THR A 301 -23.36 4.34 -7.51
C THR A 301 -24.02 4.40 -8.89
N GLY A 302 -24.23 5.60 -9.44
CA GLY A 302 -25.14 5.72 -10.55
C GLY A 302 -26.60 5.53 -10.20
N ASN A 303 -26.92 5.49 -8.91
CA ASN A 303 -28.27 5.30 -8.39
C ASN A 303 -28.75 6.61 -7.79
N VAL A 304 -29.97 6.59 -7.25
CA VAL A 304 -30.64 7.81 -6.79
C VAL A 304 -30.72 7.81 -5.26
N ASN A 305 -30.36 8.95 -4.66
CA ASN A 305 -30.59 9.22 -3.25
C ASN A 305 -29.89 8.20 -2.36
N VAL A 306 -28.61 7.94 -2.65
CA VAL A 306 -27.83 7.04 -1.81
C VAL A 306 -27.14 7.77 -0.67
N CYS A 307 -27.12 9.10 -0.67
CA CYS A 307 -26.75 9.92 0.48
C CYS A 307 -27.95 10.83 0.71
N ASP A 308 -28.89 10.38 1.54
CA ASP A 308 -30.20 11.00 1.60
C ASP A 308 -30.26 12.06 2.72
N ALA A 309 -31.43 12.68 2.86
CA ALA A 309 -31.56 13.81 3.79
C ALA A 309 -31.23 13.39 5.22
N ASN A 310 -31.71 12.22 5.64
CA ASN A 310 -31.47 11.77 7.01
C ASN A 310 -30.00 11.45 7.26
N MET A 311 -29.31 10.94 6.24
CA MET A 311 -27.86 10.79 6.36
C MET A 311 -27.18 12.13 6.48
N LEU A 312 -27.62 13.11 5.69
CA LEU A 312 -26.99 14.42 5.73
C LEU A 312 -27.20 15.08 7.09
N LYS A 313 -28.33 14.81 7.72
CA LYS A 313 -28.59 15.38 9.03
C LYS A 313 -27.75 14.71 10.12
N ALA A 314 -27.40 13.44 9.92
CA ALA A 314 -26.64 12.67 10.90
C ALA A 314 -25.12 12.83 10.77
N LEU A 315 -24.63 13.36 9.65
CA LEU A 315 -23.19 13.39 9.41
C LEU A 315 -22.47 14.24 10.45
N LYS A 316 -21.23 13.84 10.76
CA LYS A 316 -20.34 14.60 11.62
C LYS A 316 -20.24 16.06 11.17
N LYS A 317 -20.18 16.98 12.14
CA LYS A 317 -19.98 18.39 11.82
C LYS A 317 -18.73 18.58 10.96
N ARG A 318 -18.86 19.40 9.91
CA ARG A 318 -17.80 19.80 9.00
C ARG A 318 -17.33 18.67 8.09
N ALA A 319 -18.10 17.59 7.96
CA ALA A 319 -17.77 16.56 6.98
C ALA A 319 -17.86 17.11 5.56
N VAL A 320 -17.09 16.51 4.67
CA VAL A 320 -17.14 16.82 3.24
C VAL A 320 -18.05 15.81 2.55
N VAL A 321 -18.89 16.31 1.66
CA VAL A 321 -19.85 15.51 0.90
C VAL A 321 -19.56 15.71 -0.57
N CYS A 322 -19.39 14.61 -1.32
CA CYS A 322 -19.23 14.78 -2.76
C CYS A 322 -19.74 13.54 -3.50
N ASN A 323 -19.89 13.74 -4.81
CA ASN A 323 -20.44 12.74 -5.70
C ASN A 323 -19.53 12.61 -6.90
N ILE A 324 -19.14 11.37 -7.22
CA ILE A 324 -18.35 11.12 -8.41
C ILE A 324 -19.09 10.20 -9.40
N GLY A 325 -20.36 9.89 -9.13
CA GLY A 325 -21.22 9.30 -10.15
C GLY A 325 -21.65 10.37 -11.16
N HIS A 326 -22.33 9.91 -12.22
CA HIS A 326 -22.55 10.80 -13.37
C HIS A 326 -23.50 11.95 -13.07
N PHE A 327 -24.54 11.72 -12.25
CA PHE A 327 -25.59 12.70 -12.03
C PHE A 327 -25.63 13.09 -10.56
N ASP A 328 -26.04 14.34 -10.30
CA ASP A 328 -25.98 14.89 -8.94
C ASP A 328 -27.05 14.34 -8.00
N ASN A 329 -28.08 13.67 -8.51
CA ASN A 329 -29.13 13.16 -7.62
C ASN A 329 -28.68 12.00 -6.73
N GLU A 330 -27.40 11.59 -6.76
CA GLU A 330 -26.93 10.60 -5.78
C GLU A 330 -27.04 11.14 -4.37
N ILE A 331 -26.88 12.46 -4.21
CA ILE A 331 -26.97 13.17 -2.94
C ILE A 331 -28.24 14.01 -2.98
N ASP A 332 -28.97 14.06 -1.87
CA ASP A 332 -30.18 14.89 -1.84
C ASP A 332 -29.77 16.35 -1.61
N THR A 333 -29.20 16.95 -2.67
CA THR A 333 -28.87 18.37 -2.56
C THR A 333 -30.13 19.24 -2.57
N ALA A 334 -31.23 18.75 -3.16
CA ALA A 334 -32.46 19.54 -3.15
C ALA A 334 -32.94 19.79 -1.72
N PHE A 335 -32.88 18.76 -0.87
CA PHE A 335 -33.22 18.96 0.53
C PHE A 335 -32.34 20.05 1.16
N MET A 336 -31.05 20.04 0.85
CA MET A 336 -30.16 21.03 1.43
C MET A 336 -30.46 22.43 0.91
N ARG A 337 -30.83 22.56 -0.37
CA ARG A 337 -31.21 23.86 -0.88
C ARG A 337 -32.48 24.37 -0.23
N LYS A 338 -33.39 23.46 0.11
CA LYS A 338 -34.66 23.85 0.71
C LYS A 338 -34.52 24.28 2.16
N ASN A 339 -33.61 23.66 2.91
CA ASN A 339 -33.63 23.77 4.37
C ASN A 339 -32.43 24.48 4.99
N TRP A 340 -31.29 24.55 4.31
CA TRP A 340 -30.06 25.00 4.92
C TRP A 340 -29.44 26.13 4.11
N ALA A 341 -28.65 26.97 4.79
CA ALA A 341 -28.06 28.17 4.20
C ALA A 341 -26.72 27.82 3.54
N TRP A 342 -26.54 28.25 2.30
CA TRP A 342 -25.33 27.94 1.54
C TRP A 342 -24.41 29.14 1.54
N GLU A 343 -23.15 28.91 1.93
CA GLU A 343 -22.12 29.94 1.94
C GLU A 343 -21.04 29.53 0.95
N GLU A 344 -20.90 30.27 -0.15
CA GLU A 344 -19.86 29.91 -1.12
C GLU A 344 -18.47 30.23 -0.54
N VAL A 345 -17.63 29.20 -0.44
CA VAL A 345 -16.22 29.43 -0.06
C VAL A 345 -15.43 29.96 -1.25
N LYS A 346 -15.54 29.25 -2.35
CA LYS A 346 -14.98 29.61 -3.65
C LYS A 346 -15.77 28.81 -4.68
N PRO A 347 -15.57 29.06 -5.97
CA PRO A 347 -16.34 28.30 -6.97
C PRO A 347 -16.31 26.80 -6.72
N GLN A 348 -17.48 26.17 -6.83
CA GLN A 348 -17.65 24.72 -6.64
C GLN A 348 -17.27 24.24 -5.24
N VAL A 349 -17.27 25.11 -4.23
CA VAL A 349 -17.08 24.71 -2.83
C VAL A 349 -18.07 25.50 -1.99
N HIS A 350 -19.00 24.82 -1.33
CA HIS A 350 -20.00 25.50 -0.51
C HIS A 350 -20.02 24.91 0.89
N LYS A 351 -20.06 25.79 1.89
CA LYS A 351 -20.41 25.39 3.24
C LYS A 351 -21.92 25.42 3.36
N ILE A 352 -22.50 24.34 3.90
CA ILE A 352 -23.94 24.24 4.00
C ILE A 352 -24.28 24.22 5.48
N HIS A 353 -24.88 25.30 5.96
CA HIS A 353 -25.05 25.54 7.38
C HIS A 353 -26.34 24.89 7.85
N ARG A 354 -26.24 23.90 8.72
CA ARG A 354 -27.39 23.11 9.15
C ARG A 354 -28.20 23.80 10.24
N THR A 355 -27.87 25.05 10.55
CA THR A 355 -28.57 25.85 11.55
C THR A 355 -29.89 26.42 11.04
N GLY A 356 -30.16 26.40 9.76
CA GLY A 356 -31.38 26.99 9.26
C GLY A 356 -31.21 27.47 7.83
N LYS A 357 -32.32 27.93 7.28
CA LYS A 357 -32.41 28.29 5.86
C LYS A 357 -32.01 29.73 5.60
N ASP A 358 -32.48 30.66 6.43
CA ASP A 358 -32.38 32.08 6.10
C ASP A 358 -30.95 32.59 6.18
N GLY A 359 -30.48 32.93 7.38
CA GLY A 359 -29.13 33.40 7.56
C GLY A 359 -28.18 32.29 7.97
N PHE A 360 -26.92 32.67 8.13
CA PHE A 360 -25.95 31.82 8.81
C PHE A 360 -24.97 32.71 9.57
N ASP A 361 -24.46 32.18 10.68
CA ASP A 361 -23.36 32.79 11.41
C ASP A 361 -22.05 32.49 10.68
N ALA A 362 -21.25 33.52 10.43
CA ALA A 362 -19.98 33.32 9.74
C ALA A 362 -19.05 32.36 10.49
N HIS A 363 -19.25 32.20 11.79
CA HIS A 363 -18.43 31.33 12.62
C HIS A 363 -19.19 30.11 13.12
N ASN A 364 -20.32 29.80 12.49
CA ASN A 364 -21.06 28.60 12.85
C ASN A 364 -20.18 27.38 12.63
N ASP A 365 -20.21 26.46 13.58
CA ASP A 365 -19.42 25.24 13.45
C ASP A 365 -20.21 24.08 12.84
N ASP A 366 -21.53 24.22 12.68
CA ASP A 366 -22.38 23.12 12.27
C ASP A 366 -22.71 23.29 10.79
N TYR A 367 -21.75 22.91 9.95
CA TYR A 367 -21.93 22.96 8.51
C TYR A 367 -21.33 21.71 7.91
N LEU A 368 -21.69 21.46 6.65
CA LEU A 368 -21.05 20.49 5.80
C LEU A 368 -20.40 21.21 4.63
N ILE A 369 -19.37 20.59 4.06
CA ILE A 369 -18.73 21.12 2.86
C ILE A 369 -19.15 20.26 1.68
N LEU A 370 -19.85 20.88 0.73
CA LEU A 370 -20.32 20.23 -0.49
C LEU A 370 -19.44 20.67 -1.65
N LEU A 371 -18.94 19.70 -2.43
CA LEU A 371 -18.09 19.99 -3.56
C LEU A 371 -18.89 19.90 -4.86
N ALA A 372 -18.60 20.82 -5.79
CA ALA A 372 -19.20 20.86 -7.13
C ALA A 372 -20.73 20.80 -7.10
N GLU A 373 -21.35 21.26 -6.00
CA GLU A 373 -22.80 21.24 -5.84
C GLU A 373 -23.37 19.84 -6.09
N GLY A 374 -22.57 18.82 -5.77
CA GLY A 374 -22.97 17.44 -5.94
C GLY A 374 -22.77 16.86 -7.32
N ARG A 375 -22.26 17.65 -8.28
CA ARG A 375 -21.94 17.14 -9.60
C ARG A 375 -20.58 16.43 -9.57
N LEU A 376 -20.29 15.66 -10.64
CA LEU A 376 -19.05 14.88 -10.74
C LEU A 376 -17.86 15.66 -10.17
N VAL A 377 -17.32 15.20 -9.03
CA VAL A 377 -16.39 16.04 -8.28
C VAL A 377 -15.02 16.07 -8.95
N ASN A 378 -14.63 14.99 -9.61
CA ASN A 378 -13.29 14.95 -10.19
C ASN A 378 -13.19 15.96 -11.33
N LEU A 379 -14.25 16.09 -12.12
CA LEU A 379 -14.28 17.08 -13.18
C LEU A 379 -14.66 18.47 -12.65
N GLY A 380 -15.45 18.54 -11.58
CA GLY A 380 -15.93 19.81 -11.10
C GLY A 380 -14.89 20.58 -10.31
N ASN A 381 -14.11 19.89 -9.48
CA ASN A 381 -13.12 20.53 -8.62
C ASN A 381 -11.68 20.27 -9.04
N ALA A 382 -11.46 19.44 -10.06
CA ALA A 382 -10.11 19.29 -10.61
C ALA A 382 -10.24 19.21 -12.12
N THR A 383 -9.53 18.29 -12.79
CA THR A 383 -9.57 18.22 -14.25
C THR A 383 -9.99 16.84 -14.74
N GLY A 384 -10.69 16.07 -13.91
CA GLY A 384 -11.06 14.71 -14.31
C GLY A 384 -9.84 13.80 -14.49
N HIS A 385 -10.05 12.74 -15.28
CA HIS A 385 -9.01 11.74 -15.48
C HIS A 385 -7.83 12.31 -16.27
N PRO A 386 -6.63 11.77 -16.07
CA PRO A 386 -5.47 12.25 -16.82
C PRO A 386 -5.48 11.76 -18.26
N SER A 387 -4.72 12.47 -19.11
CA SER A 387 -4.67 12.14 -20.53
C SER A 387 -4.31 10.68 -20.78
N ARG A 388 -3.33 10.13 -20.06
CA ARG A 388 -2.87 8.80 -20.43
C ARG A 388 -3.93 7.73 -20.14
N ILE A 389 -4.84 8.01 -19.21
CA ILE A 389 -5.97 7.13 -18.96
C ILE A 389 -7.07 7.35 -19.99
N MET A 390 -7.40 8.61 -20.27
CA MET A 390 -8.45 8.90 -21.24
C MET A 390 -8.06 8.43 -22.64
N ASP A 391 -6.76 8.22 -22.87
CA ASP A 391 -6.29 7.67 -24.14
C ASP A 391 -7.00 6.36 -24.48
N GLY A 392 -7.13 5.47 -23.49
CA GLY A 392 -7.83 4.21 -23.72
C GLY A 392 -9.28 4.43 -24.14
N SER A 393 -10.02 5.20 -23.33
CA SER A 393 -11.44 5.43 -23.62
C SER A 393 -11.62 6.03 -25.01
N PHE A 394 -10.83 7.04 -25.33
CA PHE A 394 -11.07 7.80 -26.54
C PHE A 394 -10.55 7.11 -27.79
N ALA A 395 -9.51 6.27 -27.67
CA ALA A 395 -9.20 5.37 -28.79
C ALA A 395 -10.39 4.50 -29.13
N ASN A 396 -11.04 3.94 -28.11
CA ASN A 396 -12.25 3.13 -28.35
C ASN A 396 -13.33 3.95 -29.02
N GLN A 397 -13.47 5.22 -28.62
CA GLN A 397 -14.47 6.11 -29.21
C GLN A 397 -14.24 6.31 -30.70
N VAL A 398 -12.98 6.53 -31.09
CA VAL A 398 -12.66 6.72 -32.50
C VAL A 398 -12.97 5.47 -33.30
N LEU A 399 -12.56 4.29 -32.80
CA LEU A 399 -12.81 3.05 -33.51
C LEU A 399 -14.31 2.77 -33.62
N ALA A 400 -15.06 3.10 -32.58
CA ALA A 400 -16.50 2.89 -32.61
C ALA A 400 -17.16 3.81 -33.63
N GLN A 401 -16.75 5.07 -33.65
CA GLN A 401 -17.25 6.00 -34.65
C GLN A 401 -16.95 5.53 -36.07
N ILE A 402 -15.71 5.11 -36.33
CA ILE A 402 -15.37 4.59 -37.65
C ILE A 402 -16.24 3.40 -38.01
N HIS A 403 -16.44 2.47 -37.07
CA HIS A 403 -17.19 1.27 -37.39
C HIS A 403 -18.63 1.61 -37.78
N LEU A 404 -19.32 2.42 -36.97
CA LEU A 404 -20.72 2.70 -37.26
C LEU A 404 -20.87 3.59 -38.49
N PHE A 405 -19.98 4.56 -38.66
CA PHE A 405 -20.06 5.44 -39.83
C PHE A 405 -19.87 4.64 -41.12
N GLU A 406 -18.94 3.68 -41.12
CA GLU A 406 -18.74 2.85 -42.30
C GLU A 406 -19.88 1.86 -42.52
N GLN A 407 -20.68 1.60 -41.49
CA GLN A 407 -21.80 0.68 -41.61
C GLN A 407 -23.00 1.31 -42.30
N LYS A 408 -23.20 2.62 -42.16
CA LYS A 408 -24.23 3.38 -42.88
C LYS A 408 -25.64 2.85 -42.59
N TYR A 409 -25.94 2.64 -41.31
CA TYR A 409 -27.25 2.14 -40.91
C TYR A 409 -28.39 2.97 -41.49
N ALA A 410 -28.21 4.29 -41.57
CA ALA A 410 -29.28 5.16 -42.05
C ALA A 410 -29.64 4.93 -43.51
N ASP A 411 -28.73 4.33 -44.30
CA ASP A 411 -28.98 4.10 -45.72
C ASP A 411 -29.52 2.71 -46.02
N LEU A 412 -29.87 1.95 -45.02
CA LEU A 412 -30.35 0.59 -45.25
C LEU A 412 -31.86 0.57 -45.41
N PRO A 413 -32.40 -0.43 -46.10
CA PRO A 413 -33.86 -0.57 -46.16
C PRO A 413 -34.41 -1.00 -44.81
N ALA A 414 -35.70 -0.70 -44.60
CA ALA A 414 -36.31 -0.87 -43.28
C ALA A 414 -36.11 -2.27 -42.73
N ALA A 415 -36.22 -3.30 -43.57
CA ALA A 415 -36.03 -4.66 -43.11
C ALA A 415 -34.62 -4.89 -42.58
N GLU A 416 -33.61 -4.47 -43.36
CA GLU A 416 -32.23 -4.63 -42.91
C GLU A 416 -31.96 -3.81 -41.65
N LYS A 417 -32.71 -2.74 -41.42
CA LYS A 417 -32.46 -1.91 -40.25
C LYS A 417 -32.83 -2.64 -38.97
N ALA A 418 -33.98 -3.33 -38.96
CA ALA A 418 -34.38 -4.07 -37.76
C ALA A 418 -33.35 -5.13 -37.38
N LYS A 419 -32.61 -5.66 -38.36
CA LYS A 419 -31.62 -6.69 -38.08
C LYS A 419 -30.42 -6.13 -37.33
N ARG A 420 -30.08 -4.86 -37.52
CA ARG A 420 -28.86 -4.27 -36.97
C ARG A 420 -29.12 -3.26 -35.87
N LEU A 421 -30.38 -3.01 -35.50
CA LEU A 421 -30.67 -2.14 -34.37
C LEU A 421 -30.24 -2.80 -33.07
N SER A 422 -29.01 -2.56 -32.64
CA SER A 422 -28.44 -3.24 -31.49
C SER A 422 -27.55 -2.30 -30.70
N VAL A 423 -27.23 -2.72 -29.48
CA VAL A 423 -26.18 -2.11 -28.68
C VAL A 423 -25.06 -3.14 -28.57
N GLU A 424 -23.89 -2.82 -29.12
CA GLU A 424 -22.78 -3.74 -29.26
C GLU A 424 -21.55 -3.20 -28.58
N VAL A 425 -20.63 -4.10 -28.25
CA VAL A 425 -19.30 -3.71 -27.82
C VAL A 425 -18.33 -3.96 -28.97
N LEU A 426 -17.15 -3.35 -28.86
CA LEU A 426 -16.09 -3.59 -29.82
C LEU A 426 -15.48 -4.97 -29.60
N PRO A 427 -15.01 -5.61 -30.68
CA PRO A 427 -14.42 -6.95 -30.51
C PRO A 427 -13.17 -6.91 -29.66
N LYS A 428 -12.88 -8.07 -29.04
CA LYS A 428 -11.79 -8.13 -28.07
C LYS A 428 -10.44 -7.86 -28.73
N LYS A 429 -10.29 -8.26 -30.00
CA LYS A 429 -9.04 -7.99 -30.71
C LYS A 429 -8.72 -6.50 -30.72
N LEU A 430 -9.73 -5.65 -30.97
CA LEU A 430 -9.48 -4.21 -30.97
C LEU A 430 -9.17 -3.70 -29.56
N ASP A 431 -9.90 -4.21 -28.56
CA ASP A 431 -9.62 -3.92 -27.16
C ASP A 431 -8.15 -4.19 -26.84
N GLU A 432 -7.64 -5.34 -27.29
CA GLU A 432 -6.24 -5.70 -27.06
C GLU A 432 -5.28 -4.76 -27.80
N GLU A 433 -5.62 -4.36 -29.02
CA GLU A 433 -4.73 -3.46 -29.75
C GLU A 433 -4.65 -2.09 -29.09
N VAL A 434 -5.76 -1.59 -28.54
CA VAL A 434 -5.70 -0.35 -27.76
C VAL A 434 -4.78 -0.54 -26.56
N ALA A 435 -4.96 -1.65 -25.83
CA ALA A 435 -4.18 -1.91 -24.63
C ALA A 435 -2.69 -1.98 -24.94
N LEU A 436 -2.33 -2.59 -26.07
CA LEU A 436 -0.92 -2.73 -26.44
C LEU A 436 -0.27 -1.38 -26.62
N GLU A 437 -0.97 -0.44 -27.27
CA GLU A 437 -0.42 0.89 -27.44
C GLU A 437 -0.28 1.59 -26.10
N MET A 438 -1.26 1.42 -25.20
CA MET A 438 -1.14 1.98 -23.86
C MET A 438 0.08 1.41 -23.14
N VAL A 439 0.28 0.09 -23.23
CA VAL A 439 1.44 -0.53 -22.57
C VAL A 439 2.73 0.02 -23.13
N LYS A 440 2.82 0.14 -24.46
CA LYS A 440 4.02 0.72 -25.06
C LYS A 440 4.27 2.15 -24.58
N GLY A 441 3.21 2.89 -24.24
CA GLY A 441 3.40 4.25 -23.76
C GLY A 441 4.06 4.30 -22.39
N PHE A 442 3.89 3.24 -21.59
CA PHE A 442 4.64 3.12 -20.35
C PHE A 442 6.05 2.55 -20.54
N GLY A 443 6.43 2.24 -21.78
CA GLY A 443 7.65 1.48 -22.02
C GLY A 443 7.55 0.01 -21.68
N GLY A 444 6.34 -0.52 -21.48
CA GLY A 444 6.20 -1.94 -21.21
C GLY A 444 6.48 -2.79 -22.44
N VAL A 445 6.97 -4.00 -22.20
CA VAL A 445 7.31 -4.94 -23.28
C VAL A 445 6.45 -6.19 -23.11
N VAL A 446 5.53 -6.40 -24.04
CA VAL A 446 4.68 -7.59 -24.05
C VAL A 446 5.45 -8.75 -24.68
N THR A 447 5.37 -9.92 -24.06
CA THR A 447 6.02 -11.11 -24.60
C THR A 447 5.16 -11.73 -25.69
N GLN A 448 5.83 -12.28 -26.72
CA GLN A 448 5.16 -12.98 -27.81
C GLN A 448 5.15 -14.48 -27.53
N LEU A 449 3.98 -15.09 -27.62
CA LEU A 449 3.86 -16.53 -27.48
C LEU A 449 4.64 -17.27 -28.57
N THR A 450 5.27 -18.38 -28.21
CA THR A 450 5.79 -19.27 -29.24
C THR A 450 4.61 -19.98 -29.88
N PRO A 451 4.79 -20.53 -31.08
CA PRO A 451 3.74 -21.40 -31.66
C PRO A 451 3.32 -22.52 -30.70
N LYS A 452 4.29 -23.22 -30.10
CA LYS A 452 3.93 -24.32 -29.20
C LYS A 452 3.13 -23.82 -28.01
N GLN A 453 3.49 -22.66 -27.48
CA GLN A 453 2.74 -22.13 -26.34
C GLN A 453 1.33 -21.72 -26.74
N ALA A 454 1.19 -21.07 -27.90
CA ALA A 454 -0.13 -20.65 -28.37
C ALA A 454 -1.02 -21.86 -28.61
N GLU A 455 -0.45 -22.92 -29.16
CA GLU A 455 -1.19 -24.17 -29.31
C GLU A 455 -1.58 -24.75 -27.96
N TYR A 456 -0.69 -24.64 -26.97
CA TYR A 456 -0.92 -25.28 -25.68
C TYR A 456 -2.15 -24.70 -24.98
N ILE A 457 -2.33 -23.37 -25.02
CA ILE A 457 -3.47 -22.72 -24.37
C ILE A 457 -4.60 -22.40 -25.33
N GLY A 458 -4.49 -22.81 -26.59
CA GLY A 458 -5.60 -22.69 -27.52
C GLY A 458 -5.88 -21.29 -28.04
N VAL A 459 -4.85 -20.47 -28.25
CA VAL A 459 -5.04 -19.14 -28.81
C VAL A 459 -4.12 -18.97 -30.01
N SER A 460 -4.41 -17.95 -30.82
CA SER A 460 -3.49 -17.54 -31.87
CA SER A 460 -3.49 -17.54 -31.87
C SER A 460 -2.38 -16.67 -31.27
N VAL A 461 -1.20 -16.73 -31.90
CA VAL A 461 -0.10 -15.93 -31.41
C VAL A 461 -0.45 -14.45 -31.42
N GLU A 462 -1.29 -14.02 -32.37
CA GLU A 462 -1.68 -12.62 -32.47
C GLU A 462 -2.88 -12.27 -31.60
N GLY A 463 -3.46 -13.23 -30.90
CA GLY A 463 -4.65 -12.99 -30.13
C GLY A 463 -5.91 -13.18 -30.95
N PRO A 464 -7.09 -13.01 -30.32
CA PRO A 464 -7.27 -12.65 -28.91
C PRO A 464 -6.83 -13.75 -27.95
N PHE A 465 -6.48 -13.33 -26.73
CA PHE A 465 -5.83 -14.20 -25.77
C PHE A 465 -6.78 -14.78 -24.74
N LYS A 466 -8.02 -14.27 -24.68
CA LYS A 466 -9.00 -14.64 -23.67
C LYS A 466 -10.35 -14.89 -24.33
N PRO A 467 -11.17 -15.77 -23.76
CA PRO A 467 -12.55 -15.90 -24.22
C PRO A 467 -13.35 -14.67 -23.86
N ASP A 468 -14.46 -14.46 -24.57
CA ASP A 468 -15.28 -13.28 -24.28
C ASP A 468 -15.86 -13.32 -22.87
N THR A 469 -15.91 -14.50 -22.24
CA THR A 469 -16.38 -14.61 -20.86
C THR A 469 -15.38 -14.06 -19.84
N TYR A 470 -14.14 -13.79 -20.22
CA TYR A 470 -13.11 -13.50 -19.23
C TYR A 470 -13.33 -12.13 -18.60
N ARG A 471 -13.11 -12.04 -17.28
CA ARG A 471 -13.46 -10.83 -16.53
C ARG A 471 -12.26 -9.95 -16.18
N TYR A 472 -11.04 -10.44 -16.35
CA TYR A 472 -9.83 -9.69 -15.99
C TYR A 472 -9.87 -9.26 -14.52
N GLY B 12 -7.81 53.51 7.33
CA GLY B 12 -6.76 54.00 6.44
C GLY B 12 -5.43 53.28 6.62
N PHE B 13 -5.49 51.98 6.91
CA PHE B 13 -4.28 51.18 7.08
C PHE B 13 -3.62 50.98 5.72
N THR B 14 -2.35 51.40 5.61
CA THR B 14 -1.60 51.31 4.37
C THR B 14 -0.26 50.58 4.50
N ASP B 15 0.05 50.03 5.67
CA ASP B 15 1.39 49.52 5.96
C ASP B 15 1.49 48.05 5.53
N TYR B 16 1.38 47.83 4.22
CA TYR B 16 1.36 46.47 3.68
C TYR B 16 1.55 46.57 2.17
N LYS B 17 1.84 45.42 1.55
CA LYS B 17 1.78 45.32 0.10
C LYS B 17 1.42 43.90 -0.28
N VAL B 18 0.27 43.74 -0.93
CA VAL B 18 -0.23 42.44 -1.32
C VAL B 18 -0.71 42.54 -2.77
N ALA B 19 -0.99 41.38 -3.37
CA ALA B 19 -1.36 41.37 -4.79
C ALA B 19 -2.71 42.05 -5.03
N ASP B 20 -3.68 41.82 -4.14
CA ASP B 20 -5.04 42.26 -4.38
C ASP B 20 -5.78 42.21 -3.06
N ILE B 21 -6.02 43.38 -2.45
CA ILE B 21 -6.68 43.42 -1.15
C ILE B 21 -8.12 42.92 -1.22
N THR B 22 -8.74 42.95 -2.40
CA THR B 22 -10.14 42.51 -2.51
C THR B 22 -10.29 41.01 -2.34
N LEU B 23 -9.20 40.28 -2.27
CA LEU B 23 -9.25 38.84 -1.98
C LEU B 23 -9.42 38.56 -0.50
N ALA B 24 -9.55 39.60 0.34
CA ALA B 24 -9.51 39.41 1.78
C ALA B 24 -10.70 38.57 2.28
N ALA B 25 -11.90 38.83 1.77
CA ALA B 25 -13.06 38.10 2.28
C ALA B 25 -12.91 36.61 2.00
N TRP B 26 -12.40 36.26 0.82
CA TRP B 26 -12.13 34.87 0.49
C TRP B 26 -11.08 34.28 1.42
N GLY B 27 -9.97 34.98 1.61
CA GLY B 27 -8.98 34.52 2.58
C GLY B 27 -9.57 34.28 3.97
N ARG B 28 -10.47 35.17 4.41
CA ARG B 28 -11.05 35.03 5.74
C ARG B 28 -11.92 33.77 5.82
N ARG B 29 -12.69 33.49 4.77
CA ARG B 29 -13.45 32.24 4.73
C ARG B 29 -12.52 31.03 4.88
N GLU B 30 -11.39 31.03 4.19
CA GLU B 30 -10.48 29.90 4.31
C GLU B 30 -9.75 29.85 5.64
N LEU B 31 -9.47 31.01 6.26
CA LEU B 31 -8.89 30.99 7.60
C LEU B 31 -9.85 30.37 8.61
N ILE B 32 -11.15 30.68 8.50
CA ILE B 32 -12.12 30.16 9.44
C ILE B 32 -12.20 28.63 9.32
N ILE B 33 -12.13 28.12 8.08
CA ILE B 33 -12.06 26.66 7.89
C ILE B 33 -10.76 26.12 8.48
N ALA B 34 -9.64 26.81 8.21
CA ALA B 34 -8.35 26.30 8.67
C ALA B 34 -8.28 26.22 10.19
N GLU B 35 -8.91 27.18 10.89
CA GLU B 35 -8.91 27.13 12.35
C GLU B 35 -9.53 25.81 12.85
N SER B 36 -10.57 25.34 12.19
CA SER B 36 -11.22 24.09 12.56
C SER B 36 -10.33 22.88 12.29
N GLU B 37 -9.29 23.04 11.48
CA GLU B 37 -8.34 21.99 11.18
C GLU B 37 -7.07 22.07 12.01
N MET B 38 -6.94 23.06 12.90
CA MET B 38 -5.72 23.29 13.65
C MET B 38 -6.00 23.36 15.15
N PRO B 39 -6.33 22.23 15.77
CA PRO B 39 -6.72 22.25 17.19
C PRO B 39 -5.58 22.54 18.15
N ALA B 40 -4.35 22.11 17.85
CA ALA B 40 -3.25 22.44 18.75
C ALA B 40 -3.01 23.94 18.77
N LEU B 41 -3.02 24.56 17.59
CA LEU B 41 -2.78 25.99 17.52
C LEU B 41 -3.93 26.78 18.12
N MET B 42 -5.17 26.40 17.81
CA MET B 42 -6.30 27.09 18.42
C MET B 42 -6.40 26.79 19.91
N GLY B 43 -5.95 25.61 20.33
CA GLY B 43 -5.89 25.34 21.76
C GLY B 43 -4.97 26.32 22.49
N LEU B 44 -3.83 26.64 21.88
CA LEU B 44 -2.94 27.64 22.47
C LEU B 44 -3.60 29.00 22.54
N ARG B 45 -4.31 29.35 21.47
CA ARG B 45 -5.07 30.60 21.45
C ARG B 45 -6.01 30.68 22.63
N ARG B 46 -6.78 29.62 22.89
CA ARG B 46 -7.75 29.66 23.97
C ARG B 46 -7.07 29.59 25.33
N LYS B 47 -6.01 28.79 25.43
CA LYS B 47 -5.35 28.59 26.72
C LYS B 47 -4.62 29.86 27.18
N TYR B 48 -3.96 30.58 26.28
CA TYR B 48 -3.06 31.66 26.64
C TYR B 48 -3.62 33.05 26.36
N ALA B 49 -4.84 33.17 25.83
CA ALA B 49 -5.36 34.48 25.46
C ALA B 49 -5.43 35.42 26.67
N GLY B 50 -5.98 34.94 27.78
CA GLY B 50 -6.14 35.81 28.94
C GLY B 50 -4.81 36.29 29.51
N GLN B 51 -3.79 35.43 29.48
CA GLN B 51 -2.50 35.76 30.07
C GLN B 51 -1.70 36.73 29.22
N GLN B 52 -1.92 36.75 27.91
CA GLN B 52 -1.15 37.59 26.98
C GLN B 52 0.35 37.39 27.13
N PRO B 53 0.87 36.18 26.90
CA PRO B 53 2.30 35.93 27.15
C PRO B 53 3.22 36.60 26.14
N LEU B 54 2.70 37.10 25.02
CA LEU B 54 3.50 37.79 24.02
C LEU B 54 3.23 39.29 24.01
N LYS B 55 2.56 39.81 25.03
CA LYS B 55 2.43 41.26 25.17
C LYS B 55 3.81 41.91 25.21
N GLY B 56 4.04 42.89 24.32
CA GLY B 56 5.34 43.50 24.19
C GLY B 56 6.26 42.84 23.19
N ALA B 57 5.93 41.64 22.71
CA ALA B 57 6.72 41.02 21.66
C ALA B 57 6.49 41.74 20.34
N LYS B 58 7.56 41.90 19.57
CA LYS B 58 7.51 42.54 18.27
CA LYS B 58 7.53 42.56 18.27
C LYS B 58 8.30 41.64 17.33
N ILE B 59 7.58 40.87 16.54
CA ILE B 59 8.14 39.71 15.83
C ILE B 59 8.32 40.05 14.36
N LEU B 60 9.54 39.94 13.89
CA LEU B 60 9.82 39.90 12.46
C LEU B 60 9.60 38.46 12.00
N GLY B 61 8.62 38.26 11.12
CA GLY B 61 8.33 36.94 10.59
C GLY B 61 8.61 36.81 9.10
N CYS B 62 9.27 35.72 8.72
CA CYS B 62 9.56 35.44 7.32
C CYS B 62 9.26 33.96 7.08
N ILE B 63 8.06 33.68 6.58
CA ILE B 63 7.68 32.31 6.25
C ILE B 63 6.52 32.36 5.28
N HIS B 64 6.49 31.40 4.34
CA HIS B 64 5.46 31.25 3.32
C HIS B 64 4.11 31.82 3.75
N MET B 65 3.60 32.81 3.04
CA MET B 65 2.39 33.53 3.45
C MET B 65 1.15 32.78 2.96
N THR B 66 0.93 31.62 3.58
CA THR B 66 -0.18 30.72 3.27
C THR B 66 -1.35 30.97 4.23
N ILE B 67 -2.46 30.29 3.98
CA ILE B 67 -3.56 30.30 4.93
C ILE B 67 -3.11 29.74 6.28
N GLN B 68 -2.24 28.73 6.28
CA GLN B 68 -1.76 28.16 7.53
C GLN B 68 -0.92 29.16 8.30
N THR B 69 -0.03 29.87 7.60
CA THR B 69 0.72 30.94 8.25
C THR B 69 -0.21 32.04 8.76
N GLY B 70 -1.32 32.28 8.06
CA GLY B 70 -2.30 33.23 8.59
C GLY B 70 -2.80 32.86 9.97
N VAL B 71 -3.08 31.58 10.20
CA VAL B 71 -3.57 31.17 11.51
C VAL B 71 -2.46 31.32 12.56
N LEU B 72 -1.22 31.03 12.18
CA LEU B 72 -0.07 31.27 13.05
C LEU B 72 0.04 32.75 13.41
N ILE B 73 0.02 33.63 12.41
CA ILE B 73 0.15 35.07 12.67
C ILE B 73 -0.93 35.53 13.63
N GLU B 74 -2.19 35.16 13.37
CA GLU B 74 -3.27 35.65 14.21
C GLU B 74 -3.25 35.03 15.60
N THR B 75 -2.66 33.84 15.75
CA THR B 75 -2.44 33.31 17.10
C THR B 75 -1.39 34.14 17.85
N LEU B 76 -0.27 34.44 17.19
CA LEU B 76 0.74 35.29 17.82
C LEU B 76 0.14 36.63 18.24
N VAL B 77 -0.64 37.25 17.35
CA VAL B 77 -1.28 38.54 17.66
C VAL B 77 -2.30 38.38 18.78
N ALA B 78 -3.07 37.29 18.76
CA ALA B 78 -4.07 37.08 19.80
C ALA B 78 -3.44 36.90 21.17
N LEU B 79 -2.18 36.46 21.22
CA LEU B 79 -1.45 36.30 22.47
C LEU B 79 -0.70 37.57 22.90
N GLY B 80 -0.83 38.65 22.13
CA GLY B 80 -0.29 39.96 22.51
C GLY B 80 0.79 40.51 21.59
N ALA B 81 1.29 39.73 20.64
CA ALA B 81 2.42 40.19 19.84
C ALA B 81 1.98 41.20 18.78
N GLU B 82 2.94 42.02 18.36
CA GLU B 82 2.85 42.75 17.09
C GLU B 82 3.84 42.11 16.12
N VAL B 83 3.50 42.09 14.85
CA VAL B 83 4.34 41.42 13.85
C VAL B 83 4.46 42.27 12.59
N ARG B 84 5.54 42.00 11.85
CA ARG B 84 5.71 42.50 10.48
C ARG B 84 6.18 41.30 9.65
N TRP B 85 5.43 40.98 8.59
CA TRP B 85 5.56 39.67 7.95
C TRP B 85 5.95 39.77 6.48
N SER B 86 6.75 38.77 6.04
CA SER B 86 7.05 38.56 4.63
C SER B 86 7.09 37.06 4.37
N SER B 87 7.05 36.69 3.10
CA SER B 87 7.19 35.29 2.70
C SER B 87 8.67 34.93 2.57
N CYS B 88 8.99 33.65 2.77
CA CYS B 88 10.35 33.18 2.54
C CYS B 88 10.54 32.51 1.19
N ASN B 89 9.58 32.65 0.27
CA ASN B 89 9.73 32.13 -1.08
C ASN B 89 8.92 32.97 -2.05
N ILE B 90 9.45 33.20 -3.26
CA ILE B 90 8.82 34.09 -4.22
C ILE B 90 7.51 33.53 -4.77
N PHE B 91 7.29 32.21 -4.70
CA PHE B 91 6.10 31.57 -5.28
C PHE B 91 5.15 30.97 -4.23
N SER B 92 5.46 31.04 -2.94
CA SER B 92 4.70 30.25 -1.98
C SER B 92 3.52 30.99 -1.36
N THR B 93 3.40 32.31 -1.54
CA THR B 93 2.30 33.05 -0.94
C THR B 93 0.96 32.63 -1.56
N GLN B 94 -0.06 32.50 -0.72
CA GLN B 94 -1.44 32.46 -1.19
C GLN B 94 -2.00 33.87 -1.08
N ASP B 95 -2.32 34.48 -2.21
CA ASP B 95 -2.65 35.90 -2.20
C ASP B 95 -3.90 36.18 -1.37
N GLN B 96 -4.85 35.24 -1.30
CA GLN B 96 -6.02 35.48 -0.46
C GLN B 96 -5.62 35.50 1.02
N ALA B 97 -4.61 34.72 1.40
CA ALA B 97 -4.13 34.73 2.78
C ALA B 97 -3.45 36.06 3.10
N ALA B 98 -2.60 36.54 2.20
CA ALA B 98 -1.93 37.81 2.41
C ALA B 98 -2.94 38.95 2.51
N ALA B 99 -3.96 38.94 1.64
CA ALA B 99 -4.98 39.97 1.69
C ALA B 99 -5.74 39.95 3.01
N ALA B 100 -6.12 38.76 3.49
CA ALA B 100 -6.87 38.69 4.74
C ALA B 100 -6.06 39.24 5.90
N ILE B 101 -4.77 38.94 5.94
CA ILE B 101 -3.90 39.45 7.01
C ILE B 101 -3.78 40.97 6.91
N ALA B 102 -3.46 41.48 5.72
CA ALA B 102 -3.37 42.92 5.52
C ALA B 102 -4.68 43.62 5.89
N ALA B 103 -5.81 43.03 5.50
CA ALA B 103 -7.11 43.63 5.82
C ALA B 103 -7.37 43.64 7.32
N ALA B 104 -6.67 42.81 8.08
CA ALA B 104 -6.80 42.76 9.53
C ALA B 104 -5.93 43.80 10.22
N GLY B 105 -5.23 44.63 9.46
CA GLY B 105 -4.40 45.66 10.06
C GLY B 105 -3.00 45.20 10.43
N ILE B 106 -2.55 44.11 9.85
CA ILE B 106 -1.26 43.49 10.17
C ILE B 106 -0.30 43.77 9.01
N PRO B 107 0.88 44.35 9.25
CA PRO B 107 1.81 44.59 8.13
C PRO B 107 2.32 43.30 7.52
N VAL B 108 2.06 43.12 6.23
CA VAL B 108 2.49 41.94 5.48
C VAL B 108 2.91 42.41 4.09
N PHE B 109 4.05 41.92 3.63
CA PHE B 109 4.59 42.29 2.32
C PHE B 109 4.86 40.99 1.59
N ALA B 110 3.92 40.56 0.75
CA ALA B 110 3.99 39.23 0.17
C ALA B 110 2.98 39.02 -0.95
N TRP B 111 3.42 38.45 -2.06
CA TRP B 111 2.51 38.03 -3.12
C TRP B 111 3.14 36.87 -3.87
N LYS B 112 2.29 36.12 -4.57
CA LYS B 112 2.77 34.99 -5.35
C LYS B 112 3.37 35.51 -6.66
N GLY B 113 4.57 35.06 -6.97
CA GLY B 113 5.24 35.49 -8.17
C GLY B 113 6.13 36.71 -8.02
N GLU B 114 6.75 36.89 -6.86
CA GLU B 114 7.71 37.97 -6.68
C GLU B 114 8.95 37.77 -7.56
N THR B 115 9.58 38.88 -7.96
CA THR B 115 10.94 38.81 -8.46
C THR B 115 11.91 38.71 -7.28
N GLU B 116 13.18 38.43 -7.59
CA GLU B 116 14.16 38.36 -6.50
C GLU B 116 14.34 39.72 -5.83
N GLU B 117 14.32 40.79 -6.63
CA GLU B 117 14.41 42.13 -6.06
C GLU B 117 13.22 42.45 -5.16
N GLU B 118 12.01 42.05 -5.57
CA GLU B 118 10.82 42.27 -4.76
C GLU B 118 10.85 41.46 -3.48
N TYR B 119 11.33 40.21 -3.57
CA TYR B 119 11.49 39.36 -2.38
C TYR B 119 12.36 40.05 -1.33
N GLU B 120 13.51 40.60 -1.77
CA GLU B 120 14.39 41.30 -0.86
C GLU B 120 13.74 42.56 -0.31
N TRP B 121 13.04 43.31 -1.16
CA TRP B 121 12.33 44.51 -0.73
C TRP B 121 11.28 44.18 0.34
N CYS B 122 10.57 43.06 0.17
CA CYS B 122 9.57 42.68 1.16
C CYS B 122 10.19 42.41 2.53
N ILE B 123 11.32 41.70 2.57
CA ILE B 123 11.94 41.46 3.87
C ILE B 123 12.32 42.79 4.51
N GLU B 124 12.88 43.71 3.70
CA GLU B 124 13.29 45.01 4.21
C GLU B 124 12.10 45.81 4.74
N GLN B 125 10.92 45.65 4.15
CA GLN B 125 9.75 46.37 4.65
C GLN B 125 9.32 45.87 6.02
N THR B 126 9.67 44.64 6.40
CA THR B 126 9.37 44.20 7.75
C THR B 126 10.42 44.76 8.73
N ILE B 127 11.68 44.80 8.30
CA ILE B 127 12.78 45.27 9.13
C ILE B 127 12.63 46.77 9.43
N LEU B 128 12.23 47.55 8.44
CA LEU B 128 12.14 49.00 8.58
C LEU B 128 10.68 49.41 8.73
N LYS B 129 10.43 50.35 9.62
CA LYS B 129 9.14 51.03 9.70
C LYS B 129 9.38 52.52 9.61
N ASP B 130 8.67 53.17 8.68
CA ASP B 130 8.86 54.59 8.40
C ASP B 130 10.33 54.91 8.15
N GLY B 131 11.01 54.00 7.45
CA GLY B 131 12.37 54.27 7.01
C GLY B 131 13.45 54.07 8.05
N GLN B 132 13.11 53.54 9.22
CA GLN B 132 14.06 53.32 10.30
C GLN B 132 13.84 51.94 10.88
N PRO B 133 14.84 51.38 11.55
CA PRO B 133 14.66 50.05 12.14
C PRO B 133 13.44 49.98 13.04
N TRP B 134 12.62 48.95 12.83
CA TRP B 134 11.51 48.70 13.73
C TRP B 134 12.05 48.32 15.11
N ASP B 135 11.24 48.53 16.15
CA ASP B 135 11.68 48.12 17.48
C ASP B 135 11.41 46.63 17.68
N ALA B 136 11.96 45.82 16.79
CA ALA B 136 11.79 44.37 16.86
C ALA B 136 12.49 43.79 18.07
N ASN B 137 11.95 42.69 18.60
CA ASN B 137 12.64 41.98 19.66
C ASN B 137 12.50 40.47 19.55
N MET B 138 11.88 39.96 18.49
CA MET B 138 11.79 38.52 18.24
C MET B 138 11.87 38.28 16.73
N VAL B 139 12.33 37.09 16.36
CA VAL B 139 12.46 36.71 14.96
C VAL B 139 11.84 35.33 14.77
N LEU B 140 11.03 35.18 13.73
CA LEU B 140 10.50 33.88 13.32
C LEU B 140 10.89 33.71 11.85
N ASP B 141 11.63 32.65 11.54
CA ASP B 141 12.23 32.51 10.23
C ASP B 141 12.04 31.09 9.71
N ASP B 142 12.12 30.97 8.39
CA ASP B 142 11.97 29.69 7.68
C ASP B 142 13.00 29.72 6.56
N GLY B 143 14.17 29.15 6.81
CA GLY B 143 15.22 29.07 5.81
C GLY B 143 16.40 29.95 6.10
N GLY B 144 16.26 30.93 6.99
CA GLY B 144 17.40 31.73 7.42
C GLY B 144 17.68 33.01 6.64
N ASP B 145 16.89 33.35 5.61
CA ASP B 145 17.20 34.56 4.83
C ASP B 145 17.07 35.82 5.68
N LEU B 146 15.98 35.93 6.44
CA LEU B 146 15.79 37.08 7.32
C LEU B 146 16.89 37.13 8.38
N THR B 147 17.20 35.98 8.99
CA THR B 147 18.27 35.89 9.97
C THR B 147 19.60 36.36 9.39
N GLU B 148 19.88 35.97 8.15
CA GLU B 148 21.13 36.36 7.50
C GLU B 148 21.19 37.87 7.27
N ILE B 149 20.09 38.46 6.80
CA ILE B 149 20.07 39.91 6.53
C ILE B 149 20.27 40.70 7.81
N LEU B 150 19.62 40.27 8.90
CA LEU B 150 19.82 40.95 10.20
C LEU B 150 21.29 40.89 10.64
N HIS B 151 21.93 39.73 10.51
CA HIS B 151 23.30 39.62 10.97
C HIS B 151 24.26 40.41 10.09
N LYS B 152 24.00 40.44 8.79
CA LYS B 152 24.90 41.11 7.85
C LYS B 152 24.68 42.62 7.86
N LYS B 153 23.42 43.05 7.96
CA LYS B 153 23.08 44.42 7.67
C LYS B 153 22.53 45.20 8.85
N TYR B 154 21.96 44.54 9.87
CA TYR B 154 21.35 45.23 11.00
C TYR B 154 21.82 44.65 12.33
N PRO B 155 23.13 44.62 12.59
CA PRO B 155 23.59 44.09 13.88
C PRO B 155 23.05 44.87 15.07
N GLN B 156 22.86 46.20 14.95
CA GLN B 156 22.32 46.96 16.06
C GLN B 156 20.92 46.50 16.44
N MET B 157 20.11 46.06 15.47
CA MET B 157 18.79 45.54 15.80
C MET B 157 18.89 44.23 16.58
N LEU B 158 19.87 43.39 16.26
CA LEU B 158 19.99 42.12 16.98
C LEU B 158 20.35 42.31 18.45
N GLU B 159 20.98 43.43 18.81
CA GLU B 159 21.28 43.67 20.22
C GLU B 159 20.02 43.64 21.08
N ARG B 160 18.88 44.02 20.51
CA ARG B 160 17.62 44.10 21.24
C ARG B 160 16.69 42.91 20.96
N ILE B 161 17.15 41.92 20.22
CA ILE B 161 16.30 40.77 19.87
C ILE B 161 16.60 39.63 20.84
N HIS B 162 15.53 38.99 21.33
CA HIS B 162 15.65 37.96 22.36
C HIS B 162 15.88 36.57 21.79
N GLY B 163 15.55 36.36 20.53
CA GLY B 163 15.72 35.03 19.98
C GLY B 163 15.14 34.90 18.60
N ILE B 164 15.49 33.77 17.99
CA ILE B 164 15.04 33.38 16.66
C ILE B 164 14.38 32.01 16.82
N THR B 165 13.20 31.83 16.25
CA THR B 165 12.59 30.49 16.16
C THR B 165 12.58 30.08 14.69
N GLU B 166 13.36 29.04 14.36
CA GLU B 166 13.64 28.69 12.97
C GLU B 166 12.88 27.42 12.57
N GLU B 167 12.19 27.49 11.43
CA GLU B 167 11.23 26.47 11.03
C GLU B 167 11.85 25.22 10.42
N THR B 168 12.93 25.33 9.64
CA THR B 168 13.23 24.27 8.68
C THR B 168 14.70 23.86 8.73
N THR B 169 14.92 22.64 8.23
CA THR B 169 16.24 21.99 8.31
C THR B 169 17.36 22.89 7.77
N THR B 170 17.13 23.51 6.61
CA THR B 170 18.16 24.35 6.00
C THR B 170 18.48 25.56 6.89
N GLY B 171 17.46 26.16 7.50
CA GLY B 171 17.71 27.30 8.37
C GLY B 171 18.48 26.91 9.62
N VAL B 172 18.18 25.72 10.17
CA VAL B 172 18.90 25.26 11.35
C VAL B 172 20.37 25.05 11.01
N HIS B 173 20.65 24.43 9.86
CA HIS B 173 22.04 24.26 9.45
C HIS B 173 22.76 25.61 9.43
N ARG B 174 22.09 26.65 8.92
CA ARG B 174 22.71 27.96 8.84
C ARG B 174 22.94 28.55 10.22
N LEU B 175 22.00 28.34 11.15
CA LEU B 175 22.22 28.77 12.53
C LEU B 175 23.41 28.06 13.15
N LEU B 176 23.51 26.74 12.96
CA LEU B 176 24.61 25.98 13.57
C LEU B 176 25.95 26.37 12.97
N ASP B 177 25.99 26.75 11.69
CA ASP B 177 27.22 27.29 11.13
C ASP B 177 27.62 28.60 11.82
N MET B 178 26.65 29.50 12.00
CA MET B 178 26.94 30.75 12.71
C MET B 178 27.41 30.47 14.13
N LEU B 179 26.75 29.55 14.83
CA LEU B 179 27.15 29.24 16.20
C LEU B 179 28.58 28.69 16.22
N LYS B 180 28.90 27.79 15.29
CA LYS B 180 30.25 27.26 15.16
C LYS B 180 31.27 28.37 14.95
N ASN B 181 30.96 29.34 14.09
CA ASN B 181 31.89 30.41 13.77
C ASN B 181 31.89 31.54 14.78
N GLY B 182 31.06 31.47 15.81
CA GLY B 182 30.96 32.58 16.73
C GLY B 182 30.36 33.84 16.15
N THR B 183 29.56 33.73 15.09
CA THR B 183 28.90 34.87 14.49
C THR B 183 27.42 34.99 14.84
N LEU B 184 26.84 33.98 15.49
CA LEU B 184 25.43 34.03 15.87
C LEU B 184 25.25 34.97 17.07
N LYS B 185 24.34 35.94 16.95
CA LYS B 185 24.23 37.02 17.93
C LYS B 185 23.11 36.83 18.95
N VAL B 186 22.15 35.94 18.68
CA VAL B 186 21.04 35.71 19.61
C VAL B 186 20.72 34.23 19.62
N PRO B 187 20.14 33.73 20.72
CA PRO B 187 19.87 32.30 20.80
C PRO B 187 18.72 31.92 19.89
N ALA B 188 18.61 30.63 19.58
CA ALA B 188 17.56 30.18 18.69
C ALA B 188 16.93 28.90 19.22
N ILE B 189 15.67 28.70 18.85
CA ILE B 189 15.02 27.40 19.01
C ILE B 189 14.93 26.76 17.64
N ASN B 190 15.44 25.55 17.56
CA ASN B 190 15.30 24.66 16.40
C ASN B 190 13.91 24.03 16.49
N VAL B 191 12.93 24.67 15.84
CA VAL B 191 11.56 24.15 15.80
C VAL B 191 11.49 22.91 14.93
N ASN B 192 12.38 22.82 13.94
CA ASN B 192 12.34 21.70 13.00
C ASN B 192 12.39 20.36 13.72
N ASP B 193 13.19 20.24 14.77
CA ASP B 193 13.48 18.93 15.33
C ASP B 193 12.54 18.52 16.46
N SER B 194 11.44 19.24 16.69
CA SER B 194 10.33 18.63 17.41
C SER B 194 9.84 17.44 16.58
N VAL B 195 9.42 16.35 17.25
CA VAL B 195 8.92 15.22 16.46
C VAL B 195 7.62 15.62 15.77
N THR B 196 6.78 16.42 16.43
CA THR B 196 5.56 16.94 15.85
C THR B 196 5.80 18.01 14.79
N LYS B 197 7.06 18.30 14.46
CA LYS B 197 7.42 19.08 13.28
C LYS B 197 8.10 18.16 12.27
N SER B 198 9.34 17.75 12.55
CA SER B 198 10.15 17.00 11.59
C SER B 198 9.43 15.76 11.06
N LYS B 199 8.87 14.93 11.93
CA LYS B 199 8.27 13.67 11.51
CA LYS B 199 8.26 13.67 11.52
C LYS B 199 6.76 13.78 11.30
N ASN B 200 6.27 14.98 11.05
CA ASN B 200 4.88 15.30 10.78
C ASN B 200 4.85 16.16 9.51
N ASP B 201 5.40 17.36 9.64
CA ASP B 201 5.54 18.32 8.54
C ASP B 201 6.48 17.81 7.45
N ASN B 202 7.76 17.58 7.78
CA ASN B 202 8.73 17.28 6.73
C ASN B 202 8.35 16.03 5.96
N LYS B 203 7.87 15.01 6.66
CA LYS B 203 7.57 13.72 6.02
C LYS B 203 6.13 13.66 5.52
N TYR B 204 5.15 13.63 6.44
CA TYR B 204 3.77 13.45 6.00
C TYR B 204 3.25 14.65 5.23
N GLY B 205 3.76 15.86 5.51
CA GLY B 205 3.34 17.01 4.72
C GLY B 205 3.72 16.88 3.27
N CYS B 206 4.94 16.40 2.99
CA CYS B 206 5.34 16.19 1.61
C CYS B 206 4.62 15.01 0.97
N ARG B 207 4.27 14.00 1.77
CA ARG B 207 3.42 12.92 1.26
CA ARG B 207 3.43 12.93 1.25
C ARG B 207 2.12 13.48 0.69
N HIS B 208 1.47 14.39 1.43
CA HIS B 208 0.23 14.99 0.96
C HIS B 208 0.44 15.87 -0.26
N SER B 209 1.46 16.72 -0.23
CA SER B 209 1.47 17.85 -1.13
C SER B 209 2.39 17.69 -2.35
N LEU B 210 3.26 16.68 -2.40
CA LEU B 210 4.10 16.55 -3.59
C LEU B 210 3.29 16.09 -4.78
N ASN B 211 2.59 14.94 -4.68
CA ASN B 211 1.78 14.51 -5.81
CA ASN B 211 1.77 14.49 -5.80
C ASN B 211 0.68 15.51 -6.10
N ASP B 212 0.22 16.24 -5.08
CA ASP B 212 -0.74 17.33 -5.27
C ASP B 212 -0.19 18.36 -6.26
N ALA B 213 0.99 18.89 -5.99
CA ALA B 213 1.59 19.91 -6.86
C ALA B 213 1.86 19.37 -8.26
N ILE B 214 2.30 18.12 -8.39
CA ILE B 214 2.59 17.57 -9.71
C ILE B 214 1.32 17.44 -10.52
N LYS B 215 0.22 16.99 -9.90
CA LYS B 215 -1.05 16.92 -10.62
C LYS B 215 -1.56 18.31 -11.00
N ARG B 216 -1.45 19.30 -10.10
CA ARG B 216 -1.94 20.63 -10.46
C ARG B 216 -1.12 21.21 -11.61
N GLY B 217 0.19 20.96 -11.62
CA GLY B 217 1.04 21.56 -12.62
C GLY B 217 0.94 20.90 -13.98
N THR B 218 0.84 19.57 -14.01
CA THR B 218 0.89 18.83 -15.26
C THR B 218 -0.35 18.01 -15.55
N ASP B 219 -1.15 17.68 -14.54
CA ASP B 219 -2.23 16.69 -14.66
C ASP B 219 -1.73 15.37 -15.22
N HIS B 220 -0.45 15.03 -15.03
CA HIS B 220 0.07 13.76 -15.55
C HIS B 220 -0.41 12.58 -14.72
N LEU B 221 -0.82 11.52 -15.39
CA LEU B 221 -0.94 10.22 -14.72
C LEU B 221 0.41 9.84 -14.13
N LEU B 222 0.41 9.40 -12.88
CA LEU B 222 1.65 8.99 -12.23
C LEU B 222 1.79 7.48 -12.13
N SER B 223 0.67 6.76 -11.94
CA SER B 223 0.68 5.31 -11.88
C SER B 223 1.42 4.70 -13.06
N GLY B 224 2.32 3.77 -12.77
CA GLY B 224 3.00 3.03 -13.81
C GLY B 224 4.21 3.71 -14.41
N LYS B 225 4.49 4.94 -14.02
CA LYS B 225 5.64 5.68 -14.53
C LYS B 225 6.81 5.62 -13.56
N GLN B 226 7.99 5.96 -14.06
CA GLN B 226 9.25 5.80 -13.32
CA GLN B 226 9.23 5.80 -13.29
C GLN B 226 9.67 7.13 -12.69
N ALA B 227 9.92 7.12 -11.39
CA ALA B 227 10.40 8.29 -10.68
C ALA B 227 11.76 8.01 -10.05
N LEU B 228 12.55 9.07 -9.94
CA LEU B 228 13.81 9.06 -9.19
C LEU B 228 13.72 10.15 -8.13
N VAL B 229 13.78 9.77 -6.86
CA VAL B 229 13.77 10.71 -5.74
C VAL B 229 15.20 10.83 -5.24
N ILE B 230 15.76 12.03 -5.29
CA ILE B 230 17.11 12.26 -4.80
C ILE B 230 17.01 12.63 -3.33
N GLY B 231 17.46 11.73 -2.46
CA GLY B 231 17.40 11.95 -1.04
C GLY B 231 16.31 11.10 -0.38
N TYR B 232 16.57 10.68 0.86
CA TYR B 232 15.66 9.86 1.65
C TYR B 232 15.75 10.23 3.12
N GLY B 233 15.88 11.53 3.40
CA GLY B 233 15.66 12.05 4.73
C GLY B 233 14.18 12.16 4.99
N ASP B 234 13.78 13.11 5.84
CA ASP B 234 12.36 13.22 6.17
C ASP B 234 11.54 13.61 4.96
N VAL B 235 12.03 14.58 4.19
CA VAL B 235 11.32 15.02 2.99
C VAL B 235 11.37 13.95 1.92
N GLY B 236 12.53 13.34 1.70
CA GLY B 236 12.62 12.28 0.69
C GLY B 236 11.78 11.06 1.03
N LYS B 237 11.68 10.70 2.31
CA LYS B 237 10.79 9.62 2.72
C LYS B 237 9.34 9.95 2.37
N GLY B 238 8.90 11.17 2.72
CA GLY B 238 7.52 11.52 2.46
C GLY B 238 7.24 11.67 0.96
N SER B 239 8.21 12.21 0.23
CA SER B 239 8.08 12.36 -1.21
C SER B 239 8.01 11.00 -1.89
N SER B 240 8.89 10.07 -1.48
CA SER B 240 8.88 8.74 -2.07
C SER B 240 7.53 8.07 -1.87
N GLN B 241 6.95 8.23 -0.68
CA GLN B 241 5.64 7.65 -0.40
C GLN B 241 4.55 8.35 -1.20
N SER B 242 4.65 9.69 -1.34
CA SER B 242 3.71 10.44 -2.16
C SER B 242 3.58 9.85 -3.55
N LEU B 243 4.71 9.42 -4.13
CA LEU B 243 4.71 8.91 -5.49
C LEU B 243 4.40 7.43 -5.53
N ARG B 244 4.94 6.66 -4.59
CA ARG B 244 4.69 5.22 -4.59
C ARG B 244 3.22 4.91 -4.35
N GLN B 245 2.57 5.68 -3.47
CA GLN B 245 1.16 5.43 -3.19
C GLN B 245 0.27 5.73 -4.39
N GLU B 246 0.74 6.55 -5.32
CA GLU B 246 0.05 6.77 -6.58
C GLU B 246 0.34 5.69 -7.61
N GLY B 247 1.20 4.73 -7.30
CA GLY B 247 1.57 3.68 -8.24
C GLY B 247 2.82 3.93 -9.07
N MET B 248 3.59 4.97 -8.79
CA MET B 248 4.85 5.11 -9.51
C MET B 248 5.81 4.00 -9.08
N ILE B 249 6.70 3.65 -10.02
CA ILE B 249 7.86 2.82 -9.70
C ILE B 249 8.94 3.80 -9.27
N VAL B 250 9.27 3.80 -7.98
CA VAL B 250 10.13 4.83 -7.39
C VAL B 250 11.49 4.23 -7.11
N LYS B 251 12.53 4.88 -7.63
CA LYS B 251 13.91 4.60 -7.26
C LYS B 251 14.42 5.76 -6.41
N VAL B 252 15.34 5.46 -5.51
CA VAL B 252 15.79 6.42 -4.49
C VAL B 252 17.30 6.50 -4.57
N ALA B 253 17.85 7.73 -4.56
CA ALA B 253 19.28 7.96 -4.44
C ALA B 253 19.60 8.57 -3.08
N GLU B 254 20.76 8.23 -2.54
CA GLU B 254 21.16 8.74 -1.23
C GLU B 254 22.67 8.69 -1.14
N VAL B 255 23.22 9.62 -0.36
CA VAL B 255 24.61 9.54 0.04
C VAL B 255 24.77 8.93 1.43
N ASP B 256 23.69 8.85 2.21
CA ASP B 256 23.74 8.36 3.59
C ASP B 256 23.39 6.88 3.59
N PRO B 257 24.32 5.98 3.92
CA PRO B 257 24.00 4.55 3.82
C PRO B 257 22.90 4.11 4.77
N ILE B 258 22.72 4.81 5.89
CA ILE B 258 21.64 4.45 6.80
C ILE B 258 20.30 4.80 6.17
N CYS B 259 20.18 6.01 5.61
CA CYS B 259 18.94 6.36 4.92
C CYS B 259 18.70 5.45 3.72
N ALA B 260 19.76 5.09 2.98
CA ALA B 260 19.58 4.17 1.87
C ALA B 260 19.09 2.81 2.34
N MET B 261 19.60 2.35 3.49
N MET B 261 19.60 2.35 3.49
CA MET B 261 19.13 1.09 4.06
CA MET B 261 19.12 1.08 4.04
C MET B 261 17.64 1.15 4.33
C MET B 261 17.63 1.14 4.33
N GLN B 262 17.15 2.27 4.87
CA GLN B 262 15.72 2.42 5.09
C GLN B 262 14.96 2.34 3.78
N ALA B 263 15.48 2.96 2.72
CA ALA B 263 14.81 2.92 1.43
C ALA B 263 14.66 1.48 0.92
N CYS B 264 15.75 0.71 1.01
CA CYS B 264 15.67 -0.70 0.62
C CYS B 264 14.63 -1.43 1.44
N MET B 265 14.71 -1.28 2.77
CA MET B 265 13.81 -2.01 3.65
C MET B 265 12.36 -1.58 3.44
N ASP B 266 12.14 -0.33 3.06
CA ASP B 266 10.81 0.19 2.72
C ASP B 266 10.34 -0.25 1.34
N GLY B 267 11.14 -1.03 0.61
CA GLY B 267 10.71 -1.58 -0.65
C GLY B 267 11.05 -0.76 -1.86
N PHE B 268 12.07 0.11 -1.77
CA PHE B 268 12.53 0.88 -2.92
C PHE B 268 13.86 0.35 -3.43
N GLU B 269 14.07 0.50 -4.74
CA GLU B 269 15.36 0.22 -5.32
C GLU B 269 16.24 1.45 -5.14
N VAL B 270 17.48 1.27 -4.69
CA VAL B 270 18.38 2.38 -4.43
C VAL B 270 19.41 2.45 -5.55
N VAL B 271 19.44 3.59 -6.25
CA VAL B 271 20.28 3.75 -7.43
C VAL B 271 21.03 5.06 -7.30
N SER B 272 22.07 5.19 -8.11
CA SER B 272 22.80 6.46 -8.21
C SER B 272 22.72 6.97 -9.64
N PRO B 273 22.56 8.29 -9.83
CA PRO B 273 22.70 8.85 -11.19
C PRO B 273 24.04 8.57 -11.82
N TYR B 274 25.07 8.25 -11.03
CA TYR B 274 26.44 8.10 -11.51
C TYR B 274 26.86 6.66 -11.40
N LYS B 275 27.64 6.20 -12.37
CA LYS B 275 28.12 4.83 -12.36
C LYS B 275 28.98 4.59 -11.13
N ASN B 276 28.64 3.54 -10.37
CA ASN B 276 29.25 3.23 -9.08
C ASN B 276 29.17 4.39 -8.10
N GLY B 277 28.20 5.30 -8.30
CA GLY B 277 28.01 6.42 -7.41
C GLY B 277 29.08 7.49 -7.44
N ILE B 278 30.00 7.47 -8.41
CA ILE B 278 31.14 8.38 -8.43
C ILE B 278 30.78 9.58 -9.31
N ASN B 279 30.62 10.75 -8.68
CA ASN B 279 30.25 11.99 -9.36
C ASN B 279 31.53 12.77 -9.67
N ASP B 280 32.15 12.45 -10.81
CA ASP B 280 33.42 13.07 -11.18
C ASP B 280 33.26 14.23 -12.14
N GLY B 281 32.03 14.60 -12.50
CA GLY B 281 31.78 15.73 -13.36
C GLY B 281 31.80 15.44 -14.84
N THR B 282 32.12 14.23 -15.25
CA THR B 282 32.14 13.87 -16.65
C THR B 282 30.77 13.37 -17.09
N GLU B 283 30.45 13.60 -18.37
CA GLU B 283 29.24 13.01 -18.93
C GLU B 283 29.32 11.49 -18.92
N ALA B 284 30.53 10.94 -19.05
CA ALA B 284 30.69 9.49 -19.09
C ALA B 284 30.29 8.85 -17.78
N SER B 285 30.29 9.60 -16.68
CA SER B 285 29.91 9.06 -15.39
C SER B 285 28.41 8.91 -15.22
N ILE B 286 27.60 9.53 -16.09
CA ILE B 286 26.16 9.46 -15.96
C ILE B 286 25.67 8.09 -16.40
N ASP B 287 24.83 7.47 -15.56
CA ASP B 287 24.15 6.25 -15.96
C ASP B 287 23.04 6.61 -16.96
N ALA B 288 23.40 6.65 -18.24
CA ALA B 288 22.48 7.14 -19.27
C ALA B 288 21.27 6.23 -19.43
N ALA B 289 21.47 4.91 -19.29
CA ALA B 289 20.35 3.98 -19.37
C ALA B 289 19.32 4.25 -18.28
N LEU B 290 19.79 4.43 -17.04
CA LEU B 290 18.89 4.76 -15.94
C LEU B 290 18.15 6.07 -16.19
N LEU B 291 18.90 7.14 -16.46
CA LEU B 291 18.27 8.46 -16.59
C LEU B 291 17.30 8.51 -17.77
N GLY B 292 17.61 7.77 -18.84
CA GLY B 292 16.72 7.74 -20.00
C GLY B 292 15.41 7.00 -19.76
N LYS B 293 15.26 6.34 -18.60
CA LYS B 293 14.05 5.64 -18.22
C LYS B 293 13.16 6.45 -17.28
N ILE B 294 13.63 7.59 -16.78
CA ILE B 294 12.98 8.29 -15.67
C ILE B 294 11.99 9.29 -16.21
N ASP B 295 10.76 9.23 -15.73
CA ASP B 295 9.71 10.16 -16.13
C ASP B 295 9.62 11.37 -15.20
N LEU B 296 10.14 11.26 -13.98
CA LEU B 296 9.99 12.28 -12.96
C LEU B 296 11.18 12.21 -12.03
N ILE B 297 11.86 13.34 -11.81
CA ILE B 297 12.91 13.45 -10.82
C ILE B 297 12.50 14.52 -9.81
N VAL B 298 12.65 14.19 -8.51
CA VAL B 298 12.33 15.10 -7.42
C VAL B 298 13.55 15.19 -6.51
N THR B 299 13.99 16.41 -6.23
CA THR B 299 15.11 16.63 -5.33
C THR B 299 14.60 17.00 -3.94
N THR B 300 15.21 16.39 -2.91
CA THR B 300 14.72 16.54 -1.54
C THR B 300 15.84 16.78 -0.52
N THR B 301 17.02 17.25 -0.95
CA THR B 301 18.24 17.09 -0.15
C THR B 301 18.60 18.29 0.72
N GLY B 302 18.20 19.50 0.35
CA GLY B 302 18.83 20.68 0.93
C GLY B 302 20.30 20.84 0.58
N ASN B 303 20.77 20.09 -0.41
CA ASN B 303 22.15 20.17 -0.87
C ASN B 303 22.18 20.94 -2.19
N VAL B 304 23.35 21.02 -2.82
CA VAL B 304 23.52 21.83 -4.02
C VAL B 304 23.80 20.93 -5.21
N ASN B 305 23.10 21.19 -6.31
CA ASN B 305 23.40 20.59 -7.60
C ASN B 305 23.28 19.07 -7.57
N VAL B 306 22.21 18.56 -6.96
CA VAL B 306 22.00 17.12 -6.91
C VAL B 306 21.22 16.62 -8.13
N CYS B 307 20.71 17.52 -8.96
CA CYS B 307 20.19 17.21 -10.29
C CYS B 307 20.93 18.14 -11.23
N ASP B 308 22.08 17.69 -11.73
CA ASP B 308 23.03 18.57 -12.37
C ASP B 308 22.83 18.63 -13.89
N ALA B 309 23.69 19.39 -14.56
CA ALA B 309 23.54 19.61 -15.99
C ALA B 309 23.62 18.30 -16.79
N ASN B 310 24.55 17.42 -16.41
CA ASN B 310 24.71 16.19 -17.17
C ASN B 310 23.55 15.22 -16.94
N MET B 311 22.97 15.22 -15.73
CA MET B 311 21.72 14.49 -15.54
C MET B 311 20.61 15.07 -16.38
N LEU B 312 20.50 16.41 -16.42
CA LEU B 312 19.44 17.04 -17.19
C LEU B 312 19.56 16.71 -18.67
N LYS B 313 20.80 16.60 -19.17
CA LYS B 313 21.01 16.25 -20.57
C LYS B 313 20.65 14.80 -20.86
N ALA B 314 20.72 13.93 -19.85
CA ALA B 314 20.50 12.51 -20.08
C ALA B 314 19.06 12.09 -19.83
N LEU B 315 18.25 12.93 -19.20
CA LEU B 315 16.90 12.54 -18.83
C LEU B 315 16.07 12.21 -20.06
N LYS B 316 15.17 11.24 -19.86
CA LYS B 316 14.17 10.87 -20.85
C LYS B 316 13.45 12.11 -21.37
N LYS B 317 13.13 12.11 -22.66
CA LYS B 317 12.39 13.23 -23.23
C LYS B 317 11.08 13.41 -22.48
N ARG B 318 10.73 14.67 -22.22
CA ARG B 318 9.45 15.08 -21.62
C ARG B 318 9.33 14.70 -20.15
N ALA B 319 10.43 14.32 -19.50
CA ALA B 319 10.41 14.08 -18.06
C ALA B 319 10.10 15.36 -17.30
N VAL B 320 9.52 15.19 -16.11
CA VAL B 320 9.22 16.30 -15.21
C VAL B 320 10.36 16.40 -14.20
N VAL B 321 10.78 17.64 -13.95
CA VAL B 321 11.86 17.95 -13.01
C VAL B 321 11.31 18.92 -11.96
N CYS B 322 11.52 18.60 -10.68
CA CYS B 322 11.03 19.51 -9.66
C CYS B 322 11.84 19.34 -8.39
N ASN B 323 11.73 20.34 -7.52
CA ASN B 323 12.49 20.40 -6.29
C ASN B 323 11.54 20.64 -5.13
N ILE B 324 11.66 19.86 -4.06
CA ILE B 324 10.88 20.09 -2.85
C ILE B 324 11.75 20.41 -1.64
N GLY B 325 13.10 20.56 -1.85
CA GLY B 325 13.97 21.13 -0.83
C GLY B 325 13.84 22.65 -0.78
N HIS B 326 14.44 23.25 0.24
CA HIS B 326 14.15 24.65 0.51
C HIS B 326 14.59 25.60 -0.61
N PHE B 327 15.75 25.36 -1.24
CA PHE B 327 16.31 26.30 -2.21
C PHE B 327 16.38 25.67 -3.60
N ASP B 328 16.28 26.52 -4.64
CA ASP B 328 16.22 26.05 -6.03
C ASP B 328 17.56 25.60 -6.61
N ASN B 329 18.67 25.77 -5.90
CA ASN B 329 19.95 25.34 -6.45
C ASN B 329 20.16 23.83 -6.36
N GLU B 330 19.17 23.07 -5.87
CA GLU B 330 19.28 21.62 -5.95
C GLU B 330 19.36 21.17 -7.40
N ILE B 331 18.64 21.87 -8.28
CA ILE B 331 18.65 21.64 -9.72
C ILE B 331 19.51 22.73 -10.36
N ASP B 332 20.32 22.36 -11.34
CA ASP B 332 21.11 23.35 -12.09
C ASP B 332 20.21 24.05 -13.11
N THR B 333 19.30 24.89 -12.61
CA THR B 333 18.47 25.68 -13.51
C THR B 333 19.28 26.75 -14.21
N ALA B 334 20.37 27.23 -13.60
CA ALA B 334 21.22 28.22 -14.26
C ALA B 334 21.74 27.67 -15.59
N PHE B 335 22.20 26.42 -15.60
CA PHE B 335 22.58 25.77 -16.85
C PHE B 335 21.44 25.83 -17.86
N MET B 336 20.22 25.53 -17.42
CA MET B 336 19.10 25.48 -18.37
C MET B 336 18.76 26.87 -18.90
N ARG B 337 18.85 27.90 -18.05
CA ARG B 337 18.62 29.26 -18.54
C ARG B 337 19.68 29.67 -19.55
N LYS B 338 20.91 29.20 -19.38
CA LYS B 338 21.99 29.64 -20.24
C LYS B 338 22.00 28.93 -21.59
N ASN B 339 21.44 27.72 -21.67
CA ASN B 339 21.61 26.89 -22.84
C ASN B 339 20.31 26.53 -23.55
N TRP B 340 19.17 26.52 -22.87
CA TRP B 340 17.95 25.96 -23.43
C TRP B 340 16.84 26.99 -23.45
N ALA B 341 15.90 26.81 -24.38
CA ALA B 341 14.81 27.75 -24.58
C ALA B 341 13.65 27.40 -23.66
N TRP B 342 13.15 28.40 -22.92
CA TRP B 342 12.06 28.18 -21.98
C TRP B 342 10.74 28.62 -22.61
N GLU B 343 9.74 27.75 -22.51
CA GLU B 343 8.39 28.02 -22.98
C GLU B 343 7.44 27.91 -21.80
N GLU B 344 6.83 29.02 -21.40
CA GLU B 344 5.88 28.93 -20.30
C GLU B 344 4.59 28.24 -20.75
N VAL B 345 4.22 27.17 -20.05
CA VAL B 345 2.93 26.52 -20.27
C VAL B 345 1.82 27.32 -19.58
N LYS B 346 2.03 27.58 -18.31
CA LYS B 346 1.18 28.39 -17.45
C LYS B 346 2.04 28.77 -16.25
N PRO B 347 1.56 29.66 -15.37
CA PRO B 347 2.41 30.08 -14.25
C PRO B 347 3.02 28.90 -13.51
N GLN B 348 4.33 28.99 -13.25
CA GLN B 348 5.12 27.97 -12.54
C GLN B 348 5.17 26.64 -13.28
N VAL B 349 4.94 26.62 -14.59
CA VAL B 349 5.11 25.43 -15.41
C VAL B 349 5.79 25.82 -16.71
N HIS B 350 7.01 25.32 -16.93
CA HIS B 350 7.79 25.64 -18.13
C HIS B 350 8.28 24.38 -18.82
N LYS B 351 8.14 24.36 -20.15
CA LYS B 351 8.85 23.40 -20.99
C LYS B 351 10.23 23.97 -21.32
N ILE B 352 11.26 23.15 -21.12
CA ILE B 352 12.64 23.55 -21.40
C ILE B 352 13.09 22.75 -22.62
N HIS B 353 13.29 23.43 -23.75
CA HIS B 353 13.59 22.76 -25.01
C HIS B 353 15.10 22.59 -25.13
N ARG B 354 15.54 21.33 -25.15
CA ARG B 354 16.96 21.01 -25.21
C ARG B 354 17.53 21.09 -26.61
N THR B 355 16.76 21.63 -27.56
CA THR B 355 17.21 21.78 -28.94
C THR B 355 18.06 23.02 -29.16
N GLY B 356 18.14 23.91 -28.19
CA GLY B 356 18.95 25.11 -28.34
C GLY B 356 18.38 26.23 -27.49
N LYS B 357 19.09 27.36 -27.51
CA LYS B 357 18.70 28.51 -26.69
C LYS B 357 17.82 29.49 -27.44
N ASP B 358 18.09 29.73 -28.72
CA ASP B 358 17.42 30.79 -29.48
C ASP B 358 16.16 30.21 -30.12
N GLY B 359 15.05 30.33 -29.40
CA GLY B 359 13.76 29.90 -29.91
C GLY B 359 13.59 28.39 -29.88
N PHE B 360 12.36 27.96 -30.14
CA PHE B 360 12.01 26.55 -30.11
C PHE B 360 10.91 26.29 -31.14
N ASP B 361 10.80 25.02 -31.53
CA ASP B 361 9.64 24.54 -32.27
C ASP B 361 8.51 24.27 -31.28
N ALA B 362 7.32 24.78 -31.58
CA ALA B 362 6.18 24.57 -30.69
C ALA B 362 5.81 23.10 -30.58
N HIS B 363 6.18 22.28 -31.56
CA HIS B 363 5.91 20.85 -31.57
C HIS B 363 7.17 20.02 -31.34
N ASN B 364 8.23 20.64 -30.78
CA ASN B 364 9.42 19.90 -30.43
C ASN B 364 9.11 18.82 -29.40
N ASP B 365 9.68 17.64 -29.59
CA ASP B 365 9.47 16.56 -28.62
C ASP B 365 10.55 16.50 -27.56
N ASP B 366 11.71 17.13 -27.78
CA ASP B 366 12.83 17.04 -26.86
C ASP B 366 12.80 18.21 -25.89
N TYR B 367 12.00 18.08 -24.84
CA TYR B 367 11.93 19.09 -23.81
C TYR B 367 11.81 18.40 -22.45
N LEU B 368 12.05 19.18 -21.41
CA LEU B 368 11.73 18.80 -20.04
C LEU B 368 10.66 19.73 -19.52
N ILE B 369 9.89 19.27 -18.53
CA ILE B 369 8.93 20.13 -17.83
C ILE B 369 9.49 20.44 -16.46
N LEU B 370 9.71 21.73 -16.21
CA LEU B 370 10.20 22.20 -14.92
C LEU B 370 9.06 22.85 -14.17
N LEU B 371 8.91 22.50 -12.90
CA LEU B 371 7.85 23.02 -12.05
C LEU B 371 8.41 24.11 -11.14
N ALA B 372 7.68 25.22 -11.04
CA ALA B 372 7.99 26.30 -10.11
C ALA B 372 9.40 26.86 -10.30
N GLU B 373 9.93 26.77 -11.53
CA GLU B 373 11.28 27.24 -11.84
C GLU B 373 12.29 26.67 -10.84
N GLY B 374 12.03 25.45 -10.37
CA GLY B 374 12.88 24.76 -9.43
C GLY B 374 12.76 25.18 -7.97
N ARG B 375 11.84 26.09 -7.65
CA ARG B 375 11.57 26.45 -6.27
C ARG B 375 10.66 25.39 -5.64
N LEU B 376 10.55 25.42 -4.30
CA LEU B 376 9.72 24.48 -3.54
C LEU B 376 8.42 24.16 -4.28
N VAL B 377 8.29 22.93 -4.78
CA VAL B 377 7.21 22.66 -5.73
C VAL B 377 5.85 22.52 -5.03
N ASN B 378 5.81 21.97 -3.81
CA ASN B 378 4.52 21.80 -3.16
C ASN B 378 3.86 23.15 -2.91
N LEU B 379 4.64 24.14 -2.51
CA LEU B 379 4.13 25.48 -2.27
C LEU B 379 4.02 26.29 -3.56
N GLY B 380 4.87 26.03 -4.54
CA GLY B 380 4.86 26.79 -5.77
C GLY B 380 3.73 26.42 -6.73
N ASN B 381 3.42 25.12 -6.82
CA ASN B 381 2.39 24.64 -7.73
C ASN B 381 1.13 24.18 -7.04
N ALA B 382 1.10 24.11 -5.70
CA ALA B 382 -0.14 23.85 -4.98
C ALA B 382 -0.20 24.78 -3.76
N THR B 383 -0.58 24.28 -2.58
CA THR B 383 -0.75 25.13 -1.41
C THR B 383 0.12 24.67 -0.24
N GLY B 384 1.19 23.92 -0.52
CA GLY B 384 2.00 23.41 0.57
C GLY B 384 1.25 22.41 1.42
N HIS B 385 1.73 22.26 2.66
CA HIS B 385 1.16 21.25 3.54
C HIS B 385 -0.25 21.64 3.96
N PRO B 386 -1.08 20.67 4.31
CA PRO B 386 -2.43 20.98 4.77
C PRO B 386 -2.46 21.50 6.19
N SER B 387 -3.55 22.19 6.51
CA SER B 387 -3.70 22.86 7.80
C SER B 387 -3.46 21.89 8.97
N ARG B 388 -4.03 20.68 8.89
CA ARG B 388 -3.96 19.80 10.05
C ARG B 388 -2.54 19.32 10.30
N ILE B 389 -1.69 19.31 9.28
CA ILE B 389 -0.28 19.01 9.48
C ILE B 389 0.47 20.25 9.99
N MET B 390 0.22 21.42 9.40
CA MET B 390 0.92 22.63 9.83
C MET B 390 0.54 23.03 11.25
N ASP B 391 -0.61 22.54 11.73
CA ASP B 391 -1.01 22.66 13.13
C ASP B 391 0.15 22.34 14.07
N GLY B 392 0.83 21.21 13.82
CA GLY B 392 1.89 20.78 14.71
C GLY B 392 3.09 21.70 14.66
N SER B 393 3.56 22.00 13.44
CA SER B 393 4.70 22.91 13.29
C SER B 393 4.43 24.25 13.95
N PHE B 394 3.22 24.78 13.76
CA PHE B 394 2.99 26.15 14.16
C PHE B 394 2.61 26.27 15.64
N ALA B 395 2.04 25.20 16.22
CA ALA B 395 1.96 25.13 17.67
C ALA B 395 3.34 25.20 18.30
N ASN B 396 4.31 24.46 17.74
CA ASN B 396 5.69 24.55 18.23
C ASN B 396 6.25 25.95 18.07
N GLN B 397 6.01 26.58 16.92
CA GLN B 397 6.50 27.95 16.71
C GLN B 397 6.00 28.89 17.80
N VAL B 398 4.71 28.82 18.11
CA VAL B 398 4.12 29.68 19.13
C VAL B 398 4.78 29.44 20.48
N LEU B 399 4.91 28.17 20.87
CA LEU B 399 5.54 27.84 22.14
C LEU B 399 7.01 28.29 22.17
N ALA B 400 7.70 28.17 21.03
CA ALA B 400 9.09 28.61 20.96
C ALA B 400 9.22 30.13 21.11
N GLN B 401 8.33 30.88 20.45
CA GLN B 401 8.30 32.32 20.62
C GLN B 401 8.08 32.70 22.07
N ILE B 402 7.07 32.11 22.71
CA ILE B 402 6.83 32.38 24.12
C ILE B 402 8.08 32.11 24.95
N HIS B 403 8.72 30.96 24.74
CA HIS B 403 9.85 30.59 25.57
C HIS B 403 10.99 31.59 25.46
N LEU B 404 11.42 31.91 24.22
CA LEU B 404 12.54 32.83 24.07
C LEU B 404 12.17 34.26 24.46
N PHE B 405 10.92 34.68 24.17
CA PHE B 405 10.52 36.02 24.58
C PHE B 405 10.54 36.16 26.10
N GLU B 406 10.09 35.12 26.80
CA GLU B 406 10.08 35.17 28.26
C GLU B 406 11.49 35.08 28.85
N GLN B 407 12.44 34.48 28.12
CA GLN B 407 13.81 34.41 28.62
CA GLN B 407 13.79 34.42 28.66
C GLN B 407 14.48 35.78 28.61
N LYS B 408 14.09 36.66 27.69
CA LYS B 408 14.58 38.04 27.64
C LYS B 408 16.11 38.12 27.48
N TYR B 409 16.66 37.32 26.57
CA TYR B 409 18.11 37.29 26.37
C TYR B 409 18.71 38.68 26.17
N ALA B 410 18.03 39.55 25.42
CA ALA B 410 18.61 40.86 25.10
C ALA B 410 18.87 41.70 26.35
N ASP B 411 18.15 41.43 27.44
CA ASP B 411 18.29 42.18 28.68
C ASP B 411 19.28 41.56 29.66
N LEU B 412 19.87 40.40 29.33
CA LEU B 412 20.80 39.76 30.25
C LEU B 412 22.16 40.45 30.24
N PRO B 413 22.91 40.39 31.35
CA PRO B 413 24.30 40.80 31.33
C PRO B 413 25.13 39.98 30.36
N ALA B 414 26.26 40.57 29.94
CA ALA B 414 27.14 39.92 28.96
C ALA B 414 27.52 38.50 29.40
N ALA B 415 27.87 38.32 30.68
CA ALA B 415 28.27 37.00 31.15
C ALA B 415 27.12 36.00 31.07
N GLU B 416 25.89 36.45 31.31
CA GLU B 416 24.75 35.53 31.24
C GLU B 416 24.35 35.23 29.82
N LYS B 417 24.53 36.20 28.92
CA LYS B 417 24.30 35.95 27.50
C LYS B 417 25.17 34.80 27.00
N ALA B 418 26.45 34.81 27.37
CA ALA B 418 27.37 33.77 26.91
C ALA B 418 26.91 32.39 27.34
N LYS B 419 26.34 32.29 28.55
CA LYS B 419 25.84 30.99 29.01
C LYS B 419 24.56 30.56 28.31
N ARG B 420 23.90 31.47 27.59
CA ARG B 420 22.60 31.18 27.00
C ARG B 420 22.59 31.20 25.47
N LEU B 421 23.71 31.52 24.84
CA LEU B 421 23.78 31.64 23.38
C LEU B 421 23.89 30.23 22.80
N SER B 422 22.76 29.70 22.33
CA SER B 422 22.73 28.32 21.88
C SER B 422 21.59 28.16 20.88
N VAL B 423 21.60 27.01 20.21
CA VAL B 423 20.47 26.56 19.38
C VAL B 423 19.91 25.32 20.07
N GLU B 424 18.68 25.41 20.56
CA GLU B 424 18.07 24.36 21.37
C GLU B 424 16.77 23.90 20.74
N VAL B 425 16.29 22.76 21.19
CA VAL B 425 14.97 22.27 20.82
C VAL B 425 14.03 22.46 22.02
N LEU B 426 12.73 22.37 21.75
CA LEU B 426 11.74 22.38 22.83
C LEU B 426 11.79 21.07 23.60
N PRO B 427 11.44 21.11 24.90
CA PRO B 427 11.45 19.88 25.70
C PRO B 427 10.41 18.87 25.22
N LYS B 428 10.67 17.61 25.54
CA LYS B 428 9.82 16.52 25.03
C LYS B 428 8.39 16.63 25.55
N LYS B 429 8.19 17.12 26.78
CA LYS B 429 6.83 17.24 27.31
C LYS B 429 5.95 18.12 26.42
N LEU B 430 6.47 19.27 25.97
CA LEU B 430 5.76 20.11 25.02
C LEU B 430 5.46 19.36 23.72
N ASP B 431 6.48 18.68 23.18
CA ASP B 431 6.29 17.90 21.96
C ASP B 431 5.14 16.91 22.12
N GLU B 432 5.06 16.24 23.27
CA GLU B 432 3.99 15.27 23.52
C GLU B 432 2.63 15.96 23.66
N GLU B 433 2.59 17.11 24.32
CA GLU B 433 1.31 17.80 24.50
C GLU B 433 0.78 18.35 23.18
N VAL B 434 1.67 18.80 22.28
CA VAL B 434 1.24 19.13 20.92
C VAL B 434 0.68 17.89 20.23
N ALA B 435 1.40 16.77 20.30
CA ALA B 435 0.95 15.54 19.65
C ALA B 435 -0.42 15.11 20.17
N LEU B 436 -0.65 15.26 21.49
CA LEU B 436 -1.93 14.83 22.05
C LEU B 436 -3.08 15.62 21.46
N GLU B 437 -2.91 16.93 21.29
CA GLU B 437 -3.96 17.73 20.67
C GLU B 437 -4.16 17.32 19.22
N MET B 438 -3.08 17.00 18.51
CA MET B 438 -3.24 16.51 17.14
C MET B 438 -4.04 15.22 17.10
N VAL B 439 -3.71 14.27 17.98
CA VAL B 439 -4.41 12.99 18.02
C VAL B 439 -5.89 13.17 18.33
N LYS B 440 -6.21 14.01 19.31
CA LYS B 440 -7.60 14.31 19.61
C LYS B 440 -8.31 14.92 18.40
N GLY B 441 -7.57 15.60 17.53
CA GLY B 441 -8.18 16.17 16.35
C GLY B 441 -8.63 15.10 15.36
N PHE B 442 -7.95 13.96 15.35
CA PHE B 442 -8.39 12.80 14.59
C PHE B 442 -9.47 11.99 15.30
N GLY B 443 -9.84 12.36 16.52
CA GLY B 443 -10.73 11.57 17.35
C GLY B 443 -10.06 10.37 17.99
N GLY B 444 -8.73 10.32 17.96
CA GLY B 444 -8.03 9.23 18.60
C GLY B 444 -8.08 9.34 20.11
N VAL B 445 -8.00 8.18 20.76
CA VAL B 445 -8.09 8.08 22.22
C VAL B 445 -6.80 7.46 22.73
N VAL B 446 -6.00 8.26 23.43
CA VAL B 446 -4.75 7.79 24.03
C VAL B 446 -5.08 7.07 25.34
N THR B 447 -4.42 5.94 25.58
CA THR B 447 -4.62 5.21 26.82
C THR B 447 -3.78 5.83 27.93
N GLN B 448 -4.32 5.81 29.16
CA GLN B 448 -3.58 6.27 30.32
C GLN B 448 -2.96 5.09 31.04
N LEU B 449 -1.65 5.18 31.33
CA LEU B 449 -0.99 4.16 32.13
C LEU B 449 -1.58 4.07 33.53
N THR B 450 -1.63 2.85 34.07
CA THR B 450 -1.88 2.68 35.50
C THR B 450 -0.61 3.02 36.27
N PRO B 451 -0.73 3.30 37.58
CA PRO B 451 0.48 3.49 38.39
C PRO B 451 1.45 2.31 38.30
N LYS B 452 0.93 1.09 38.35
CA LYS B 452 1.78 -0.10 38.25
C LYS B 452 2.51 -0.14 36.90
N GLN B 453 1.82 0.23 35.82
CA GLN B 453 2.45 0.18 34.50
C GLN B 453 3.48 1.27 34.33
N ALA B 454 3.20 2.48 34.82
CA ALA B 454 4.17 3.56 34.77
C ALA B 454 5.43 3.21 35.57
N GLU B 455 5.25 2.61 36.74
CA GLU B 455 6.42 2.15 37.49
C GLU B 455 7.16 1.04 36.75
N TYR B 456 6.41 0.16 36.06
CA TYR B 456 7.05 -0.98 35.40
C TYR B 456 8.02 -0.54 34.32
N ILE B 457 7.66 0.46 33.51
CA ILE B 457 8.53 0.94 32.46
C ILE B 457 9.31 2.18 32.87
N GLY B 458 9.12 2.66 34.09
CA GLY B 458 9.91 3.74 34.65
C GLY B 458 9.61 5.12 34.08
N VAL B 459 8.34 5.46 33.90
CA VAL B 459 7.93 6.79 33.46
C VAL B 459 6.86 7.32 34.41
N SER B 460 6.68 8.64 34.36
CA SER B 460 5.52 9.27 34.99
C SER B 460 4.28 9.01 34.15
N VAL B 461 3.13 8.95 34.81
CA VAL B 461 1.87 8.70 34.11
C VAL B 461 1.57 9.80 33.10
N GLU B 462 1.96 11.04 33.39
CA GLU B 462 1.73 12.14 32.46
C GLU B 462 2.84 12.31 31.43
N GLY B 463 3.88 11.48 31.48
CA GLY B 463 5.01 11.63 30.59
C GLY B 463 6.06 12.58 31.17
N PRO B 464 7.17 12.78 30.45
CA PRO B 464 7.47 12.21 29.12
C PRO B 464 7.60 10.69 29.10
N PHE B 465 7.29 10.08 27.96
CA PHE B 465 7.22 8.62 27.90
C PHE B 465 8.47 7.98 27.29
N LYS B 466 9.34 8.76 26.68
CA LYS B 466 10.54 8.25 26.03
C LYS B 466 11.76 9.02 26.52
N PRO B 467 12.94 8.40 26.52
CA PRO B 467 14.15 9.17 26.78
C PRO B 467 14.42 10.12 25.62
N ASP B 468 15.23 11.14 25.89
CA ASP B 468 15.54 12.11 24.84
C ASP B 468 16.25 11.47 23.65
N THR B 469 16.91 10.32 23.85
CA THR B 469 17.58 9.61 22.77
C THR B 469 16.61 8.90 21.82
N TYR B 470 15.33 8.76 22.17
CA TYR B 470 14.43 7.96 21.35
C TYR B 470 14.20 8.58 19.97
N ARG B 471 14.17 7.73 18.93
CA ARG B 471 14.07 8.24 17.55
C ARG B 471 12.68 8.12 16.93
N TYR B 472 11.76 7.38 17.54
CA TYR B 472 10.41 7.21 16.97
C TYR B 472 10.49 6.66 15.55
N PHE C 13 33.44 -34.88 21.73
CA PHE C 13 32.76 -33.70 22.24
C PHE C 13 31.39 -34.04 22.81
N THR C 14 31.16 -33.69 24.08
CA THR C 14 29.88 -33.94 24.74
C THR C 14 29.39 -32.74 25.53
N ASP C 15 30.01 -31.57 25.36
CA ASP C 15 29.72 -30.40 26.20
C ASP C 15 28.62 -29.57 25.54
N TYR C 16 27.40 -30.13 25.57
CA TYR C 16 26.25 -29.49 24.94
C TYR C 16 25.00 -30.27 25.34
N LYS C 17 23.84 -29.68 25.06
CA LYS C 17 22.60 -30.43 25.12
C LYS C 17 21.60 -29.83 24.15
N VAL C 18 21.19 -30.62 23.15
CA VAL C 18 20.27 -30.17 22.13
C VAL C 18 19.16 -31.22 21.98
N ALA C 19 18.16 -30.89 21.16
CA ALA C 19 17.03 -31.79 20.99
C ALA C 19 17.42 -33.04 20.21
N ASP C 20 18.21 -32.88 19.15
CA ASP C 20 18.55 -34.00 18.28
C ASP C 20 19.79 -33.62 17.49
N ILE C 21 20.94 -34.20 17.87
CA ILE C 21 22.19 -33.88 17.21
C ILE C 21 22.19 -34.28 15.74
N THR C 22 21.32 -35.23 15.35
CA THR C 22 21.31 -35.69 13.97
C THR C 22 20.73 -34.66 13.01
N LEU C 23 20.14 -33.57 13.52
CA LEU C 23 19.68 -32.48 12.66
C LEU C 23 20.81 -31.56 12.22
N ALA C 24 22.05 -31.89 12.59
CA ALA C 24 23.18 -30.98 12.35
C ALA C 24 23.38 -30.72 10.87
N ALA C 25 23.36 -31.77 10.05
CA ALA C 25 23.56 -31.60 8.61
C ALA C 25 22.52 -30.65 8.02
N TRP C 26 21.26 -30.80 8.44
CA TRP C 26 20.21 -29.90 8.00
C TRP C 26 20.51 -28.46 8.43
N GLY C 27 20.88 -28.27 9.69
CA GLY C 27 21.20 -26.92 10.15
C GLY C 27 22.37 -26.31 9.40
N ARG C 28 23.37 -27.14 9.08
CA ARG C 28 24.54 -26.65 8.34
C ARG C 28 24.16 -26.22 6.93
N ARG C 29 23.24 -26.94 6.28
CA ARG C 29 22.75 -26.47 5.00
C ARG C 29 22.10 -25.10 5.13
N GLU C 30 21.28 -24.91 6.17
CA GLU C 30 20.63 -23.61 6.32
C GLU C 30 21.60 -22.53 6.76
N LEU C 31 22.68 -22.88 7.47
CA LEU C 31 23.67 -21.87 7.82
C LEU C 31 24.43 -21.40 6.58
N ILE C 32 24.70 -22.32 5.64
CA ILE C 32 25.40 -21.94 4.42
C ILE C 32 24.56 -20.97 3.60
N ILE C 33 23.23 -21.21 3.54
CA ILE C 33 22.32 -20.27 2.89
C ILE C 33 22.28 -18.94 3.64
N ALA C 34 22.18 -19.00 4.98
CA ALA C 34 22.07 -17.77 5.76
C ALA C 34 23.30 -16.88 5.58
N GLU C 35 24.48 -17.49 5.46
CA GLU C 35 25.69 -16.72 5.26
C GLU C 35 25.58 -15.84 4.01
N SER C 36 24.99 -16.36 2.94
CA SER C 36 24.79 -15.59 1.73
C SER C 36 23.75 -14.48 1.89
N GLU C 37 22.98 -14.50 2.97
CA GLU C 37 21.98 -13.47 3.26
C GLU C 37 22.47 -12.46 4.28
N MET C 38 23.69 -12.60 4.79
CA MET C 38 24.19 -11.76 5.87
C MET C 38 25.52 -11.13 5.48
N PRO C 39 25.50 -10.19 4.53
CA PRO C 39 26.76 -9.65 4.02
C PRO C 39 27.55 -8.84 5.04
N ALA C 40 26.87 -8.10 5.93
CA ALA C 40 27.61 -7.32 6.93
C ALA C 40 28.38 -8.24 7.86
N LEU C 41 27.71 -9.26 8.38
CA LEU C 41 28.34 -10.22 9.26
C LEU C 41 29.47 -10.96 8.55
N MET C 42 29.20 -11.44 7.31
N MET C 42 29.22 -11.43 7.32
CA MET C 42 30.24 -12.12 6.54
CA MET C 42 30.27 -12.14 6.60
C MET C 42 31.41 -11.19 6.26
C MET C 42 31.41 -11.21 6.19
N GLY C 43 31.12 -9.92 5.97
CA GLY C 43 32.19 -8.97 5.73
C GLY C 43 33.07 -8.77 6.96
N LEU C 44 32.48 -8.85 8.15
CA LEU C 44 33.30 -8.78 9.36
C LEU C 44 34.23 -9.99 9.48
N ARG C 45 33.73 -11.19 9.16
CA ARG C 45 34.59 -12.37 9.13
C ARG C 45 35.79 -12.15 8.23
N ARG C 46 35.56 -11.70 7.00
CA ARG C 46 36.66 -11.62 6.06
C ARG C 46 37.68 -10.58 6.51
N LYS C 47 37.20 -9.49 7.08
CA LYS C 47 38.07 -8.35 7.32
C LYS C 47 38.81 -8.45 8.65
N TYR C 48 38.27 -9.17 9.63
CA TYR C 48 38.94 -9.35 10.90
C TYR C 48 39.55 -10.73 11.11
N ALA C 49 39.37 -11.67 10.16
CA ALA C 49 39.93 -13.01 10.33
C ALA C 49 41.44 -12.96 10.53
N GLY C 50 42.13 -12.10 9.79
CA GLY C 50 43.57 -12.01 9.95
C GLY C 50 43.97 -11.46 11.30
N GLN C 51 43.32 -10.39 11.75
CA GLN C 51 43.68 -9.78 13.02
C GLN C 51 43.36 -10.69 14.20
N GLN C 52 42.27 -11.46 14.12
CA GLN C 52 41.78 -12.23 15.25
C GLN C 52 41.54 -11.33 16.46
N PRO C 53 40.68 -10.31 16.34
CA PRO C 53 40.51 -9.35 17.44
C PRO C 53 39.93 -9.95 18.70
N LEU C 54 39.28 -11.12 18.62
CA LEU C 54 38.66 -11.77 19.75
C LEU C 54 39.48 -12.95 20.27
N LYS C 55 40.73 -13.10 19.82
CA LYS C 55 41.62 -14.11 20.37
C LYS C 55 41.78 -13.88 21.87
N GLY C 56 41.43 -14.89 22.66
CA GLY C 56 41.44 -14.77 24.11
C GLY C 56 40.11 -14.44 24.72
N ALA C 57 39.12 -14.02 23.91
CA ALA C 57 37.80 -13.77 24.44
C ALA C 57 37.12 -15.09 24.81
N LYS C 58 36.40 -15.08 25.93
CA LYS C 58 35.57 -16.20 26.34
C LYS C 58 34.18 -15.65 26.63
N ILE C 59 33.27 -15.83 25.68
CA ILE C 59 32.00 -15.12 25.66
C ILE C 59 30.90 -16.04 26.18
N LEU C 60 30.18 -15.58 27.20
CA LEU C 60 28.90 -16.17 27.59
C LEU C 60 27.82 -15.52 26.73
N GLY C 61 27.09 -16.33 25.98
CA GLY C 61 26.05 -15.83 25.09
C GLY C 61 24.68 -16.38 25.44
N CYS C 62 23.68 -15.49 25.46
CA CYS C 62 22.29 -15.89 25.73
C CYS C 62 21.36 -15.16 24.77
N ILE C 63 21.03 -15.81 23.65
CA ILE C 63 20.11 -15.25 22.68
C ILE C 63 19.52 -16.39 21.86
N HIS C 64 18.26 -16.22 21.48
CA HIS C 64 17.50 -17.14 20.64
C HIS C 64 18.41 -17.97 19.74
N MET C 65 18.46 -19.28 19.97
CA MET C 65 19.37 -20.17 19.25
C MET C 65 18.78 -20.52 17.88
N THR C 66 18.76 -19.52 17.02
CA THR C 66 18.25 -19.63 15.65
C THR C 66 19.40 -19.86 14.69
N ILE C 67 19.04 -20.06 13.41
CA ILE C 67 20.04 -20.14 12.36
C ILE C 67 20.83 -18.83 12.30
N GLN C 68 20.14 -17.71 12.47
CA GLN C 68 20.81 -16.42 12.40
C GLN C 68 21.83 -16.27 13.53
N THR C 69 21.47 -16.73 14.73
CA THR C 69 22.40 -16.71 15.85
C THR C 69 23.58 -17.64 15.61
N GLY C 70 23.37 -18.73 14.88
CA GLY C 70 24.48 -19.59 14.52
C GLY C 70 25.53 -18.86 13.69
N VAL C 71 25.09 -18.00 12.76
CA VAL C 71 26.06 -17.26 11.96
C VAL C 71 26.80 -16.25 12.82
N LEU C 72 26.10 -15.61 13.76
CA LEU C 72 26.76 -14.75 14.74
C LEU C 72 27.78 -15.53 15.56
N ILE C 73 27.37 -16.69 16.09
CA ILE C 73 28.28 -17.49 16.92
C ILE C 73 29.53 -17.83 16.13
N GLU C 74 29.37 -18.30 14.89
CA GLU C 74 30.53 -18.72 14.13
C GLU C 74 31.36 -17.54 13.65
N THR C 75 30.77 -16.34 13.57
CA THR C 75 31.57 -15.15 13.31
C THR C 75 32.46 -14.84 14.51
N LEU C 76 31.90 -14.86 15.72
CA LEU C 76 32.71 -14.63 16.92
C LEU C 76 33.83 -15.65 17.02
N VAL C 77 33.52 -16.92 16.73
CA VAL C 77 34.54 -17.97 16.77
C VAL C 77 35.59 -17.74 15.69
N ALA C 78 35.16 -17.39 14.48
CA ALA C 78 36.11 -17.15 13.40
C ALA C 78 37.07 -16.00 13.70
N LEU C 79 36.69 -15.09 14.59
CA LEU C 79 37.53 -13.97 14.97
C LEU C 79 38.36 -14.24 16.21
N GLY C 80 38.34 -15.47 16.72
CA GLY C 80 39.21 -15.89 17.80
C GLY C 80 38.52 -16.27 19.09
N ALA C 81 37.22 -16.02 19.25
CA ALA C 81 36.59 -16.20 20.55
C ALA C 81 36.27 -17.67 20.84
N GLU C 82 36.23 -18.00 22.14
CA GLU C 82 35.50 -19.16 22.64
C GLU C 82 34.16 -18.70 23.20
N VAL C 83 33.14 -19.55 23.08
CA VAL C 83 31.80 -19.20 23.55
C VAL C 83 31.16 -20.40 24.26
N ARG C 84 30.17 -20.08 25.09
CA ARG C 84 29.23 -21.06 25.65
C ARG C 84 27.86 -20.43 25.56
N TRP C 85 26.89 -21.15 24.98
CA TRP C 85 25.69 -20.50 24.46
C TRP C 85 24.41 -21.13 25.00
N SER C 86 23.39 -20.28 25.15
CA SER C 86 22.04 -20.71 25.49
C SER C 86 21.06 -19.79 24.78
N SER C 87 19.81 -20.25 24.70
CA SER C 87 18.75 -19.42 24.14
C SER C 87 18.20 -18.50 25.24
N CYS C 88 17.59 -17.41 24.81
CA CYS C 88 16.95 -16.48 25.74
C CYS C 88 15.43 -16.61 25.74
N ASN C 89 14.88 -17.69 25.18
CA ASN C 89 13.46 -17.94 25.24
C ASN C 89 13.19 -19.43 25.06
N ILE C 90 12.20 -19.96 25.80
CA ILE C 90 11.92 -21.39 25.81
C ILE C 90 11.43 -21.92 24.46
N PHE C 91 10.93 -21.06 23.57
CA PHE C 91 10.31 -21.49 22.32
C PHE C 91 11.05 -21.03 21.07
N SER C 92 12.12 -20.27 21.22
CA SER C 92 12.73 -19.59 20.08
C SER C 92 13.82 -20.41 19.39
N THR C 93 14.31 -21.47 20.01
CA THR C 93 15.41 -22.22 19.41
C THR C 93 14.93 -22.93 18.14
N GLN C 94 15.77 -22.91 17.11
CA GLN C 94 15.62 -23.79 15.96
C GLN C 94 16.50 -25.00 16.21
N ASP C 95 15.89 -26.18 16.36
CA ASP C 95 16.65 -27.35 16.80
C ASP C 95 17.75 -27.72 15.82
N GLN C 96 17.57 -27.44 14.53
CA GLN C 96 18.63 -27.77 13.58
C GLN C 96 19.80 -26.80 13.69
N ALA C 97 19.54 -25.55 14.08
CA ALA C 97 20.65 -24.62 14.32
C ALA C 97 21.48 -25.03 15.52
N ALA C 98 20.81 -25.37 16.64
CA ALA C 98 21.55 -25.77 17.83
C ALA C 98 22.39 -27.02 17.56
N ALA C 99 21.81 -28.01 16.88
CA ALA C 99 22.56 -29.21 16.53
C ALA C 99 23.80 -28.87 15.71
N ALA C 100 23.66 -27.99 14.71
CA ALA C 100 24.80 -27.67 13.86
C ALA C 100 25.92 -27.00 14.65
N ILE C 101 25.56 -26.16 15.63
CA ILE C 101 26.56 -25.51 16.45
C ILE C 101 27.23 -26.52 17.37
N ALA C 102 26.42 -27.39 17.99
CA ALA C 102 26.99 -28.45 18.83
C ALA C 102 27.90 -29.37 18.02
N ALA C 103 27.48 -29.72 16.80
CA ALA C 103 28.28 -30.62 15.98
C ALA C 103 29.60 -29.99 15.56
N ALA C 104 29.66 -28.66 15.53
CA ALA C 104 30.89 -27.95 15.25
C ALA C 104 31.82 -27.87 16.47
N GLY C 105 31.45 -28.55 17.56
CA GLY C 105 32.28 -28.52 18.75
C GLY C 105 32.13 -27.31 19.63
N ILE C 106 31.02 -26.60 19.53
CA ILE C 106 30.78 -25.38 20.29
C ILE C 106 29.77 -25.70 21.39
N PRO C 107 30.07 -25.44 22.65
CA PRO C 107 29.10 -25.72 23.73
C PRO C 107 27.85 -24.88 23.58
N VAL C 108 26.70 -25.55 23.53
CA VAL C 108 25.40 -24.88 23.41
C VAL C 108 24.37 -25.72 24.15
N PHE C 109 23.42 -25.05 24.79
CA PHE C 109 22.39 -25.72 25.59
C PHE C 109 21.06 -25.03 25.27
N ALA C 110 20.27 -25.66 24.40
CA ALA C 110 19.08 -25.00 23.85
C ALA C 110 18.26 -25.98 23.01
N TRP C 111 16.95 -25.97 23.23
CA TRP C 111 16.02 -26.67 22.34
C TRP C 111 14.69 -25.95 22.36
N LYS C 112 13.86 -26.24 21.34
CA LYS C 112 12.54 -25.64 21.25
C LYS C 112 11.58 -26.37 22.16
N GLY C 113 10.89 -25.62 23.02
CA GLY C 113 9.98 -26.23 23.98
C GLY C 113 10.57 -26.52 25.34
N GLU C 114 11.52 -25.72 25.81
CA GLU C 114 12.04 -25.89 27.16
C GLU C 114 10.99 -25.55 28.20
N THR C 115 11.10 -26.17 29.37
CA THR C 115 10.36 -25.70 30.54
C THR C 115 11.10 -24.52 31.15
N GLU C 116 10.40 -23.78 32.02
CA GLU C 116 11.05 -22.67 32.72
C GLU C 116 12.27 -23.16 33.50
N GLU C 117 12.16 -24.34 34.10
CA GLU C 117 13.27 -24.90 34.85
C GLU C 117 14.40 -25.32 33.92
N GLU C 118 14.07 -25.86 32.76
CA GLU C 118 15.10 -26.24 31.79
C GLU C 118 15.79 -25.00 31.23
N TYR C 119 15.02 -23.92 31.02
CA TYR C 119 15.58 -22.67 30.54
C TYR C 119 16.64 -22.14 31.50
N GLU C 120 16.36 -22.17 32.80
CA GLU C 120 17.32 -21.73 33.79
C GLU C 120 18.54 -22.66 33.83
N TRP C 121 18.30 -23.96 33.74
CA TRP C 121 19.39 -24.93 33.73
C TRP C 121 20.34 -24.69 32.56
N CYS C 122 19.80 -24.34 31.38
CA CYS C 122 20.63 -24.14 30.20
C CYS C 122 21.58 -22.96 30.40
N ILE C 123 21.07 -21.83 30.91
CA ILE C 123 21.93 -20.69 31.19
C ILE C 123 23.04 -21.09 32.17
N GLU C 124 22.68 -21.86 33.20
CA GLU C 124 23.67 -22.31 34.17
CA GLU C 124 23.68 -22.29 34.16
C GLU C 124 24.73 -23.19 33.52
N GLN C 125 24.37 -23.93 32.47
CA GLN C 125 25.34 -24.79 31.81
C GLN C 125 26.37 -23.99 31.01
N THR C 126 26.03 -22.78 30.57
CA THR C 126 27.07 -21.94 29.97
C THR C 126 27.95 -21.32 31.04
N ILE C 127 27.35 -20.93 32.17
CA ILE C 127 28.11 -20.28 33.24
C ILE C 127 29.12 -21.26 33.83
N LEU C 128 28.72 -22.51 34.00
CA LEU C 128 29.56 -23.53 34.62
C LEU C 128 30.17 -24.44 33.56
N LYS C 129 31.45 -24.73 33.73
CA LYS C 129 32.12 -25.78 32.95
C LYS C 129 32.80 -26.73 33.93
N ASP C 130 32.46 -28.01 33.84
CA ASP C 130 32.98 -29.03 34.75
C ASP C 130 32.68 -28.64 36.21
N GLY C 131 31.43 -28.27 36.47
CA GLY C 131 30.96 -28.05 37.82
C GLY C 131 31.54 -26.81 38.48
N GLN C 132 32.31 -26.03 37.73
CA GLN C 132 32.99 -24.85 38.24
C GLN C 132 32.69 -23.68 37.33
N PRO C 133 32.83 -22.45 37.84
CA PRO C 133 32.66 -21.28 36.98
C PRO C 133 33.67 -21.29 35.85
N TRP C 134 33.17 -21.18 34.63
CA TRP C 134 34.03 -20.95 33.48
C TRP C 134 34.75 -19.61 33.62
N ASP C 135 35.95 -19.53 33.06
CA ASP C 135 36.73 -18.28 33.09
C ASP C 135 36.27 -17.34 31.96
N ALA C 136 34.99 -16.99 32.03
CA ALA C 136 34.43 -16.04 31.07
C ALA C 136 35.02 -14.65 31.27
N ASN C 137 35.06 -13.88 30.17
CA ASN C 137 35.50 -12.49 30.26
C ASN C 137 34.67 -11.55 29.39
N MET C 138 33.62 -12.04 28.72
CA MET C 138 32.70 -11.22 27.93
C MET C 138 31.31 -11.81 28.04
N VAL C 139 30.30 -10.94 27.93
CA VAL C 139 28.90 -11.35 28.01
C VAL C 139 28.14 -10.79 26.81
N LEU C 140 27.39 -11.66 26.13
CA LEU C 140 26.46 -11.25 25.07
C LEU C 140 25.07 -11.72 25.49
N ASP C 141 24.12 -10.78 25.57
CA ASP C 141 22.84 -11.05 26.22
C ASP C 141 21.69 -10.46 25.40
N ASP C 142 20.49 -11.05 25.53
CA ASP C 142 19.29 -10.62 24.82
C ASP C 142 18.11 -10.68 25.79
N GLY C 143 17.84 -9.57 26.47
CA GLY C 143 16.76 -9.49 27.43
C GLY C 143 17.22 -9.30 28.85
N GLY C 144 18.49 -9.58 29.14
CA GLY C 144 19.06 -9.32 30.46
C GLY C 144 18.99 -10.46 31.44
N ASP C 145 18.47 -11.63 31.04
CA ASP C 145 18.36 -12.74 31.99
C ASP C 145 19.74 -13.24 32.43
N LEU C 146 20.63 -13.48 31.47
CA LEU C 146 21.98 -13.90 31.82
C LEU C 146 22.69 -12.84 32.66
N THR C 147 22.57 -11.56 32.26
CA THR C 147 23.13 -10.46 33.04
C THR C 147 22.59 -10.48 34.46
N GLU C 148 21.29 -10.70 34.62
CA GLU C 148 20.68 -10.68 35.94
C GLU C 148 21.19 -11.84 36.79
N ILE C 149 21.31 -13.03 36.21
CA ILE C 149 21.79 -14.19 36.97
C ILE C 149 23.23 -13.99 37.41
N LEU C 150 24.06 -13.42 36.54
CA LEU C 150 25.45 -13.17 36.91
C LEU C 150 25.54 -12.18 38.08
N HIS C 151 24.77 -11.10 38.03
CA HIS C 151 24.85 -10.11 39.10
C HIS C 151 24.32 -10.65 40.42
N LYS C 152 23.24 -11.43 40.38
CA LYS C 152 22.63 -11.89 41.62
C LYS C 152 23.34 -13.12 42.18
N LYS C 153 23.57 -14.14 41.34
CA LYS C 153 24.04 -15.43 41.82
C LYS C 153 25.55 -15.64 41.68
N TYR C 154 26.18 -15.08 40.64
CA TYR C 154 27.62 -15.26 40.43
C TYR C 154 28.33 -13.91 40.35
N PRO C 155 28.20 -13.05 41.38
CA PRO C 155 28.80 -11.71 41.27
C PRO C 155 30.31 -11.73 41.15
N GLN C 156 30.99 -12.75 41.68
CA GLN C 156 32.45 -12.77 41.60
C GLN C 156 32.93 -12.98 40.17
N MET C 157 32.19 -13.75 39.36
CA MET C 157 32.57 -13.90 37.96
C MET C 157 32.66 -12.56 37.25
N LEU C 158 31.82 -11.60 37.64
CA LEU C 158 31.81 -10.30 36.99
C LEU C 158 33.10 -9.52 37.17
N GLU C 159 33.96 -9.94 38.10
CA GLU C 159 35.24 -9.29 38.28
C GLU C 159 36.24 -9.62 37.18
N ARG C 160 35.94 -10.61 36.34
CA ARG C 160 36.82 -10.99 35.24
C ARG C 160 36.31 -10.55 33.88
N ILE C 161 35.09 -10.01 33.81
CA ILE C 161 34.40 -9.76 32.55
C ILE C 161 34.63 -8.30 32.14
N HIS C 162 34.97 -8.10 30.86
CA HIS C 162 35.29 -6.78 30.38
C HIS C 162 34.06 -5.98 29.98
N GLY C 163 32.95 -6.64 29.65
CA GLY C 163 31.78 -5.91 29.20
C GLY C 163 30.62 -6.82 28.86
N ILE C 164 29.45 -6.18 28.71
CA ILE C 164 28.21 -6.81 28.27
C ILE C 164 27.75 -6.11 27.00
N THR C 165 27.24 -6.89 26.05
CA THR C 165 26.60 -6.33 24.85
C THR C 165 25.16 -6.83 24.80
N GLU C 166 24.21 -5.92 25.07
CA GLU C 166 22.79 -6.24 25.18
C GLU C 166 22.06 -5.90 23.88
N GLU C 167 21.14 -6.79 23.48
CA GLU C 167 20.54 -6.81 22.15
C GLU C 167 19.24 -6.02 22.04
N THR C 168 18.38 -6.04 23.06
CA THR C 168 17.00 -5.66 22.85
C THR C 168 16.56 -4.58 23.84
N THR C 169 15.41 -3.99 23.51
CA THR C 169 14.96 -2.79 24.22
C THR C 169 14.74 -3.07 25.70
N THR C 170 14.00 -4.14 26.02
CA THR C 170 13.77 -4.55 27.40
C THR C 170 15.08 -4.70 28.18
N GLY C 171 16.06 -5.38 27.60
CA GLY C 171 17.32 -5.59 28.31
C GLY C 171 18.09 -4.31 28.55
N VAL C 172 18.03 -3.38 27.58
CA VAL C 172 18.66 -2.08 27.78
C VAL C 172 18.00 -1.35 28.93
N HIS C 173 16.67 -1.39 29.00
CA HIS C 173 15.96 -0.78 30.12
C HIS C 173 16.47 -1.34 31.44
N ARG C 174 16.63 -2.67 31.53
CA ARG C 174 17.15 -3.27 32.76
C ARG C 174 18.57 -2.81 33.06
N LEU C 175 19.41 -2.71 32.03
CA LEU C 175 20.77 -2.22 32.23
C LEU C 175 20.78 -0.81 32.82
N LEU C 176 19.91 0.06 32.31
CA LEU C 176 19.89 1.44 32.80
C LEU C 176 19.38 1.52 34.23
N ASP C 177 18.40 0.69 34.59
CA ASP C 177 17.93 0.65 35.97
CA ASP C 177 17.94 0.67 35.97
C ASP C 177 19.06 0.25 36.92
N MET C 178 19.91 -0.68 36.48
CA MET C 178 21.05 -1.09 37.31
C MET C 178 22.07 0.03 37.43
N LEU C 179 22.31 0.75 36.33
CA LEU C 179 23.25 1.86 36.38
C LEU C 179 22.75 2.96 37.30
N LYS C 180 21.46 3.30 37.19
CA LYS C 180 20.86 4.31 38.06
C LYS C 180 20.96 3.89 39.52
N ASN C 181 20.84 2.59 39.80
CA ASN C 181 20.87 2.08 41.17
C ASN C 181 22.27 1.74 41.66
N GLY C 182 23.30 1.94 40.83
CA GLY C 182 24.65 1.65 41.25
C GLY C 182 24.96 0.18 41.42
N THR C 183 24.26 -0.69 40.70
CA THR C 183 24.44 -2.13 40.81
C THR C 183 24.99 -2.77 39.55
N LEU C 184 25.21 -2.00 38.49
CA LEU C 184 25.91 -2.51 37.32
C LEU C 184 27.41 -2.60 37.61
N LYS C 185 28.00 -3.78 37.34
CA LYS C 185 29.39 -4.05 37.73
C LYS C 185 30.37 -3.98 36.58
N VAL C 186 29.92 -4.02 35.33
CA VAL C 186 30.81 -3.93 34.18
C VAL C 186 30.19 -3.01 33.15
N PRO C 187 31.01 -2.43 32.27
CA PRO C 187 30.46 -1.55 31.24
C PRO C 187 29.71 -2.36 30.19
N ALA C 188 28.81 -1.67 29.49
CA ALA C 188 27.94 -2.32 28.52
C ALA C 188 27.75 -1.41 27.33
N ILE C 189 27.51 -2.03 26.17
CA ILE C 189 27.14 -1.32 24.96
C ILE C 189 25.68 -1.63 24.67
N ASN C 190 24.89 -0.58 24.49
CA ASN C 190 23.51 -0.68 24.02
C ASN C 190 23.54 -0.90 22.52
N VAL C 191 23.44 -2.17 22.11
CA VAL C 191 23.41 -2.52 20.69
C VAL C 191 22.07 -2.16 20.09
N ASN C 192 21.00 -2.14 20.89
CA ASN C 192 19.66 -1.94 20.37
C ASN C 192 19.55 -0.61 19.61
N ASP C 193 20.19 0.45 20.11
CA ASP C 193 19.96 1.79 19.60
C ASP C 193 20.97 2.22 18.53
N SER C 194 21.77 1.31 17.98
CA SER C 194 22.24 1.53 16.62
C SER C 194 21.03 1.65 15.72
N VAL C 195 21.10 2.54 14.73
CA VAL C 195 19.98 2.62 13.79
C VAL C 195 19.86 1.33 12.99
N THR C 196 20.99 0.73 12.61
CA THR C 196 20.94 -0.52 11.85
C THR C 196 20.49 -1.71 12.69
N LYS C 197 20.27 -1.49 13.98
CA LYS C 197 19.62 -2.50 14.81
C LYS C 197 18.17 -2.08 15.02
N SER C 198 17.94 -1.06 15.86
CA SER C 198 16.59 -0.65 16.22
C SER C 198 15.68 -0.50 15.00
N LYS C 199 16.06 0.37 14.06
CA LYS C 199 15.19 0.72 12.94
C LYS C 199 15.35 -0.21 11.76
N ASN C 200 15.75 -1.44 12.01
CA ASN C 200 15.90 -2.46 11.00
C ASN C 200 15.26 -3.72 11.58
N ASP C 201 15.91 -4.25 12.61
CA ASP C 201 15.39 -5.31 13.45
C ASP C 201 13.99 -5.05 14.01
N ASN C 202 13.89 -4.12 14.98
CA ASN C 202 12.67 -4.00 15.79
C ASN C 202 11.44 -3.71 14.95
N LYS C 203 11.59 -2.88 13.92
CA LYS C 203 10.48 -2.54 13.04
C LYS C 203 10.37 -3.55 11.89
N TYR C 204 11.37 -3.57 11.00
CA TYR C 204 11.23 -4.35 9.77
C TYR C 204 11.17 -5.84 10.07
N GLY C 205 11.90 -6.30 11.09
CA GLY C 205 11.88 -7.73 11.41
C GLY C 205 10.50 -8.22 11.78
N CYS C 206 9.77 -7.42 12.58
CA CYS C 206 8.42 -7.77 12.96
C CYS C 206 7.45 -7.63 11.80
N ARG C 207 7.74 -6.74 10.85
CA ARG C 207 6.90 -6.66 9.65
CA ARG C 207 6.89 -6.66 9.66
C ARG C 207 6.97 -7.96 8.86
N HIS C 208 8.16 -8.54 8.74
CA HIS C 208 8.31 -9.81 8.05
C HIS C 208 7.71 -10.96 8.84
N SER C 209 7.92 -11.00 10.16
CA SER C 209 7.71 -12.23 10.89
C SER C 209 6.40 -12.32 11.67
N LEU C 210 5.66 -11.21 11.87
CA LEU C 210 4.42 -11.31 12.63
C LEU C 210 3.33 -12.01 11.83
N ASN C 211 3.02 -11.53 10.62
CA ASN C 211 2.02 -12.22 9.83
CA ASN C 211 2.01 -12.21 9.84
C ASN C 211 2.47 -13.63 9.49
N ASP C 212 3.77 -13.83 9.33
CA ASP C 212 4.34 -15.16 9.12
C ASP C 212 3.93 -16.12 10.23
N ALA C 213 4.12 -15.71 11.49
CA ALA C 213 3.83 -16.56 12.63
C ALA C 213 2.33 -16.82 12.76
N ILE C 214 1.50 -15.80 12.50
CA ILE C 214 0.06 -15.98 12.62
C ILE C 214 -0.44 -16.97 11.56
N LYS C 215 0.06 -16.87 10.33
CA LYS C 215 -0.31 -17.82 9.29
C LYS C 215 0.12 -19.24 9.65
N ARG C 216 1.36 -19.43 10.12
CA ARG C 216 1.82 -20.78 10.45
C ARG C 216 1.02 -21.38 11.60
N GLY C 217 0.68 -20.57 12.61
CA GLY C 217 -0.08 -21.06 13.75
C GLY C 217 -1.54 -21.38 13.48
N THR C 218 -2.20 -20.56 12.67
CA THR C 218 -3.65 -20.64 12.49
C THR C 218 -4.10 -20.86 11.05
N ASP C 219 -3.27 -20.46 10.07
CA ASP C 219 -3.66 -20.40 8.66
C ASP C 219 -4.93 -19.59 8.43
N HIS C 220 -5.21 -18.62 9.32
CA HIS C 220 -6.35 -17.73 9.14
C HIS C 220 -6.09 -16.72 8.04
N LEU C 221 -7.11 -16.50 7.21
CA LEU C 221 -7.16 -15.30 6.39
C LEU C 221 -7.11 -14.07 7.29
N LEU C 222 -6.25 -13.11 6.94
CA LEU C 222 -6.18 -11.86 7.68
C LEU C 222 -6.92 -10.72 7.00
N SER C 223 -6.96 -10.72 5.67
CA SER C 223 -7.61 -9.67 4.91
C SER C 223 -9.07 -9.53 5.34
N GLY C 224 -9.49 -8.28 5.55
CA GLY C 224 -10.87 -7.99 5.85
C GLY C 224 -11.24 -8.11 7.31
N LYS C 225 -10.34 -8.64 8.15
CA LYS C 225 -10.59 -8.83 9.56
C LYS C 225 -10.02 -7.68 10.37
N GLN C 226 -10.45 -7.59 11.63
CA GLN C 226 -10.12 -6.45 12.50
C GLN C 226 -9.01 -6.81 13.47
N ALA C 227 -7.94 -6.00 13.50
CA ALA C 227 -6.84 -6.18 14.42
C ALA C 227 -6.75 -5.01 15.38
N LEU C 228 -6.30 -5.28 16.62
CA LEU C 228 -5.93 -4.24 17.58
C LEU C 228 -4.47 -4.49 17.94
N VAL C 229 -3.61 -3.54 17.59
CA VAL C 229 -2.21 -3.60 17.98
C VAL C 229 -2.02 -2.68 19.18
N ILE C 230 -1.56 -3.24 20.29
CA ILE C 230 -1.31 -2.46 21.50
C ILE C 230 0.16 -2.03 21.45
N GLY C 231 0.38 -0.74 21.28
CA GLY C 231 1.72 -0.18 21.18
C GLY C 231 2.06 0.22 19.76
N TYR C 232 2.90 1.26 19.64
CA TYR C 232 3.29 1.77 18.33
C TYR C 232 4.69 2.38 18.42
N GLY C 233 5.57 1.74 19.18
CA GLY C 233 7.00 1.91 19.08
C GLY C 233 7.50 1.20 17.85
N ASP C 234 8.78 0.84 17.84
CA ASP C 234 9.33 0.21 16.65
C ASP C 234 8.65 -1.14 16.37
N VAL C 235 8.46 -1.96 17.41
CA VAL C 235 7.81 -3.25 17.19
C VAL C 235 6.34 -3.06 16.80
N GLY C 236 5.65 -2.13 17.46
CA GLY C 236 4.27 -1.87 17.10
C GLY C 236 4.11 -1.31 15.69
N LYS C 237 5.05 -0.45 15.28
CA LYS C 237 5.02 0.05 13.89
C LYS C 237 5.18 -1.10 12.89
N GLY C 238 6.17 -1.97 13.10
CA GLY C 238 6.37 -3.06 12.16
C GLY C 238 5.22 -4.06 12.19
N SER C 239 4.69 -4.34 13.39
CA SER C 239 3.56 -5.25 13.53
C SER C 239 2.33 -4.74 12.83
N SER C 240 2.03 -3.45 13.02
CA SER C 240 0.87 -2.83 12.38
C SER C 240 0.96 -2.94 10.87
N GLN C 241 2.17 -2.71 10.34
CA GLN C 241 2.35 -2.80 8.89
C GLN C 241 2.22 -4.25 8.41
N SER C 242 2.78 -5.19 9.17
CA SER C 242 2.66 -6.61 8.84
C SER C 242 1.20 -7.01 8.65
N LEU C 243 0.31 -6.45 9.47
CA LEU C 243 -1.11 -6.78 9.41
C LEU C 243 -1.83 -5.95 8.35
N ARG C 244 -1.56 -4.65 8.30
CA ARG C 244 -2.22 -3.78 7.32
C ARG C 244 -1.91 -4.19 5.88
N GLN C 245 -0.65 -4.60 5.62
CA GLN C 245 -0.31 -4.97 4.26
C GLN C 245 -1.03 -6.24 3.80
N GLU C 246 -1.48 -7.07 4.74
CA GLU C 246 -2.31 -8.24 4.44
C GLU C 246 -3.78 -7.88 4.24
N GLY C 247 -4.13 -6.61 4.41
CA GLY C 247 -5.50 -6.16 4.29
C GLY C 247 -6.30 -6.18 5.58
N MET C 248 -5.66 -6.32 6.74
CA MET C 248 -6.41 -6.18 8.00
C MET C 248 -6.86 -4.74 8.17
N ILE C 249 -7.97 -4.57 8.89
CA ILE C 249 -8.37 -3.24 9.36
C ILE C 249 -7.75 -3.10 10.75
N VAL C 250 -6.68 -2.30 10.85
CA VAL C 250 -5.84 -2.25 12.03
C VAL C 250 -6.19 -1.01 12.85
N LYS C 251 -6.49 -1.21 14.12
CA LYS C 251 -6.56 -0.14 15.10
C LYS C 251 -5.36 -0.23 16.02
N VAL C 252 -4.91 0.94 16.53
CA VAL C 252 -3.69 1.02 17.33
C VAL C 252 -4.02 1.68 18.67
N ALA C 253 -3.49 1.10 19.75
CA ALA C 253 -3.56 1.74 21.07
C ALA C 253 -2.18 2.22 21.49
N GLU C 254 -2.14 3.31 22.23
CA GLU C 254 -0.87 3.88 22.66
C GLU C 254 -1.09 4.69 23.93
N VAL C 255 -0.06 4.77 24.76
CA VAL C 255 -0.02 5.75 25.84
C VAL C 255 0.83 6.95 25.46
N ASP C 256 1.65 6.86 24.42
CA ASP C 256 2.56 7.94 24.06
C ASP C 256 1.87 8.75 22.96
N PRO C 257 1.50 10.00 23.20
CA PRO C 257 0.77 10.75 22.16
C PRO C 257 1.58 10.98 20.90
N ILE C 258 2.90 11.05 20.97
CA ILE C 258 3.70 11.23 19.75
C ILE C 258 3.59 9.99 18.87
N CYS C 259 3.77 8.80 19.47
CA CYS C 259 3.61 7.57 18.71
C CYS C 259 2.19 7.44 18.19
N ALA C 260 1.21 7.88 18.97
CA ALA C 260 -0.18 7.86 18.50
C ALA C 260 -0.39 8.79 17.31
N MET C 261 0.26 9.95 17.32
N MET C 261 0.26 9.95 17.32
CA MET C 261 0.21 10.86 16.18
CA MET C 261 0.19 10.85 16.17
C MET C 261 0.73 10.18 14.92
C MET C 261 0.73 10.17 14.92
N GLN C 262 1.86 9.48 15.04
CA GLN C 262 2.40 8.76 13.90
C GLN C 262 1.39 7.71 13.41
N ALA C 263 0.72 7.01 14.34
CA ALA C 263 -0.24 6.01 13.89
C ALA C 263 -1.37 6.65 13.07
N CYS C 264 -1.88 7.79 13.53
CA CYS C 264 -2.92 8.49 12.77
C CYS C 264 -2.42 8.85 11.39
N MET C 265 -1.24 9.48 11.33
CA MET C 265 -0.68 9.90 10.05
C MET C 265 -0.37 8.72 9.14
N ASP C 266 -0.05 7.56 9.73
CA ASP C 266 0.17 6.35 8.95
C ASP C 266 -1.12 5.69 8.47
N GLY C 267 -2.27 6.24 8.82
CA GLY C 267 -3.53 5.72 8.31
C GLY C 267 -4.25 4.76 9.22
N PHE C 268 -3.98 4.80 10.52
CA PHE C 268 -4.62 3.95 11.50
C PHE C 268 -5.53 4.75 12.41
N GLU C 269 -6.61 4.10 12.85
CA GLU C 269 -7.47 4.65 13.88
C GLU C 269 -6.88 4.32 15.25
N VAL C 270 -6.75 5.32 16.11
CA VAL C 270 -6.17 5.15 17.43
C VAL C 270 -7.30 5.05 18.45
N VAL C 271 -7.31 3.94 19.20
CA VAL C 271 -8.38 3.60 20.12
C VAL C 271 -7.76 3.09 21.43
N SER C 272 -8.58 3.10 22.47
CA SER C 272 -8.18 2.52 23.75
C SER C 272 -9.11 1.37 24.12
N PRO C 273 -8.59 0.29 24.73
CA PRO C 273 -9.50 -0.74 25.25
C PRO C 273 -10.43 -0.19 26.33
N TYR C 274 -10.10 0.96 26.91
CA TYR C 274 -10.83 1.52 28.04
C TYR C 274 -11.58 2.77 27.61
N LYS C 275 -12.78 2.94 28.15
CA LYS C 275 -13.56 4.14 27.87
C LYS C 275 -12.77 5.37 28.29
N ASN C 276 -12.60 6.31 27.36
CA ASN C 276 -11.83 7.54 27.56
C ASN C 276 -10.38 7.26 27.93
N GLY C 277 -9.90 6.05 27.67
CA GLY C 277 -8.54 5.69 27.96
C GLY C 277 -8.23 5.44 29.42
N ILE C 278 -9.24 5.41 30.30
CA ILE C 278 -9.01 5.33 31.73
C ILE C 278 -9.17 3.88 32.19
N ASN C 279 -8.06 3.27 32.58
CA ASN C 279 -7.96 1.87 33.04
C ASN C 279 -8.09 1.87 34.56
N ASP C 280 -9.34 1.85 35.07
CA ASP C 280 -9.59 1.96 36.50
C ASP C 280 -9.82 0.63 37.21
N GLY C 281 -9.66 -0.50 36.51
CA GLY C 281 -9.73 -1.81 37.10
C GLY C 281 -11.06 -2.51 36.96
N THR C 282 -12.12 -1.78 36.62
CA THR C 282 -13.46 -2.36 36.59
C THR C 282 -13.79 -2.91 35.20
N GLU C 283 -14.70 -3.87 35.17
CA GLU C 283 -15.25 -4.29 33.88
C GLU C 283 -15.98 -3.14 33.20
N ALA C 284 -16.60 -2.25 33.98
CA ALA C 284 -17.35 -1.14 33.40
C ALA C 284 -16.46 -0.26 32.52
N SER C 285 -15.17 -0.19 32.82
CA SER C 285 -14.25 0.65 32.05
C SER C 285 -13.90 0.07 30.68
N ILE C 286 -14.17 -1.22 30.44
CA ILE C 286 -13.83 -1.83 29.17
C ILE C 286 -14.78 -1.36 28.08
N ASP C 287 -14.22 -0.97 26.93
CA ASP C 287 -15.02 -0.67 25.74
C ASP C 287 -15.42 -2.01 25.14
N ALA C 288 -16.54 -2.55 25.64
CA ALA C 288 -16.95 -3.89 25.23
C ALA C 288 -17.37 -3.93 23.76
N ALA C 289 -17.92 -2.84 23.24
CA ALA C 289 -18.30 -2.81 21.83
C ALA C 289 -17.07 -2.91 20.93
N LEU C 290 -16.03 -2.14 21.24
CA LEU C 290 -14.78 -2.23 20.48
C LEU C 290 -14.19 -3.63 20.55
N LEU C 291 -14.04 -4.17 21.77
CA LEU C 291 -13.37 -5.45 21.90
C LEU C 291 -14.20 -6.59 21.33
N GLY C 292 -15.52 -6.43 21.29
CA GLY C 292 -16.38 -7.46 20.71
C GLY C 292 -16.31 -7.54 19.20
N LYS C 293 -15.56 -6.66 18.55
CA LYS C 293 -15.38 -6.66 17.11
C LYS C 293 -13.98 -7.06 16.67
N ILE C 294 -13.06 -7.28 17.61
CA ILE C 294 -11.66 -7.50 17.30
C ILE C 294 -11.41 -8.99 17.07
N ASP C 295 -10.81 -9.30 15.91
CA ASP C 295 -10.45 -10.68 15.56
C ASP C 295 -9.04 -11.07 15.96
N LEU C 296 -8.17 -10.09 16.21
CA LEU C 296 -6.77 -10.36 16.50
C LEU C 296 -6.24 -9.23 17.38
N ILE C 297 -5.64 -9.59 18.51
CA ILE C 297 -4.95 -8.62 19.35
C ILE C 297 -3.47 -9.01 19.44
N VAL C 298 -2.60 -8.01 19.28
CA VAL C 298 -1.15 -8.22 19.30
C VAL C 298 -0.57 -7.19 20.26
N THR C 299 0.20 -7.65 21.25
CA THR C 299 0.83 -6.74 22.21
C THR C 299 2.29 -6.51 21.82
N THR C 300 2.75 -5.26 21.91
CA THR C 300 4.07 -4.89 21.41
C THR C 300 4.81 -3.93 22.34
N THR C 301 4.46 -3.91 23.63
CA THR C 301 4.81 -2.75 24.46
C THR C 301 6.08 -2.91 25.29
N GLY C 302 6.45 -4.12 25.67
CA GLY C 302 7.40 -4.29 26.76
C GLY C 302 6.88 -3.85 28.11
N ASN C 303 5.57 -3.61 28.24
CA ASN C 303 4.91 -3.24 29.48
C ASN C 303 4.18 -4.47 30.04
N VAL C 304 3.51 -4.31 31.18
CA VAL C 304 2.85 -5.42 31.87
C VAL C 304 1.34 -5.26 31.76
N ASN C 305 0.65 -6.36 31.44
CA ASN C 305 -0.80 -6.42 31.57
C ASN C 305 -1.50 -5.39 30.67
N VAL C 306 -1.03 -5.28 29.43
CA VAL C 306 -1.68 -4.39 28.48
C VAL C 306 -2.79 -5.08 27.72
N CYS C 307 -2.90 -6.41 27.83
CA CYS C 307 -4.08 -7.16 27.40
C CYS C 307 -4.54 -7.93 28.64
N ASP C 308 -5.42 -7.30 29.43
CA ASP C 308 -5.65 -7.75 30.79
C ASP C 308 -6.86 -8.69 30.84
N ALA C 309 -7.16 -9.17 32.05
CA ALA C 309 -8.22 -10.15 32.23
C ALA C 309 -9.56 -9.61 31.72
N ASN C 310 -9.86 -8.34 31.98
CA ASN C 310 -11.17 -7.83 31.57
C ASN C 310 -11.24 -7.68 30.05
N MET C 311 -10.14 -7.32 29.40
CA MET C 311 -10.11 -7.28 27.95
C MET C 311 -10.31 -8.66 27.36
N LEU C 312 -9.64 -9.66 27.93
CA LEU C 312 -9.78 -11.03 27.44
C LEU C 312 -11.22 -11.52 27.57
N LYS C 313 -11.93 -11.11 28.62
CA LYS C 313 -13.32 -11.52 28.79
C LYS C 313 -14.24 -10.84 27.79
N ALA C 314 -13.89 -9.63 27.34
CA ALA C 314 -14.70 -8.87 26.41
C ALA C 314 -14.43 -9.21 24.95
N LEU C 315 -13.33 -9.90 24.65
CA LEU C 315 -12.93 -10.11 23.26
C LEU C 315 -13.97 -10.91 22.49
N LYS C 316 -14.06 -10.60 21.19
CA LYS C 316 -14.89 -11.36 20.27
C LYS C 316 -14.57 -12.85 20.35
N LYS C 317 -15.62 -13.69 20.28
CA LYS C 317 -15.40 -15.13 20.26
C LYS C 317 -14.48 -15.51 19.13
N ARG C 318 -13.54 -16.42 19.43
CA ARG C 318 -12.60 -17.02 18.47
C ARG C 318 -11.51 -16.07 18.01
N ALA C 319 -11.33 -14.95 18.71
CA ALA C 319 -10.24 -14.02 18.42
C ALA C 319 -8.90 -14.67 18.72
N VAL C 320 -7.88 -14.25 17.97
CA VAL C 320 -6.50 -14.65 18.22
C VAL C 320 -5.83 -13.63 19.13
N VAL C 321 -5.05 -14.12 20.09
CA VAL C 321 -4.34 -13.29 21.06
C VAL C 321 -2.88 -13.68 20.99
N CYS C 322 -1.99 -12.68 20.80
CA CYS C 322 -0.58 -13.01 20.78
C CYS C 322 0.24 -11.82 21.22
N ASN C 323 1.50 -12.10 21.53
CA ASN C 323 2.43 -11.15 22.10
C ASN C 323 3.73 -11.24 21.31
N ILE C 324 4.25 -10.08 20.90
CA ILE C 324 5.54 -10.03 20.24
C ILE C 324 6.54 -9.16 21.00
N GLY C 325 6.16 -8.63 22.17
CA GLY C 325 7.12 -8.06 23.10
C GLY C 325 7.93 -9.15 23.78
N HIS C 326 8.95 -8.72 24.53
CA HIS C 326 9.95 -9.69 24.99
C HIS C 326 9.40 -10.67 26.01
N PHE C 327 8.48 -10.26 26.87
CA PHE C 327 8.05 -11.07 27.99
C PHE C 327 6.56 -11.39 27.90
N ASP C 328 6.20 -12.57 28.43
CA ASP C 328 4.84 -13.12 28.31
C ASP C 328 3.86 -12.55 29.31
N ASN C 329 4.21 -11.50 30.04
CA ASN C 329 3.26 -10.87 30.95
C ASN C 329 2.55 -9.67 30.33
N GLU C 330 2.75 -9.42 29.03
CA GLU C 330 1.93 -8.39 28.39
C GLU C 330 0.47 -8.80 28.35
N ILE C 331 0.20 -10.09 28.19
CA ILE C 331 -1.13 -10.69 28.28
C ILE C 331 -1.25 -11.36 29.64
N ASP C 332 -2.40 -11.21 30.28
CA ASP C 332 -2.64 -11.87 31.55
C ASP C 332 -2.95 -13.35 31.29
N THR C 333 -1.91 -14.09 30.90
CA THR C 333 -2.06 -15.53 30.71
C THR C 333 -2.26 -16.26 32.03
N ALA C 334 -1.78 -15.70 33.14
CA ALA C 334 -2.01 -16.31 34.44
C ALA C 334 -3.49 -16.35 34.79
N PHE C 335 -4.23 -15.30 34.44
CA PHE C 335 -5.68 -15.32 34.64
C PHE C 335 -6.33 -16.44 33.83
N MET C 336 -5.89 -16.65 32.60
CA MET C 336 -6.46 -17.68 31.76
C MET C 336 -6.08 -19.07 32.23
N ARG C 337 -4.86 -19.24 32.74
CA ARG C 337 -4.49 -20.52 33.34
C ARG C 337 -5.34 -20.82 34.57
N LYS C 338 -5.73 -19.79 35.31
CA LYS C 338 -6.50 -20.02 36.53
C LYS C 338 -7.96 -20.36 36.25
N ASN C 339 -8.57 -19.72 35.23
CA ASN C 339 -10.02 -19.69 35.10
C ASN C 339 -10.57 -20.45 33.90
N TRP C 340 -9.77 -20.70 32.88
CA TRP C 340 -10.26 -21.22 31.61
C TRP C 340 -9.52 -22.49 31.23
N ALA C 341 -10.16 -23.31 30.38
CA ALA C 341 -9.61 -24.61 30.02
C ALA C 341 -8.83 -24.51 28.71
N TRP C 342 -7.63 -25.07 28.70
CA TRP C 342 -6.75 -24.99 27.55
C TRP C 342 -6.83 -26.28 26.73
N GLU C 343 -7.11 -26.14 25.44
CA GLU C 343 -7.11 -27.25 24.50
C GLU C 343 -5.97 -27.00 23.50
N GLU C 344 -4.96 -27.85 23.53
CA GLU C 344 -3.88 -27.70 22.56
C GLU C 344 -4.38 -28.10 21.18
N VAL C 345 -4.23 -27.20 20.21
CA VAL C 345 -4.48 -27.57 18.82
C VAL C 345 -3.27 -28.30 18.25
N LYS C 346 -2.10 -27.70 18.43
CA LYS C 346 -0.81 -28.24 18.06
C LYS C 346 0.23 -27.43 18.82
N PRO C 347 1.49 -27.83 18.81
CA PRO C 347 2.48 -27.12 19.63
C PRO C 347 2.42 -25.61 19.40
N GLN C 348 2.40 -24.86 20.49
CA GLN C 348 2.36 -23.39 20.53
C GLN C 348 1.06 -22.80 19.99
N VAL C 349 -0.03 -23.58 19.94
CA VAL C 349 -1.34 -23.07 19.56
C VAL C 349 -2.35 -23.67 20.52
N HIS C 350 -3.03 -22.83 21.32
CA HIS C 350 -4.00 -23.34 22.28
C HIS C 350 -5.33 -22.64 22.10
N LYS C 351 -6.41 -23.41 22.09
CA LYS C 351 -7.74 -22.86 22.27
C LYS C 351 -8.02 -22.70 23.76
N ILE C 352 -8.45 -21.52 24.16
CA ILE C 352 -8.72 -21.23 25.57
C ILE C 352 -10.21 -21.05 25.73
N HIS C 353 -10.87 -22.03 26.37
CA HIS C 353 -12.32 -22.10 26.43
C HIS C 353 -12.82 -21.28 27.61
N ARG C 354 -13.57 -20.22 27.32
CA ARG C 354 -14.02 -19.30 28.35
C ARG C 354 -15.25 -19.80 29.10
N THR C 355 -15.69 -21.03 28.81
CA THR C 355 -16.85 -21.65 29.46
C THR C 355 -16.54 -22.17 30.86
N GLY C 356 -15.28 -22.28 31.24
CA GLY C 356 -14.93 -22.81 32.54
C GLY C 356 -13.53 -23.34 32.55
N LYS C 357 -13.13 -23.81 33.73
CA LYS C 357 -11.75 -24.23 33.99
C LYS C 357 -11.56 -25.73 33.83
N ASP C 358 -12.49 -26.53 34.32
CA ASP C 358 -12.35 -27.97 34.39
C ASP C 358 -13.08 -28.60 33.20
N GLY C 359 -12.32 -28.93 32.15
CA GLY C 359 -12.88 -29.55 30.98
C GLY C 359 -13.52 -28.54 30.04
N PHE C 360 -13.78 -28.99 28.82
CA PHE C 360 -14.37 -28.16 27.79
C PHE C 360 -15.16 -29.05 26.84
N ASP C 361 -16.12 -28.42 26.15
CA ASP C 361 -16.80 -29.07 25.04
C ASP C 361 -15.96 -28.94 23.78
N ALA C 362 -15.68 -30.07 23.13
CA ALA C 362 -14.87 -30.06 21.91
C ALA C 362 -15.45 -29.16 20.82
N HIS C 363 -16.75 -28.88 20.87
CA HIS C 363 -17.43 -28.05 19.87
C HIS C 363 -17.86 -26.71 20.43
N ASN C 364 -17.36 -26.33 21.60
CA ASN C 364 -17.65 -25.02 22.16
C ASN C 364 -17.23 -23.92 21.18
N ASP C 365 -18.07 -22.91 21.03
CA ASP C 365 -17.76 -21.80 20.15
C ASP C 365 -17.11 -20.63 20.88
N ASP C 366 -17.12 -20.62 22.22
CA ASP C 366 -16.64 -19.49 23.01
C ASP C 366 -15.23 -19.78 23.49
N TYR C 367 -14.26 -19.62 22.58
CA TYR C 367 -12.85 -19.79 22.93
C TYR C 367 -12.03 -18.69 22.28
N LEU C 368 -10.83 -18.48 22.81
CA LEU C 368 -9.81 -17.66 22.17
C LEU C 368 -8.67 -18.56 21.70
N ILE C 369 -7.96 -18.14 20.65
CA ILE C 369 -6.76 -18.84 20.22
C ILE C 369 -5.55 -18.04 20.70
N LEU C 370 -4.75 -18.66 21.57
CA LEU C 370 -3.52 -18.07 22.08
C LEU C 370 -2.33 -18.70 21.36
N LEU C 371 -1.44 -17.86 20.85
CA LEU C 371 -0.23 -18.34 20.17
C LEU C 371 0.97 -18.30 21.12
N ALA C 372 1.76 -19.38 21.08
CA ALA C 372 3.04 -19.49 21.79
C ALA C 372 2.91 -19.26 23.30
N GLU C 373 1.72 -19.54 23.83
CA GLU C 373 1.42 -19.36 25.26
C GLU C 373 1.76 -17.94 25.73
N GLY C 374 1.54 -16.97 24.85
CA GLY C 374 1.83 -15.58 25.13
C GLY C 374 3.28 -15.17 25.02
N ARG C 375 4.18 -16.07 24.64
CA ARG C 375 5.58 -15.74 24.44
C ARG C 375 5.78 -15.15 23.04
N LEU C 376 6.99 -14.61 22.81
CA LEU C 376 7.33 -13.98 21.52
C LEU C 376 6.81 -14.78 20.33
N VAL C 377 5.77 -14.27 19.67
CA VAL C 377 5.04 -15.10 18.71
C VAL C 377 5.84 -15.33 17.45
N ASN C 378 6.66 -14.37 17.02
CA ASN C 378 7.38 -14.54 15.77
C ASN C 378 8.41 -15.65 15.88
N LEU C 379 9.08 -15.74 17.02
CA LEU C 379 10.04 -16.82 17.23
C LEU C 379 9.35 -18.10 17.68
N GLY C 380 8.20 -17.98 18.34
CA GLY C 380 7.51 -19.15 18.87
C GLY C 380 6.74 -19.94 17.83
N ASN C 381 6.05 -19.24 16.93
CA ASN C 381 5.24 -19.92 15.91
C ASN C 381 5.85 -19.87 14.52
N ALA C 382 6.99 -19.19 14.34
CA ALA C 382 7.70 -19.20 13.07
C ALA C 382 9.20 -19.25 13.33
N THR C 383 9.99 -18.42 12.62
CA THR C 383 11.44 -18.48 12.78
C THR C 383 12.02 -17.11 13.15
N GLY C 384 11.19 -16.20 13.61
CA GLY C 384 11.70 -14.88 13.96
C GLY C 384 12.08 -14.09 12.70
N HIS C 385 12.98 -13.15 12.90
CA HIS C 385 13.37 -12.25 11.83
C HIS C 385 14.20 -13.01 10.78
N PRO C 386 14.18 -12.56 9.53
CA PRO C 386 14.97 -13.22 8.49
C PRO C 386 16.43 -12.81 8.55
N SER C 387 17.27 -13.69 7.97
CA SER C 387 18.72 -13.53 8.05
C SER C 387 19.17 -12.13 7.61
N ARG C 388 18.64 -11.62 6.50
CA ARG C 388 19.15 -10.35 5.99
C ARG C 388 18.83 -9.18 6.92
N ILE C 389 17.83 -9.32 7.77
CA ILE C 389 17.54 -8.30 8.78
C ILE C 389 18.43 -8.49 10.00
N MET C 390 18.56 -9.72 10.49
CA MET C 390 19.40 -9.99 11.65
C MET C 390 20.86 -9.65 11.38
N ASP C 391 21.26 -9.64 10.11
CA ASP C 391 22.60 -9.22 9.72
C ASP C 391 22.97 -7.88 10.32
N GLY C 392 22.03 -6.93 10.33
CA GLY C 392 22.34 -5.62 10.88
C GLY C 392 22.59 -5.67 12.37
N SER C 393 21.67 -6.30 13.11
CA SER C 393 21.80 -6.41 14.56
C SER C 393 23.09 -7.12 14.94
N PHE C 394 23.41 -8.21 14.24
CA PHE C 394 24.48 -9.07 14.69
C PHE C 394 25.85 -8.54 14.29
N ALA C 395 25.94 -7.79 13.18
CA ALA C 395 27.19 -7.10 12.88
C ALA C 395 27.50 -6.07 13.96
N ASN C 396 26.47 -5.38 14.48
CA ASN C 396 26.67 -4.48 15.60
C ASN C 396 27.15 -5.24 16.84
N GLN C 397 26.58 -6.42 17.07
CA GLN C 397 27.00 -7.23 18.22
C GLN C 397 28.48 -7.57 18.15
N VAL C 398 28.96 -7.98 16.96
CA VAL C 398 30.37 -8.33 16.81
C VAL C 398 31.25 -7.12 17.06
N LEU C 399 30.87 -5.98 16.50
CA LEU C 399 31.68 -4.78 16.69
C LEU C 399 31.72 -4.38 18.16
N ALA C 400 30.58 -4.47 18.84
CA ALA C 400 30.53 -4.13 20.25
C ALA C 400 31.36 -5.08 21.09
N GLN C 401 31.38 -6.37 20.75
CA GLN C 401 32.23 -7.31 21.47
C GLN C 401 33.72 -6.98 21.25
N ILE C 402 34.10 -6.68 20.02
CA ILE C 402 35.50 -6.29 19.78
C ILE C 402 35.84 -5.05 20.59
N HIS C 403 34.93 -4.07 20.62
CA HIS C 403 35.23 -2.79 21.24
C HIS C 403 35.43 -2.94 22.74
N LEU C 404 34.53 -3.66 23.41
CA LEU C 404 34.67 -3.84 24.85
C LEU C 404 35.83 -4.77 25.19
N PHE C 405 36.06 -5.81 24.38
CA PHE C 405 37.12 -6.75 24.70
C PHE C 405 38.50 -6.08 24.61
N GLU C 406 38.67 -5.19 23.64
CA GLU C 406 39.96 -4.54 23.47
C GLU C 406 40.23 -3.49 24.56
N GLN C 407 39.18 -2.94 25.16
CA GLN C 407 39.35 -1.99 26.25
C GLN C 407 39.74 -2.65 27.56
N LYS C 408 39.45 -3.94 27.73
CA LYS C 408 39.96 -4.72 28.86
C LYS C 408 39.62 -4.06 30.19
N TYR C 409 38.32 -3.77 30.40
CA TYR C 409 37.88 -3.09 31.61
C TYR C 409 38.27 -3.87 32.86
N ALA C 410 38.17 -5.20 32.83
CA ALA C 410 38.43 -5.99 34.01
C ALA C 410 39.87 -5.87 34.49
N ASP C 411 40.78 -5.40 33.64
CA ASP C 411 42.18 -5.26 34.00
C ASP C 411 42.56 -3.85 34.44
N LEU C 412 41.59 -2.93 34.50
CA LEU C 412 41.91 -1.55 34.87
C LEU C 412 42.04 -1.39 36.39
N PRO C 413 42.85 -0.43 36.84
CA PRO C 413 42.88 -0.10 38.27
C PRO C 413 41.54 0.42 38.74
N ALA C 414 41.32 0.34 40.05
CA ALA C 414 40.00 0.64 40.62
C ALA C 414 39.53 2.04 40.24
N ALA C 415 40.41 3.04 40.29
CA ALA C 415 40.00 4.40 39.97
C ALA C 415 39.61 4.52 38.50
N GLU C 416 40.38 3.89 37.60
CA GLU C 416 40.08 3.96 36.18
C GLU C 416 38.77 3.25 35.84
N LYS C 417 38.35 2.29 36.66
CA LYS C 417 37.11 1.57 36.39
C LYS C 417 35.90 2.45 36.65
N ALA C 418 35.96 3.32 37.67
CA ALA C 418 34.83 4.16 38.02
C ALA C 418 34.43 5.06 36.84
N LYS C 419 35.41 5.58 36.11
CA LYS C 419 35.12 6.42 34.95
C LYS C 419 34.71 5.62 33.72
N ARG C 420 34.96 4.31 33.70
CA ARG C 420 34.69 3.46 32.55
C ARG C 420 33.35 2.75 32.63
N LEU C 421 32.64 2.86 33.75
CA LEU C 421 31.40 2.13 33.97
C LEU C 421 30.23 2.92 33.36
N SER C 422 29.79 2.51 32.18
CA SER C 422 28.69 3.21 31.52
C SER C 422 28.00 2.29 30.52
N VAL C 423 26.89 2.78 29.97
CA VAL C 423 26.15 2.12 28.91
C VAL C 423 26.20 3.04 27.69
N GLU C 424 26.95 2.63 26.67
CA GLU C 424 27.21 3.48 25.52
C GLU C 424 26.71 2.80 24.25
N VAL C 425 26.52 3.61 23.22
CA VAL C 425 26.21 3.10 21.89
C VAL C 425 27.47 3.15 21.04
N LEU C 426 27.44 2.48 19.90
CA LEU C 426 28.54 2.54 18.95
C LEU C 426 28.54 3.89 18.23
N PRO C 427 29.70 4.37 17.79
CA PRO C 427 29.73 5.62 17.03
C PRO C 427 28.97 5.50 15.71
N LYS C 428 28.47 6.64 15.24
CA LYS C 428 27.62 6.65 14.05
C LYS C 428 28.37 6.14 12.82
N LYS C 429 29.67 6.39 12.74
CA LYS C 429 30.43 5.93 11.58
C LYS C 429 30.32 4.41 11.42
N LEU C 430 30.38 3.67 12.53
CA LEU C 430 30.24 2.22 12.45
C LEU C 430 28.83 1.83 12.05
N ASP C 431 27.83 2.51 12.61
CA ASP C 431 26.44 2.33 12.22
C ASP C 431 26.29 2.47 10.71
N GLU C 432 26.87 3.53 10.16
CA GLU C 432 26.81 3.75 8.71
C GLU C 432 27.54 2.66 7.94
N GLU C 433 28.67 2.17 8.48
CA GLU C 433 29.42 1.14 7.77
C GLU C 433 28.63 -0.17 7.71
N VAL C 434 27.91 -0.51 8.77
CA VAL C 434 27.01 -1.67 8.71
C VAL C 434 25.94 -1.45 7.66
N ALA C 435 25.30 -0.28 7.69
CA ALA C 435 24.26 0.06 6.74
C ALA C 435 24.75 -0.06 5.29
N LEU C 436 25.98 0.38 5.02
CA LEU C 436 26.50 0.29 3.66
C LEU C 436 26.59 -1.16 3.18
N GLU C 437 27.07 -2.06 4.05
CA GLU C 437 27.13 -3.47 3.69
C GLU C 437 25.73 -4.06 3.47
N MET C 438 24.75 -3.61 4.25
CA MET C 438 23.38 -4.07 4.02
C MET C 438 22.85 -3.57 2.68
N VAL C 439 23.07 -2.29 2.37
CA VAL C 439 22.60 -1.73 1.09
C VAL C 439 23.22 -2.48 -0.08
N LYS C 440 24.52 -2.76 -0.02
CA LYS C 440 25.16 -3.49 -1.10
C LYS C 440 24.54 -4.88 -1.28
N GLY C 441 24.04 -5.48 -0.20
CA GLY C 441 23.40 -6.78 -0.31
C GLY C 441 22.11 -6.76 -1.11
N PHE C 442 21.46 -5.60 -1.18
CA PHE C 442 20.31 -5.42 -2.05
C PHE C 442 20.69 -5.00 -3.46
N GLY C 443 21.99 -4.89 -3.75
CA GLY C 443 22.43 -4.29 -4.98
C GLY C 443 22.25 -2.79 -5.07
N GLY C 444 21.94 -2.14 -3.95
CA GLY C 444 21.79 -0.69 -3.96
C GLY C 444 23.13 -0.02 -4.15
N VAL C 445 23.10 1.18 -4.75
CA VAL C 445 24.30 1.96 -5.03
C VAL C 445 24.16 3.31 -4.35
N VAL C 446 24.99 3.54 -3.33
CA VAL C 446 25.03 4.80 -2.59
C VAL C 446 25.88 5.80 -3.38
N THR C 447 25.42 7.04 -3.47
CA THR C 447 26.13 8.10 -4.19
C THR C 447 27.18 8.73 -3.28
N GLN C 448 28.29 9.14 -3.87
CA GLN C 448 29.35 9.81 -3.14
C GLN C 448 29.24 11.31 -3.35
N LEU C 449 29.24 12.07 -2.24
CA LEU C 449 29.23 13.53 -2.34
C LEU C 449 30.49 14.04 -3.05
N THR C 450 30.32 15.13 -3.80
CA THR C 450 31.46 15.91 -4.24
C THR C 450 32.01 16.69 -3.05
N PRO C 451 33.29 17.09 -3.11
CA PRO C 451 33.84 17.96 -2.06
C PRO C 451 33.02 19.21 -1.80
N LYS C 452 32.56 19.89 -2.86
CA LYS C 452 31.74 21.07 -2.70
C LYS C 452 30.41 20.74 -2.03
N GLN C 453 29.81 19.61 -2.40
CA GLN C 453 28.55 19.23 -1.77
C GLN C 453 28.75 18.92 -0.29
N ALA C 454 29.81 18.18 0.06
CA ALA C 454 30.07 17.91 1.47
C ALA C 454 30.29 19.20 2.25
N GLU C 455 31.04 20.14 1.68
CA GLU C 455 31.23 21.44 2.32
C GLU C 455 29.90 22.18 2.47
N TYR C 456 29.05 22.09 1.45
CA TYR C 456 27.78 22.82 1.46
C TYR C 456 26.90 22.40 2.63
N ILE C 457 26.81 21.09 2.91
CA ILE C 457 25.96 20.62 4.01
C ILE C 457 26.74 20.37 5.29
N GLY C 458 28.04 20.66 5.31
CA GLY C 458 28.83 20.58 6.53
C GLY C 458 29.17 19.19 7.02
N VAL C 459 29.48 18.26 6.12
CA VAL C 459 29.88 16.91 6.49
C VAL C 459 31.16 16.55 5.75
N SER C 460 31.79 15.47 6.21
CA SER C 460 32.88 14.88 5.47
C SER C 460 32.33 13.98 4.36
N VAL C 461 33.10 13.87 3.27
CA VAL C 461 32.70 12.96 2.20
C VAL C 461 32.56 11.54 2.73
N GLU C 462 33.34 11.18 3.75
CA GLU C 462 33.27 9.87 4.40
C GLU C 462 32.07 9.71 5.31
N GLY C 463 31.47 10.80 5.78
CA GLY C 463 30.53 10.72 6.86
C GLY C 463 31.27 10.85 8.19
N PRO C 464 30.54 10.81 9.33
CA PRO C 464 29.10 10.61 9.45
C PRO C 464 28.26 11.72 8.78
N PHE C 465 27.12 11.33 8.21
CA PHE C 465 26.35 12.25 7.39
C PHE C 465 25.29 13.00 8.17
N LYS C 466 25.05 12.61 9.43
CA LYS C 466 24.03 13.19 10.28
C LYS C 466 24.59 13.48 11.66
N PRO C 467 24.06 14.50 12.33
CA PRO C 467 24.41 14.70 13.74
C PRO C 467 23.82 13.59 14.60
N ASP C 468 24.39 13.41 15.78
CA ASP C 468 23.91 12.35 16.68
C ASP C 468 22.46 12.58 17.12
N THR C 469 21.95 13.80 17.02
CA THR C 469 20.56 14.07 17.34
C THR C 469 19.58 13.58 16.27
N TYR C 470 20.06 13.19 15.10
CA TYR C 470 19.16 12.88 13.99
C TYR C 470 18.36 11.62 14.27
N ARG C 471 17.07 11.62 13.92
CA ARG C 471 16.19 10.51 14.28
C ARG C 471 15.86 9.55 13.14
N TYR C 472 16.24 9.87 11.90
CA TYR C 472 15.93 9.03 10.73
C TYR C 472 14.43 8.72 10.63
N ALA D 11 -14.96 -48.67 12.67
CA ALA D 11 -14.71 -50.01 13.22
C ALA D 11 -14.76 -51.05 12.12
N GLY D 12 -13.59 -51.59 11.78
CA GLY D 12 -13.46 -52.48 10.64
C GLY D 12 -13.18 -51.78 9.33
N PHE D 13 -12.94 -50.48 9.35
CA PHE D 13 -12.78 -49.70 8.13
C PHE D 13 -11.32 -49.73 7.68
N THR D 14 -11.09 -50.21 6.46
CA THR D 14 -9.75 -50.27 5.90
C THR D 14 -9.67 -49.70 4.49
N ASP D 15 -10.76 -49.12 3.99
CA ASP D 15 -10.85 -48.68 2.59
C ASP D 15 -10.24 -47.29 2.44
N TYR D 16 -8.94 -47.19 2.71
CA TYR D 16 -8.24 -45.91 2.63
C TYR D 16 -6.74 -46.16 2.57
N LYS D 17 -5.99 -45.10 2.30
CA LYS D 17 -4.53 -45.16 2.39
C LYS D 17 -4.03 -43.75 2.67
N VAL D 18 -3.53 -43.52 3.88
CA VAL D 18 -3.02 -42.22 4.27
C VAL D 18 -1.65 -42.42 4.91
N ALA D 19 -0.97 -41.30 5.18
CA ALA D 19 0.38 -41.37 5.74
C ALA D 19 0.38 -41.98 7.14
N ASP D 20 -0.56 -41.54 7.98
CA ASP D 20 -0.50 -41.85 9.42
C ASP D 20 -1.87 -41.57 10.02
N ILE D 21 -2.65 -42.63 10.22
CA ILE D 21 -4.00 -42.50 10.74
C ILE D 21 -4.00 -41.85 12.11
N THR D 22 -2.90 -41.94 12.87
CA THR D 22 -2.87 -41.41 14.22
C THR D 22 -2.91 -39.88 14.25
N LEU D 23 -2.79 -39.22 13.10
CA LEU D 23 -2.91 -37.77 13.01
C LEU D 23 -4.37 -37.32 12.98
N ALA D 24 -5.32 -38.25 13.15
CA ALA D 24 -6.73 -37.94 12.93
C ALA D 24 -7.26 -36.93 13.94
N ALA D 25 -6.93 -37.13 15.23
CA ALA D 25 -7.42 -36.21 16.25
C ALA D 25 -6.95 -34.77 15.97
N TRP D 26 -5.69 -34.63 15.58
CA TRP D 26 -5.15 -33.33 15.20
C TRP D 26 -5.94 -32.74 14.02
N GLY D 27 -6.14 -33.55 12.97
CA GLY D 27 -6.93 -33.07 11.85
C GLY D 27 -8.33 -32.64 12.26
N ARG D 28 -8.94 -33.40 13.17
CA ARG D 28 -10.30 -33.09 13.59
C ARG D 28 -10.34 -31.74 14.32
N ARG D 29 -9.35 -31.47 15.16
CA ARG D 29 -9.29 -30.17 15.82
C ARG D 29 -9.20 -29.05 14.80
N GLU D 30 -8.42 -29.25 13.74
CA GLU D 30 -8.31 -28.20 12.74
C GLU D 30 -9.56 -28.10 11.89
N LEU D 31 -10.28 -29.22 11.68
CA LEU D 31 -11.53 -29.14 10.94
C LEU D 31 -12.58 -28.33 11.69
N ILE D 32 -12.63 -28.49 13.01
CA ILE D 32 -13.58 -27.74 13.83
C ILE D 32 -13.27 -26.25 13.79
N ILE D 33 -11.99 -25.89 13.78
CA ILE D 33 -11.61 -24.50 13.57
C ILE D 33 -12.00 -24.04 12.16
N ALA D 34 -11.67 -24.83 11.15
CA ALA D 34 -11.98 -24.42 9.78
C ALA D 34 -13.49 -24.26 9.56
N GLU D 35 -14.32 -25.07 10.22
CA GLU D 35 -15.77 -24.89 10.07
C GLU D 35 -16.20 -23.49 10.50
N SER D 36 -15.63 -22.95 11.57
CA SER D 36 -16.00 -21.60 12.00
C SER D 36 -15.46 -20.52 11.05
N GLU D 37 -14.51 -20.87 10.18
CA GLU D 37 -13.99 -19.96 9.17
C GLU D 37 -14.71 -20.09 7.83
N MET D 38 -15.68 -21.00 7.69
CA MET D 38 -16.29 -21.30 6.40
C MET D 38 -17.81 -21.18 6.49
N PRO D 39 -18.32 -19.95 6.64
CA PRO D 39 -19.76 -19.78 6.90
C PRO D 39 -20.65 -20.11 5.70
N ALA D 40 -20.19 -19.88 4.48
CA ALA D 40 -21.03 -20.18 3.33
C ALA D 40 -21.22 -21.68 3.19
N LEU D 41 -20.13 -22.43 3.33
CA LEU D 41 -20.20 -23.88 3.26
C LEU D 41 -21.01 -24.45 4.42
N MET D 42 -20.70 -23.98 5.65
N MET D 42 -20.74 -23.96 5.64
CA MET D 42 -21.48 -24.38 6.82
CA MET D 42 -21.51 -24.44 6.79
C MET D 42 -22.95 -24.02 6.63
C MET D 42 -22.96 -23.99 6.72
N GLY D 43 -23.23 -22.84 6.11
CA GLY D 43 -24.61 -22.44 5.87
C GLY D 43 -25.33 -23.41 4.94
N LEU D 44 -24.63 -23.90 3.91
CA LEU D 44 -25.23 -24.88 3.02
C LEU D 44 -25.53 -26.19 3.75
N ARG D 45 -24.65 -26.59 4.68
CA ARG D 45 -24.92 -27.77 5.50
C ARG D 45 -26.23 -27.62 6.26
N ARG D 46 -26.36 -26.50 6.99
CA ARG D 46 -27.58 -26.29 7.77
C ARG D 46 -28.80 -26.15 6.87
N LYS D 47 -28.62 -25.54 5.70
CA LYS D 47 -29.77 -25.25 4.85
C LYS D 47 -30.33 -26.53 4.24
N TYR D 48 -29.47 -27.43 3.82
CA TYR D 48 -29.87 -28.59 3.02
C TYR D 48 -29.85 -29.91 3.76
N ALA D 49 -29.45 -29.93 5.04
CA ALA D 49 -29.30 -31.19 5.76
C ALA D 49 -30.61 -31.97 5.80
N GLY D 50 -31.72 -31.29 6.08
CA GLY D 50 -33.00 -31.97 6.13
C GLY D 50 -33.45 -32.46 4.77
N GLN D 51 -33.20 -31.67 3.72
CA GLN D 51 -33.65 -32.03 2.39
C GLN D 51 -32.85 -33.19 1.79
N GLN D 52 -31.61 -33.39 2.24
CA GLN D 52 -30.74 -34.44 1.72
C GLN D 52 -30.67 -34.43 0.19
N PRO D 53 -30.25 -33.31 -0.42
CA PRO D 53 -30.27 -33.24 -1.89
C PRO D 53 -29.26 -34.15 -2.58
N LEU D 54 -28.24 -34.62 -1.87
CA LEU D 54 -27.23 -35.51 -2.45
C LEU D 54 -27.44 -36.97 -2.06
N LYS D 55 -28.60 -37.31 -1.49
CA LYS D 55 -28.91 -38.71 -1.21
C LYS D 55 -28.89 -39.50 -2.52
N GLY D 56 -28.08 -40.55 -2.56
CA GLY D 56 -27.88 -41.33 -3.77
C GLY D 56 -26.72 -40.88 -4.63
N ALA D 57 -26.15 -39.70 -4.36
CA ALA D 57 -24.98 -39.27 -5.10
C ALA D 57 -23.78 -40.10 -4.67
N LYS D 58 -22.97 -40.49 -5.64
CA LYS D 58 -21.73 -41.22 -5.39
C LYS D 58 -20.64 -40.49 -6.15
N ILE D 59 -19.83 -39.72 -5.43
CA ILE D 59 -18.96 -38.69 -6.00
C ILE D 59 -17.53 -39.19 -5.99
N LEU D 60 -16.92 -39.23 -7.18
CA LEU D 60 -15.47 -39.37 -7.28
C LEU D 60 -14.87 -37.98 -7.13
N GLY D 61 -13.99 -37.82 -6.14
N GLY D 61 -14.01 -37.81 -6.14
CA GLY D 61 -13.40 -36.51 -5.92
CA GLY D 61 -13.39 -36.51 -5.91
C GLY D 61 -11.90 -36.53 -6.09
C GLY D 61 -11.89 -36.51 -6.06
N CYS D 62 -11.36 -35.55 -6.81
CA CYS D 62 -9.91 -35.43 -6.98
C CYS D 62 -9.53 -33.96 -6.78
N ILE D 63 -9.06 -33.62 -5.58
CA ILE D 63 -8.62 -32.25 -5.28
C ILE D 63 -7.81 -32.29 -4.00
N HIS D 64 -6.82 -31.39 -3.92
CA HIS D 64 -5.90 -31.23 -2.79
C HIS D 64 -6.53 -31.62 -1.46
N MET D 65 -6.00 -32.66 -0.82
CA MET D 65 -6.58 -33.22 0.39
C MET D 65 -6.12 -32.40 1.60
N THR D 66 -6.62 -31.17 1.65
CA THR D 66 -6.32 -30.21 2.71
C THR D 66 -7.43 -30.21 3.75
N ILE D 67 -7.21 -29.42 4.82
CA ILE D 67 -8.25 -29.23 5.83
C ILE D 67 -9.50 -28.61 5.20
N GLN D 68 -9.30 -27.69 4.25
CA GLN D 68 -10.43 -27.04 3.60
C GLN D 68 -11.21 -28.05 2.76
N THR D 69 -10.50 -28.92 2.05
CA THR D 69 -11.18 -29.98 1.32
C THR D 69 -11.90 -30.94 2.26
N GLY D 70 -11.36 -31.14 3.46
CA GLY D 70 -12.06 -31.94 4.46
C GLY D 70 -13.43 -31.39 4.80
N VAL D 71 -13.55 -30.06 4.91
CA VAL D 71 -14.85 -29.49 5.23
C VAL D 71 -15.80 -29.62 4.04
N LEU D 72 -15.26 -29.51 2.81
CA LEU D 72 -16.05 -29.77 1.61
C LEU D 72 -16.58 -31.20 1.61
N ILE D 73 -15.69 -32.18 1.82
CA ILE D 73 -16.09 -33.58 1.79
C ILE D 73 -17.21 -33.84 2.79
N GLU D 74 -17.02 -33.39 4.03
CA GLU D 74 -18.03 -33.65 5.05
C GLU D 74 -19.33 -32.89 4.82
N THR D 75 -19.28 -31.78 4.07
CA THR D 75 -20.52 -31.13 3.68
C THR D 75 -21.26 -31.98 2.65
N LEU D 76 -20.53 -32.51 1.66
CA LEU D 76 -21.17 -33.38 0.68
C LEU D 76 -21.78 -34.61 1.35
N VAL D 77 -21.05 -35.22 2.27
CA VAL D 77 -21.55 -36.39 3.01
C VAL D 77 -22.76 -36.02 3.85
N ALA D 78 -22.71 -34.85 4.50
CA ALA D 78 -23.82 -34.43 5.35
C ALA D 78 -25.08 -34.19 4.53
N LEU D 79 -24.94 -33.86 3.25
CA LEU D 79 -26.07 -33.64 2.37
C LEU D 79 -26.55 -34.92 1.69
N GLY D 80 -25.98 -36.08 2.07
CA GLY D 80 -26.46 -37.37 1.60
C GLY D 80 -25.48 -38.15 0.75
N ALA D 81 -24.40 -37.56 0.27
CA ALA D 81 -23.57 -38.22 -0.71
C ALA D 81 -22.63 -39.24 -0.06
N GLU D 82 -22.19 -40.21 -0.86
CA GLU D 82 -21.02 -41.01 -0.58
C GLU D 82 -19.90 -40.58 -1.52
N VAL D 83 -18.65 -40.68 -1.06
CA VAL D 83 -17.52 -40.20 -1.86
C VAL D 83 -16.36 -41.18 -1.79
N ARG D 84 -15.48 -41.10 -2.78
CA ARG D 84 -14.17 -41.74 -2.76
C ARG D 84 -13.18 -40.68 -3.25
N TRP D 85 -12.14 -40.39 -2.45
CA TRP D 85 -11.37 -39.17 -2.65
C TRP D 85 -9.88 -39.43 -2.91
N SER D 86 -9.29 -38.58 -3.74
CA SER D 86 -7.84 -38.51 -3.87
C SER D 86 -7.43 -37.05 -4.02
N SER D 87 -6.14 -36.82 -3.91
CA SER D 87 -5.61 -35.48 -4.13
C SER D 87 -5.25 -35.30 -5.60
N CYS D 88 -5.25 -34.04 -6.06
CA CYS D 88 -4.87 -33.75 -7.44
C CYS D 88 -3.44 -33.24 -7.55
N ASN D 89 -2.62 -33.43 -6.52
CA ASN D 89 -1.22 -33.05 -6.57
C ASN D 89 -0.44 -33.87 -5.54
N ILE D 90 0.79 -34.25 -5.90
CA ILE D 90 1.57 -35.15 -5.07
C ILE D 90 2.07 -34.50 -3.78
N PHE D 91 2.04 -33.15 -3.69
CA PHE D 91 2.59 -32.44 -2.55
C PHE D 91 1.57 -31.66 -1.74
N SER D 92 0.30 -31.63 -2.16
CA SER D 92 -0.65 -30.70 -1.59
C SER D 92 -1.43 -31.25 -0.39
N THR D 93 -1.41 -32.56 -0.16
CA THR D 93 -2.15 -33.13 0.93
C THR D 93 -1.61 -32.66 2.27
N GLN D 94 -2.52 -32.33 3.19
CA GLN D 94 -2.18 -32.21 4.60
C GLN D 94 -2.51 -33.54 5.28
N ASP D 95 -1.48 -34.20 5.80
CA ASP D 95 -1.66 -35.58 6.24
C ASP D 95 -2.63 -35.70 7.42
N GLN D 96 -2.74 -34.64 8.24
CA GLN D 96 -3.72 -34.69 9.33
C GLN D 96 -5.14 -34.58 8.79
N ALA D 97 -5.34 -33.88 7.68
CA ALA D 97 -6.65 -33.78 7.07
C ALA D 97 -7.07 -35.13 6.48
N ALA D 98 -6.16 -35.76 5.74
CA ALA D 98 -6.46 -37.07 5.17
C ALA D 98 -6.78 -38.09 6.26
N ALA D 99 -6.03 -38.06 7.36
CA ALA D 99 -6.27 -38.97 8.48
C ALA D 99 -7.64 -38.74 9.11
N ALA D 100 -8.02 -37.48 9.32
CA ALA D 100 -9.32 -37.21 9.93
C ALA D 100 -10.45 -37.75 9.06
N ILE D 101 -10.33 -37.57 7.75
CA ILE D 101 -11.34 -38.06 6.81
C ILE D 101 -11.39 -39.60 6.82
N ALA D 102 -10.23 -40.24 6.74
CA ALA D 102 -10.19 -41.71 6.78
C ALA D 102 -10.79 -42.23 8.09
N ALA D 103 -10.50 -41.58 9.21
CA ALA D 103 -10.99 -42.04 10.50
C ALA D 103 -12.48 -41.83 10.66
N ALA D 104 -13.08 -40.96 9.85
CA ALA D 104 -14.52 -40.80 9.80
C ALA D 104 -15.19 -41.82 8.90
N GLY D 105 -14.46 -42.80 8.38
CA GLY D 105 -15.05 -43.84 7.56
C GLY D 105 -15.23 -43.47 6.10
N ILE D 106 -14.51 -42.47 5.62
CA ILE D 106 -14.62 -42.00 4.24
C ILE D 106 -13.42 -42.50 3.46
N PRO D 107 -13.61 -43.15 2.32
CA PRO D 107 -12.45 -43.62 1.55
C PRO D 107 -11.64 -42.45 0.98
N VAL D 108 -10.39 -42.35 1.42
CA VAL D 108 -9.46 -41.32 0.95
C VAL D 108 -8.11 -41.99 0.72
N PHE D 109 -7.46 -41.63 -0.39
CA PHE D 109 -6.18 -42.19 -0.79
C PHE D 109 -5.28 -41.00 -1.12
N ALA D 110 -4.45 -40.59 -0.17
CA ALA D 110 -3.71 -39.34 -0.33
C ALA D 110 -2.71 -39.15 0.80
N TRP D 111 -1.50 -38.70 0.43
CA TRP D 111 -0.50 -38.30 1.41
C TRP D 111 0.43 -37.28 0.78
N LYS D 112 1.09 -36.49 1.63
CA LYS D 112 2.03 -35.51 1.12
C LYS D 112 3.30 -36.23 0.68
N GLY D 113 3.78 -35.93 -0.52
CA GLY D 113 4.98 -36.57 -1.01
C GLY D 113 4.78 -37.86 -1.76
N GLU D 114 3.69 -37.95 -2.52
CA GLU D 114 3.47 -39.11 -3.36
C GLU D 114 4.48 -39.13 -4.51
N THR D 115 4.82 -40.32 -4.98
CA THR D 115 5.46 -40.45 -6.27
C THR D 115 4.42 -40.36 -7.38
N GLU D 116 4.90 -40.27 -8.63
CA GLU D 116 3.96 -40.20 -9.74
C GLU D 116 3.16 -41.49 -9.87
N GLU D 117 3.82 -42.63 -9.64
CA GLU D 117 3.11 -43.91 -9.67
C GLU D 117 2.07 -43.99 -8.55
N GLU D 118 2.40 -43.48 -7.37
CA GLU D 118 1.45 -43.47 -6.26
C GLU D 118 0.28 -42.53 -6.54
N TYR D 119 0.56 -41.40 -7.18
CA TYR D 119 -0.52 -40.47 -7.53
C TYR D 119 -1.57 -41.14 -8.40
N GLU D 120 -1.14 -41.82 -9.45
CA GLU D 120 -2.08 -42.50 -10.33
C GLU D 120 -2.77 -43.66 -9.61
N TRP D 121 -2.04 -44.38 -8.75
CA TRP D 121 -2.66 -45.45 -7.97
C TRP D 121 -3.78 -44.91 -7.09
N CYS D 122 -3.56 -43.76 -6.45
CA CYS D 122 -4.59 -43.18 -5.59
C CYS D 122 -5.86 -42.86 -6.35
N ILE D 123 -5.74 -42.23 -7.52
CA ILE D 123 -6.92 -41.95 -8.34
C ILE D 123 -7.64 -43.26 -8.69
N GLU D 124 -6.87 -44.29 -9.04
CA GLU D 124 -7.48 -45.57 -9.40
CA GLU D 124 -7.47 -45.58 -9.39
C GLU D 124 -8.18 -46.21 -8.21
N GLN D 125 -7.69 -45.99 -6.99
CA GLN D 125 -8.37 -46.54 -5.82
C GLN D 125 -9.74 -45.90 -5.62
N THR D 126 -9.94 -44.68 -6.09
CA THR D 126 -11.27 -44.10 -5.96
C THR D 126 -12.20 -44.63 -7.05
N ILE D 127 -11.66 -44.83 -8.26
CA ILE D 127 -12.47 -45.32 -9.38
C ILE D 127 -12.92 -46.77 -9.15
N LEU D 128 -12.04 -47.62 -8.62
CA LEU D 128 -12.33 -49.02 -8.38
C LEU D 128 -12.67 -49.24 -6.90
N LYS D 129 -13.64 -50.10 -6.65
CA LYS D 129 -13.90 -50.59 -5.31
C LYS D 129 -13.98 -52.11 -5.39
N ASP D 130 -13.12 -52.79 -4.62
CA ASP D 130 -13.01 -54.24 -4.67
C ASP D 130 -12.67 -54.71 -6.08
N GLY D 131 -11.80 -53.97 -6.76
CA GLY D 131 -11.29 -54.35 -8.05
C GLY D 131 -12.23 -54.13 -9.21
N GLN D 132 -13.39 -53.53 -8.99
CA GLN D 132 -14.38 -53.30 -10.03
C GLN D 132 -14.80 -51.84 -10.00
N PRO D 133 -15.32 -51.32 -11.11
CA PRO D 133 -15.78 -49.93 -11.12
C PRO D 133 -16.79 -49.65 -10.02
N TRP D 134 -16.49 -48.63 -9.21
CA TRP D 134 -17.46 -48.13 -8.25
C TRP D 134 -18.71 -47.64 -8.99
N ASP D 135 -19.85 -47.65 -8.30
CA ASP D 135 -21.09 -47.16 -8.91
C ASP D 135 -21.16 -45.63 -8.77
N ALA D 136 -20.12 -44.99 -9.27
CA ALA D 136 -20.02 -43.54 -9.31
C ALA D 136 -21.12 -42.94 -10.18
N ASN D 137 -21.62 -41.78 -9.77
CA ASN D 137 -22.53 -41.03 -10.65
C ASN D 137 -22.26 -39.54 -10.67
N MET D 138 -21.19 -39.07 -10.04
CA MET D 138 -20.81 -37.67 -9.99
C MET D 138 -19.29 -37.58 -9.91
N VAL D 139 -18.74 -36.51 -10.47
CA VAL D 139 -17.30 -36.26 -10.48
C VAL D 139 -17.07 -34.85 -9.98
N LEU D 140 -16.14 -34.69 -9.04
CA LEU D 140 -15.63 -33.38 -8.63
C LEU D 140 -14.13 -33.40 -8.86
N ASP D 141 -13.65 -32.48 -9.71
CA ASP D 141 -12.28 -32.52 -10.20
C ASP D 141 -11.63 -31.15 -10.05
N ASP D 142 -10.29 -31.16 -10.01
CA ASP D 142 -9.48 -29.95 -9.90
C ASP D 142 -8.26 -30.19 -10.79
N GLY D 143 -8.30 -29.70 -12.02
CA GLY D 143 -7.21 -29.85 -12.95
C GLY D 143 -7.46 -30.83 -14.07
N GLY D 144 -8.47 -31.70 -13.93
CA GLY D 144 -8.89 -32.54 -15.04
C GLY D 144 -8.23 -33.90 -15.13
N ASP D 145 -7.37 -34.27 -14.17
CA ASP D 145 -6.69 -35.56 -14.26
C ASP D 145 -7.68 -36.72 -14.10
N LEU D 146 -8.56 -36.64 -13.10
CA LEU D 146 -9.55 -37.71 -12.93
C LEU D 146 -10.49 -37.75 -14.13
N THR D 147 -10.90 -36.58 -14.62
CA THR D 147 -11.75 -36.50 -15.80
C THR D 147 -11.10 -37.17 -17.00
N GLU D 148 -9.79 -36.95 -17.19
CA GLU D 148 -9.11 -37.53 -18.35
C GLU D 148 -9.04 -39.06 -18.24
N ILE D 149 -8.68 -39.58 -17.06
CA ILE D 149 -8.60 -41.03 -16.85
C ILE D 149 -9.95 -41.67 -17.11
N LEU D 150 -11.04 -41.04 -16.65
CA LEU D 150 -12.36 -41.63 -16.87
C LEU D 150 -12.68 -41.71 -18.36
N HIS D 151 -12.41 -40.63 -19.10
CA HIS D 151 -12.73 -40.63 -20.53
C HIS D 151 -11.87 -41.63 -21.29
N LYS D 152 -10.58 -41.73 -20.94
CA LYS D 152 -9.68 -42.58 -21.71
C LYS D 152 -9.81 -44.04 -21.31
N LYS D 153 -10.01 -44.32 -20.02
CA LYS D 153 -9.93 -45.68 -19.52
C LYS D 153 -11.25 -46.27 -19.05
N TYR D 154 -12.23 -45.45 -18.68
CA TYR D 154 -13.49 -45.94 -18.11
C TYR D 154 -14.73 -45.32 -18.77
N PRO D 155 -14.85 -45.42 -20.11
CA PRO D 155 -16.04 -44.84 -20.75
C PRO D 155 -17.36 -45.44 -20.29
N GLN D 156 -17.38 -46.74 -19.92
CA GLN D 156 -18.61 -47.34 -19.43
C GLN D 156 -19.08 -46.69 -18.13
N MET D 157 -18.15 -46.19 -17.30
CA MET D 157 -18.55 -45.53 -16.06
C MET D 157 -19.19 -44.17 -16.34
N LEU D 158 -18.69 -43.43 -17.34
CA LEU D 158 -19.27 -42.13 -17.66
C LEU D 158 -20.72 -42.24 -18.12
N GLU D 159 -21.10 -43.39 -18.72
CA GLU D 159 -22.48 -43.59 -19.11
C GLU D 159 -23.45 -43.33 -17.97
N ARG D 160 -23.03 -43.60 -16.74
CA ARG D 160 -23.92 -43.48 -15.59
C ARG D 160 -23.57 -42.28 -14.72
N ILE D 161 -22.75 -41.36 -15.21
CA ILE D 161 -22.32 -40.20 -14.43
C ILE D 161 -23.08 -38.98 -14.93
N HIS D 162 -23.66 -38.23 -13.99
CA HIS D 162 -24.55 -37.13 -14.34
C HIS D 162 -23.81 -35.83 -14.63
N GLY D 163 -22.58 -35.68 -14.15
CA GLY D 163 -21.85 -34.45 -14.42
C GLY D 163 -20.51 -34.40 -13.73
N ILE D 164 -19.74 -33.38 -14.13
CA ILE D 164 -18.43 -33.07 -13.58
C ILE D 164 -18.50 -31.62 -13.07
N THR D 165 -18.01 -31.38 -11.86
CA THR D 165 -17.85 -30.00 -11.39
C THR D 165 -16.37 -29.73 -11.25
N GLU D 166 -15.84 -28.84 -12.10
CA GLU D 166 -14.40 -28.63 -12.23
C GLU D 166 -13.98 -27.33 -11.56
N GLU D 167 -12.91 -27.43 -10.76
CA GLU D 167 -12.48 -26.40 -9.83
C GLU D 167 -11.67 -25.27 -10.48
N THR D 168 -10.78 -25.58 -11.42
CA THR D 168 -9.71 -24.62 -11.71
C THR D 168 -9.59 -24.34 -13.20
N THR D 169 -8.90 -23.23 -13.50
CA THR D 169 -8.82 -22.73 -14.86
C THR D 169 -8.28 -23.79 -15.83
N THR D 170 -7.19 -24.46 -15.44
CA THR D 170 -6.61 -25.47 -16.34
C THR D 170 -7.60 -26.59 -16.64
N GLY D 171 -8.33 -27.06 -15.63
CA GLY D 171 -9.30 -28.12 -15.87
C GLY D 171 -10.43 -27.68 -16.77
N VAL D 172 -10.84 -26.41 -16.66
CA VAL D 172 -11.91 -25.92 -17.53
C VAL D 172 -11.44 -25.91 -18.98
N HIS D 173 -10.22 -25.44 -19.23
CA HIS D 173 -9.70 -25.43 -20.59
C HIS D 173 -9.69 -26.83 -21.19
N ARG D 174 -9.33 -27.83 -20.39
CA ARG D 174 -9.33 -29.21 -20.88
C ARG D 174 -10.75 -29.68 -21.19
N LEU D 175 -11.73 -29.28 -20.37
CA LEU D 175 -13.13 -29.62 -20.66
C LEU D 175 -13.58 -29.01 -21.97
N LEU D 176 -13.27 -27.72 -22.18
CA LEU D 176 -13.68 -27.03 -23.39
C LEU D 176 -13.02 -27.63 -24.63
N ASP D 177 -11.77 -28.11 -24.49
CA ASP D 177 -11.15 -28.80 -25.61
C ASP D 177 -11.90 -30.09 -25.93
N MET D 178 -12.31 -30.84 -24.91
CA MET D 178 -13.09 -32.06 -25.17
C MET D 178 -14.41 -31.72 -25.85
N LEU D 179 -15.11 -30.70 -25.34
CA LEU D 179 -16.37 -30.30 -25.92
C LEU D 179 -16.19 -29.89 -27.38
N LYS D 180 -15.15 -29.10 -27.66
CA LYS D 180 -14.87 -28.69 -29.04
C LYS D 180 -14.65 -29.90 -29.94
N ASN D 181 -13.87 -30.88 -29.48
CA ASN D 181 -13.59 -32.06 -30.29
C ASN D 181 -14.69 -33.11 -30.21
N GLY D 182 -15.80 -32.80 -29.52
CA GLY D 182 -16.89 -33.75 -29.41
C GLY D 182 -16.60 -35.00 -28.59
N THR D 183 -15.63 -34.94 -27.67
CA THR D 183 -15.27 -36.09 -26.86
C THR D 183 -15.71 -35.98 -25.41
N LEU D 184 -16.28 -34.86 -24.99
CA LEU D 184 -16.83 -34.77 -23.64
C LEU D 184 -18.10 -35.62 -23.54
N LYS D 185 -18.13 -36.52 -22.56
CA LYS D 185 -19.23 -37.48 -22.46
C LYS D 185 -20.33 -37.07 -21.48
N VAL D 186 -20.05 -36.15 -20.57
CA VAL D 186 -21.04 -35.71 -19.58
C VAL D 186 -20.94 -34.22 -19.38
N PRO D 187 -22.05 -33.58 -18.99
CA PRO D 187 -22.02 -32.12 -18.82
C PRO D 187 -21.16 -31.72 -17.64
N ALA D 188 -20.75 -30.45 -17.64
CA ALA D 188 -19.90 -29.96 -16.57
C ALA D 188 -20.37 -28.60 -16.11
N ILE D 189 -20.08 -28.28 -14.84
CA ILE D 189 -20.15 -26.91 -14.36
C ILE D 189 -18.74 -26.39 -14.15
N ASN D 190 -18.45 -25.24 -14.75
CA ASN D 190 -17.21 -24.50 -14.54
C ASN D 190 -17.35 -23.76 -13.23
N VAL D 191 -16.84 -24.37 -12.15
CA VAL D 191 -16.87 -23.73 -10.84
C VAL D 191 -15.90 -22.56 -10.80
N ASN D 192 -14.84 -22.65 -11.59
CA ASN D 192 -13.81 -21.62 -11.58
C ASN D 192 -14.37 -20.23 -11.86
N ASP D 193 -15.36 -20.10 -12.73
CA ASP D 193 -15.72 -18.77 -13.19
C ASP D 193 -16.90 -18.15 -12.42
N SER D 194 -17.31 -18.73 -11.30
CA SER D 194 -18.07 -17.94 -10.34
C SER D 194 -17.16 -16.81 -9.86
N VAL D 195 -17.72 -15.62 -9.66
CA VAL D 195 -16.88 -14.53 -9.16
C VAL D 195 -16.38 -14.84 -7.75
N THR D 196 -17.22 -15.49 -6.94
CA THR D 196 -16.77 -15.93 -5.62
C THR D 196 -15.80 -17.11 -5.68
N LYS D 197 -15.42 -17.57 -6.87
CA LYS D 197 -14.29 -18.48 -7.02
C LYS D 197 -13.13 -17.72 -7.66
N SER D 198 -13.22 -17.42 -8.96
CA SER D 198 -12.10 -16.85 -9.70
C SER D 198 -11.53 -15.60 -9.04
N LYS D 199 -12.39 -14.66 -8.65
CA LYS D 199 -11.91 -13.38 -8.13
C LYS D 199 -11.82 -13.37 -6.63
N ASN D 200 -11.77 -14.54 -6.01
CA ASN D 200 -11.63 -14.70 -4.57
C ASN D 200 -10.47 -15.68 -4.30
N ASP D 201 -10.66 -16.91 -4.77
CA ASP D 201 -9.67 -17.96 -4.68
C ASP D 201 -8.43 -17.65 -5.53
N ASN D 202 -8.62 -17.50 -6.85
CA ASN D 202 -7.46 -17.41 -7.74
C ASN D 202 -6.62 -16.19 -7.42
N LYS D 203 -7.26 -15.09 -7.07
CA LYS D 203 -6.52 -13.84 -6.83
C LYS D 203 -6.17 -13.68 -5.35
N TYR D 204 -7.18 -13.50 -4.50
CA TYR D 204 -6.88 -13.26 -3.09
C TYR D 204 -6.25 -14.47 -2.41
N GLY D 205 -6.58 -15.68 -2.84
CA GLY D 205 -5.94 -16.84 -2.22
C GLY D 205 -4.44 -16.83 -2.42
N CYS D 206 -4.00 -16.53 -3.64
CA CYS D 206 -2.56 -16.49 -3.91
C CYS D 206 -1.90 -15.30 -3.23
N ARG D 207 -2.64 -14.19 -3.08
CA ARG D 207 -2.12 -13.09 -2.27
CA ARG D 207 -2.11 -13.09 -2.29
C ARG D 207 -1.74 -13.55 -0.88
N HIS D 208 -2.58 -14.37 -0.26
CA HIS D 208 -2.30 -14.86 1.08
C HIS D 208 -1.19 -15.90 1.08
N SER D 209 -1.24 -16.85 0.13
CA SER D 209 -0.47 -18.06 0.33
C SER D 209 0.86 -18.09 -0.44
N LEU D 210 1.07 -17.19 -1.41
CA LEU D 210 2.36 -17.18 -2.11
C LEU D 210 3.50 -16.78 -1.17
N ASN D 211 3.47 -15.56 -0.60
CA ASN D 211 4.57 -15.17 0.28
CA ASN D 211 4.56 -15.16 0.30
C ASN D 211 4.65 -16.09 1.50
N ASP D 212 3.52 -16.64 1.93
CA ASP D 212 3.50 -17.66 2.99
C ASP D 212 4.43 -18.83 2.64
N ALA D 213 4.19 -19.47 1.49
CA ALA D 213 5.01 -20.61 1.08
C ALA D 213 6.47 -20.22 0.88
N ILE D 214 6.73 -19.03 0.33
CA ILE D 214 8.12 -18.61 0.15
C ILE D 214 8.82 -18.45 1.50
N LYS D 215 8.11 -17.88 2.47
CA LYS D 215 8.71 -17.72 3.80
C LYS D 215 8.95 -19.06 4.49
N ARG D 216 8.00 -19.98 4.39
CA ARG D 216 8.22 -21.27 5.05
C ARG D 216 9.36 -22.04 4.38
N GLY D 217 9.46 -21.93 3.06
CA GLY D 217 10.48 -22.67 2.34
C GLY D 217 11.90 -22.15 2.50
N THR D 218 12.06 -20.82 2.57
CA THR D 218 13.38 -20.18 2.55
C THR D 218 13.65 -19.25 3.73
N ASP D 219 12.60 -18.72 4.37
CA ASP D 219 12.73 -17.68 5.39
C ASP D 219 13.53 -16.47 4.88
N HIS D 220 13.49 -16.23 3.57
CA HIS D 220 14.16 -15.07 2.98
C HIS D 220 13.39 -13.77 3.24
N LEU D 221 14.11 -12.72 3.63
CA LEU D 221 13.52 -11.40 3.55
C LEU D 221 13.11 -11.10 2.11
N LEU D 222 11.89 -10.59 1.93
CA LEU D 222 11.43 -10.24 0.60
C LEU D 222 11.51 -8.75 0.31
N SER D 223 11.31 -7.90 1.34
CA SER D 223 11.36 -6.46 1.18
C SER D 223 12.68 -6.05 0.56
N GLY D 224 12.59 -5.19 -0.45
CA GLY D 224 13.79 -4.64 -1.07
C GLY D 224 14.41 -5.48 -2.16
N LYS D 225 13.91 -6.70 -2.38
CA LYS D 225 14.45 -7.59 -3.41
C LYS D 225 13.60 -7.55 -4.67
N GLN D 226 14.18 -8.08 -5.76
CA GLN D 226 13.58 -8.00 -7.09
C GLN D 226 12.85 -9.28 -7.44
N ALA D 227 11.58 -9.16 -7.82
CA ALA D 227 10.80 -10.30 -8.27
C ALA D 227 10.36 -10.10 -9.72
N LEU D 228 10.22 -11.22 -10.43
CA LEU D 228 9.61 -11.28 -11.74
C LEU D 228 8.44 -12.26 -11.68
N VAL D 229 7.22 -11.75 -11.89
CA VAL D 229 6.05 -12.60 -11.97
C VAL D 229 5.71 -12.79 -13.46
N ILE D 230 5.65 -14.04 -13.89
CA ILE D 230 5.26 -14.38 -15.26
C ILE D 230 3.76 -14.61 -15.27
N GLY D 231 3.03 -13.68 -15.86
CA GLY D 231 1.58 -13.79 -15.94
C GLY D 231 0.92 -12.76 -15.04
N TYR D 232 -0.23 -12.25 -15.48
CA TYR D 232 -1.00 -11.27 -14.73
C TYR D 232 -2.49 -11.50 -14.95
N GLY D 233 -2.90 -12.77 -14.99
CA GLY D 233 -4.29 -13.15 -14.87
C GLY D 233 -4.68 -13.09 -13.40
N ASP D 234 -5.66 -13.89 -13.01
CA ASP D 234 -6.12 -13.81 -11.62
C ASP D 234 -5.01 -14.25 -10.67
N VAL D 235 -4.37 -15.37 -10.97
CA VAL D 235 -3.27 -15.86 -10.11
C VAL D 235 -2.10 -14.88 -10.14
N GLY D 236 -1.76 -14.37 -11.34
CA GLY D 236 -0.63 -13.45 -11.43
C GLY D 236 -0.89 -12.13 -10.71
N LYS D 237 -2.13 -11.65 -10.75
CA LYS D 237 -2.49 -10.44 -9.99
C LYS D 237 -2.34 -10.67 -8.49
N GLY D 238 -2.89 -11.77 -7.98
CA GLY D 238 -2.76 -12.06 -6.56
C GLY D 238 -1.33 -12.29 -6.16
N SER D 239 -0.56 -12.97 -7.01
CA SER D 239 0.83 -13.27 -6.71
C SER D 239 1.65 -11.99 -6.66
N SER D 240 1.48 -11.11 -7.66
CA SER D 240 2.20 -9.84 -7.66
C SER D 240 1.90 -9.01 -6.42
N GLN D 241 0.64 -9.01 -5.97
CA GLN D 241 0.30 -8.29 -4.75
C GLN D 241 0.92 -8.93 -3.51
N SER D 242 0.93 -10.27 -3.47
CA SER D 242 1.54 -11.00 -2.35
C SER D 242 2.98 -10.56 -2.13
N LEU D 243 3.71 -10.32 -3.22
CA LEU D 243 5.10 -9.92 -3.16
C LEU D 243 5.26 -8.42 -2.95
N ARG D 244 4.51 -7.62 -3.71
CA ARG D 244 4.60 -6.16 -3.55
C ARG D 244 4.24 -5.72 -2.13
N GLN D 245 3.19 -6.31 -1.55
CA GLN D 245 2.77 -5.88 -0.21
C GLN D 245 3.84 -6.18 0.83
N GLU D 246 4.76 -7.12 0.53
CA GLU D 246 5.91 -7.39 1.38
C GLU D 246 7.08 -6.46 1.11
N GLY D 247 6.95 -5.56 0.14
CA GLY D 247 8.04 -4.65 -0.20
C GLY D 247 8.93 -5.10 -1.34
N MET D 248 8.58 -6.18 -2.04
CA MET D 248 9.40 -6.53 -3.20
C MET D 248 9.25 -5.50 -4.32
N ILE D 249 10.30 -5.36 -5.11
CA ILE D 249 10.23 -4.60 -6.37
C ILE D 249 9.84 -5.63 -7.44
N VAL D 250 8.60 -5.54 -7.91
CA VAL D 250 7.97 -6.59 -8.72
C VAL D 250 7.87 -6.11 -10.16
N LYS D 251 8.43 -6.90 -11.08
CA LYS D 251 8.21 -6.71 -12.51
C LYS D 251 7.31 -7.83 -13.01
N VAL D 252 6.56 -7.54 -14.06
CA VAL D 252 5.51 -8.45 -14.53
C VAL D 252 5.71 -8.71 -16.02
N ALA D 253 5.57 -9.98 -16.41
CA ALA D 253 5.59 -10.34 -17.83
C ALA D 253 4.22 -10.83 -18.26
N GLU D 254 3.87 -10.57 -19.51
CA GLU D 254 2.56 -10.97 -20.01
C GLU D 254 2.62 -11.10 -21.53
N VAL D 255 1.76 -11.97 -22.05
CA VAL D 255 1.48 -12.01 -23.48
C VAL D 255 0.18 -11.29 -23.83
N ASP D 256 -0.70 -11.07 -22.85
CA ASP D 256 -1.99 -10.44 -23.10
C ASP D 256 -1.84 -8.94 -22.84
N PRO D 257 -1.98 -8.09 -23.85
CA PRO D 257 -1.73 -6.65 -23.62
C PRO D 257 -2.74 -6.02 -22.70
N ILE D 258 -3.97 -6.55 -22.62
CA ILE D 258 -4.93 -6.01 -21.66
C ILE D 258 -4.47 -6.28 -20.24
N CYS D 259 -4.06 -7.51 -19.94
CA CYS D 259 -3.58 -7.80 -18.60
C CYS D 259 -2.32 -7.00 -18.29
N ALA D 260 -1.46 -6.80 -19.29
CA ALA D 260 -0.26 -5.98 -19.09
C ALA D 260 -0.64 -4.54 -18.80
N MET D 261 -1.68 -4.02 -19.48
N MET D 261 -1.68 -4.02 -19.48
CA MET D 261 -2.18 -2.69 -19.17
CA MET D 261 -2.17 -2.69 -19.17
C MET D 261 -2.59 -2.58 -17.70
C MET D 261 -2.57 -2.59 -17.70
N GLN D 262 -3.22 -3.63 -17.17
CA GLN D 262 -3.62 -3.61 -15.77
C GLN D 262 -2.40 -3.59 -14.87
N ALA D 263 -1.38 -4.40 -15.20
CA ALA D 263 -0.15 -4.39 -14.40
C ALA D 263 0.47 -3.00 -14.37
N CYS D 264 0.53 -2.33 -15.53
CA CYS D 264 1.07 -0.97 -15.56
C CYS D 264 0.27 -0.05 -14.65
N MET D 265 -1.05 0.00 -14.85
CA MET D 265 -1.90 0.89 -14.08
C MET D 265 -1.87 0.54 -12.60
N ASP D 266 -1.62 -0.73 -12.26
CA ASP D 266 -1.48 -1.16 -10.87
C ASP D 266 -0.12 -0.81 -10.29
N GLY D 267 0.77 -0.19 -11.06
CA GLY D 267 2.04 0.27 -10.52
C GLY D 267 3.21 -0.67 -10.70
N PHE D 268 3.14 -1.58 -11.68
CA PHE D 268 4.20 -2.52 -11.96
C PHE D 268 4.88 -2.17 -13.27
N GLU D 269 6.18 -2.46 -13.35
CA GLU D 269 6.92 -2.34 -14.60
C GLU D 269 6.74 -3.63 -15.38
N VAL D 270 6.37 -3.52 -16.65
CA VAL D 270 6.08 -4.69 -17.47
C VAL D 270 7.28 -4.96 -18.35
N VAL D 271 7.86 -6.15 -18.22
CA VAL D 271 9.07 -6.52 -18.92
C VAL D 271 8.90 -7.90 -19.52
N SER D 272 9.80 -8.24 -20.44
CA SER D 272 9.83 -9.58 -20.99
C SER D 272 11.19 -10.23 -20.71
N PRO D 273 11.22 -11.54 -20.43
CA PRO D 273 12.51 -12.23 -20.35
C PRO D 273 13.29 -12.20 -21.64
N TYR D 274 12.63 -11.90 -22.75
CA TYR D 274 13.24 -11.93 -24.07
C TYR D 274 13.36 -10.51 -24.62
N LYS D 275 14.43 -10.30 -25.38
CA LYS D 275 14.67 -9.00 -25.98
C LYS D 275 13.56 -8.66 -26.97
N ASN D 276 12.92 -7.50 -26.76
CA ASN D 276 11.74 -7.10 -27.53
C ASN D 276 10.65 -8.16 -27.45
N GLY D 277 10.67 -8.99 -26.41
CA GLY D 277 9.64 -9.98 -26.20
C GLY D 277 9.58 -11.09 -27.22
N ILE D 278 10.63 -11.27 -28.04
CA ILE D 278 10.65 -12.29 -29.09
C ILE D 278 11.46 -13.47 -28.57
N ASN D 279 10.78 -14.60 -28.37
CA ASN D 279 11.37 -15.82 -27.85
C ASN D 279 11.65 -16.72 -29.05
N ASP D 280 12.88 -16.65 -29.58
CA ASP D 280 13.24 -17.44 -30.75
C ASP D 280 14.07 -18.69 -30.39
N GLY D 281 14.25 -18.98 -29.10
CA GLY D 281 14.91 -20.20 -28.67
C GLY D 281 16.40 -20.10 -28.48
N THR D 282 17.03 -18.98 -28.85
CA THR D 282 18.46 -18.81 -28.71
C THR D 282 18.77 -18.12 -27.39
N GLU D 283 19.98 -18.37 -26.88
CA GLU D 283 20.43 -17.65 -25.69
C GLU D 283 20.56 -16.16 -25.97
N ALA D 284 20.86 -15.80 -27.22
CA ALA D 284 21.00 -14.40 -27.59
C ALA D 284 19.71 -13.62 -27.34
N SER D 285 18.56 -14.30 -27.38
CA SER D 285 17.28 -13.63 -27.18
C SER D 285 17.00 -13.30 -25.71
N ILE D 286 17.76 -13.86 -24.77
CA ILE D 286 17.48 -13.65 -23.36
C ILE D 286 18.01 -12.28 -22.94
N ASP D 287 17.18 -11.52 -22.23
CA ASP D 287 17.64 -10.29 -21.60
C ASP D 287 18.44 -10.69 -20.35
N ALA D 288 19.73 -10.98 -20.59
CA ALA D 288 20.58 -11.44 -19.49
C ALA D 288 20.72 -10.38 -18.41
N ALA D 289 20.78 -9.10 -18.80
CA ALA D 289 20.94 -8.04 -17.82
C ALA D 289 19.76 -7.99 -16.86
N LEU D 290 18.54 -8.16 -17.40
CA LEU D 290 17.35 -8.16 -16.55
C LEU D 290 17.30 -9.40 -15.67
N LEU D 291 17.52 -10.59 -16.24
CA LEU D 291 17.41 -11.80 -15.43
C LEU D 291 18.55 -11.89 -14.41
N GLY D 292 19.70 -11.30 -14.72
CA GLY D 292 20.80 -11.27 -13.76
C GLY D 292 20.52 -10.45 -12.51
N LYS D 293 19.42 -9.72 -12.46
CA LYS D 293 19.06 -8.91 -11.30
C LYS D 293 17.86 -9.45 -10.53
N ILE D 294 17.26 -10.54 -10.99
CA ILE D 294 16.02 -11.07 -10.40
C ILE D 294 16.38 -12.01 -9.26
N ASP D 295 15.81 -11.76 -8.07
CA ASP D 295 15.97 -12.62 -6.91
C ASP D 295 14.91 -13.70 -6.79
N LEU D 296 13.78 -13.55 -7.48
CA LEU D 296 12.67 -14.48 -7.32
C LEU D 296 11.84 -14.44 -8.58
N ILE D 297 11.60 -15.61 -9.17
CA ILE D 297 10.71 -15.71 -10.31
C ILE D 297 9.55 -16.64 -9.93
N VAL D 298 8.33 -16.22 -10.26
CA VAL D 298 7.12 -16.97 -9.99
C VAL D 298 6.33 -17.09 -11.29
N THR D 299 5.96 -18.32 -11.66
CA THR D 299 5.15 -18.56 -12.85
C THR D 299 3.68 -18.71 -12.44
N THR D 300 2.78 -18.07 -13.21
CA THR D 300 1.36 -18.03 -12.85
C THR D 300 0.44 -18.32 -14.05
N THR D 301 0.93 -18.95 -15.11
CA THR D 301 0.26 -18.81 -16.41
C THR D 301 -0.71 -19.93 -16.76
N GLY D 302 -0.50 -21.15 -16.28
CA GLY D 302 -1.16 -22.30 -16.87
C GLY D 302 -0.65 -22.68 -18.25
N ASN D 303 0.47 -22.12 -18.69
CA ASN D 303 1.06 -22.36 -20.00
C ASN D 303 2.29 -23.26 -19.83
N VAL D 304 2.96 -23.57 -20.93
CA VAL D 304 4.12 -24.47 -20.92
C VAL D 304 5.41 -23.66 -21.10
N ASN D 305 6.42 -23.99 -20.30
CA ASN D 305 7.80 -23.53 -20.52
C ASN D 305 7.93 -22.00 -20.50
N VAL D 306 7.26 -21.35 -19.55
CA VAL D 306 7.38 -19.88 -19.46
C VAL D 306 8.54 -19.45 -18.58
N CYS D 307 9.21 -20.38 -17.92
CA CYS D 307 10.52 -20.14 -17.31
C CYS D 307 11.42 -21.23 -17.90
N ASP D 308 12.06 -20.92 -19.03
CA ASP D 308 12.70 -21.96 -19.82
C ASP D 308 14.16 -22.12 -19.42
N ALA D 309 14.84 -23.05 -20.11
CA ALA D 309 16.21 -23.38 -19.75
C ALA D 309 17.14 -22.19 -19.88
N ASN D 310 17.03 -21.42 -20.96
CA ASN D 310 17.90 -20.26 -21.13
C ASN D 310 17.62 -19.19 -20.09
N MET D 311 16.35 -19.04 -19.67
CA MET D 311 16.07 -18.15 -18.54
C MET D 311 16.74 -18.63 -17.27
N LEU D 312 16.66 -19.95 -17.01
CA LEU D 312 17.27 -20.51 -15.81
C LEU D 312 18.78 -20.36 -15.83
N LYS D 313 19.40 -20.50 -17.01
CA LYS D 313 20.84 -20.33 -17.10
C LYS D 313 21.25 -18.88 -16.81
N ALA D 314 20.39 -17.92 -17.12
CA ALA D 314 20.70 -16.51 -16.99
C ALA D 314 20.33 -15.91 -15.63
N LEU D 315 19.51 -16.60 -14.84
CA LEU D 315 19.05 -16.04 -13.57
C LEU D 315 20.21 -15.70 -12.65
N LYS D 316 20.01 -14.62 -11.88
CA LYS D 316 20.94 -14.24 -10.82
C LYS D 316 21.27 -15.44 -9.94
N LYS D 317 22.52 -15.53 -9.51
CA LYS D 317 22.92 -16.59 -8.59
C LYS D 317 22.05 -16.55 -7.34
N ARG D 318 21.65 -17.74 -6.87
CA ARG D 318 20.88 -17.96 -5.64
C ARG D 318 19.45 -17.40 -5.71
N ALA D 319 18.93 -17.14 -6.91
CA ALA D 319 17.53 -16.77 -7.05
C ALA D 319 16.62 -17.94 -6.68
N VAL D 320 15.41 -17.59 -6.19
CA VAL D 320 14.35 -18.57 -5.91
C VAL D 320 13.45 -18.69 -7.14
N VAL D 321 13.11 -19.93 -7.48
CA VAL D 321 12.28 -20.26 -8.64
C VAL D 321 11.09 -21.07 -8.14
N CYS D 322 9.88 -20.62 -8.45
CA CYS D 322 8.71 -21.39 -8.04
C CYS D 322 7.57 -21.18 -9.01
N ASN D 323 6.61 -22.10 -8.94
CA ASN D 323 5.45 -22.13 -9.81
C ASN D 323 4.20 -22.19 -8.96
N ILE D 324 3.22 -21.34 -9.25
CA ILE D 324 1.93 -21.40 -8.58
C ILE D 324 0.79 -21.67 -9.56
N GLY D 325 1.11 -21.91 -10.84
CA GLY D 325 0.14 -22.49 -11.75
C GLY D 325 -0.08 -23.96 -11.44
N HIS D 326 -1.06 -24.55 -12.12
CA HIS D 326 -1.53 -25.87 -11.71
C HIS D 326 -0.51 -26.99 -11.98
N PHE D 327 0.27 -26.89 -13.05
CA PHE D 327 1.15 -27.97 -13.46
C PHE D 327 2.61 -27.50 -13.43
N ASP D 328 3.52 -28.42 -13.12
CA ASP D 328 4.94 -28.07 -12.97
C ASP D 328 5.64 -27.75 -14.29
N ASN D 329 5.05 -28.08 -15.44
CA ASN D 329 5.74 -27.82 -16.70
C ASN D 329 5.81 -26.33 -17.05
N GLU D 330 5.35 -25.43 -16.19
CA GLU D 330 5.60 -24.01 -16.43
C GLU D 330 7.08 -23.69 -16.37
N ILE D 331 7.84 -24.47 -15.59
CA ILE D 331 9.28 -24.33 -15.47
C ILE D 331 9.93 -25.54 -16.12
N ASP D 332 11.03 -25.34 -16.83
CA ASP D 332 11.75 -26.46 -17.44
C ASP D 332 12.60 -27.17 -16.39
N THR D 333 11.90 -27.85 -15.47
CA THR D 333 12.61 -28.64 -14.45
C THR D 333 13.28 -29.86 -15.06
N ALA D 334 12.76 -30.38 -16.17
CA ALA D 334 13.39 -31.52 -16.82
C ALA D 334 14.82 -31.17 -17.25
N PHE D 335 15.01 -29.97 -17.81
CA PHE D 335 16.35 -29.51 -18.15
C PHE D 335 17.25 -29.53 -16.91
N MET D 336 16.72 -29.07 -15.78
CA MET D 336 17.53 -29.00 -14.58
C MET D 336 17.87 -30.38 -14.03
N ARG D 337 16.94 -31.34 -14.13
CA ARG D 337 17.25 -32.70 -13.70
C ARG D 337 18.30 -33.35 -14.60
N LYS D 338 18.34 -32.96 -15.88
CA LYS D 338 19.29 -33.54 -16.81
C LYS D 338 20.69 -32.95 -16.64
N ASN D 339 20.79 -31.67 -16.28
CA ASN D 339 22.06 -30.97 -16.40
C ASN D 339 22.68 -30.53 -15.08
N TRP D 340 21.89 -30.38 -14.02
CA TRP D 340 22.38 -29.77 -12.79
C TRP D 340 22.16 -30.69 -11.59
N ALA D 341 23.03 -30.56 -10.60
CA ALA D 341 22.99 -31.40 -9.41
C ALA D 341 22.02 -30.81 -8.38
N TRP D 342 21.16 -31.66 -7.83
CA TRP D 342 20.15 -31.22 -6.88
C TRP D 342 20.58 -31.57 -5.46
N GLU D 343 20.53 -30.56 -4.59
CA GLU D 343 20.84 -30.75 -3.17
C GLU D 343 19.58 -30.43 -2.38
N GLU D 344 19.03 -31.44 -1.71
CA GLU D 344 17.86 -31.19 -0.86
C GLU D 344 18.27 -30.40 0.37
N VAL D 345 17.62 -29.25 0.58
CA VAL D 345 17.78 -28.51 1.83
C VAL D 345 16.92 -29.12 2.92
N LYS D 346 15.65 -29.35 2.60
CA LYS D 346 14.64 -29.95 3.46
C LYS D 346 13.51 -30.30 2.50
N PRO D 347 12.46 -31.01 2.94
CA PRO D 347 11.40 -31.42 2.00
C PRO D 347 10.86 -30.23 1.20
N GLN D 348 10.73 -30.44 -0.12
CA GLN D 348 10.19 -29.46 -1.05
C GLN D 348 11.06 -28.20 -1.19
N VAL D 349 12.34 -28.27 -0.83
CA VAL D 349 13.28 -27.18 -1.06
C VAL D 349 14.58 -27.78 -1.58
N HIS D 350 14.96 -27.43 -2.81
CA HIS D 350 16.18 -27.99 -3.41
C HIS D 350 17.07 -26.87 -3.92
N LYS D 351 18.37 -26.93 -3.59
CA LYS D 351 19.36 -26.14 -4.30
C LYS D 351 19.74 -26.85 -5.58
N ILE D 352 19.69 -26.13 -6.71
CA ILE D 352 20.05 -26.66 -8.03
C ILE D 352 21.39 -26.05 -8.40
N HIS D 353 22.44 -26.87 -8.41
CA HIS D 353 23.80 -26.40 -8.60
C HIS D 353 24.12 -26.37 -10.10
N ARG D 354 24.32 -25.18 -10.64
CA ARG D 354 24.53 -25.01 -12.07
C ARG D 354 25.95 -25.32 -12.50
N THR D 355 26.78 -25.84 -11.60
CA THR D 355 28.16 -26.17 -11.92
C THR D 355 28.30 -27.51 -12.64
N GLY D 356 27.25 -28.30 -12.70
CA GLY D 356 27.34 -29.59 -13.34
C GLY D 356 26.32 -30.55 -12.77
N LYS D 357 26.29 -31.74 -13.37
CA LYS D 357 25.29 -32.76 -13.05
C LYS D 357 25.76 -33.74 -11.99
N ASP D 358 27.05 -34.05 -11.97
CA ASP D 358 27.60 -35.08 -11.10
C ASP D 358 28.28 -34.40 -9.91
N GLY D 359 27.61 -34.42 -8.77
CA GLY D 359 28.14 -33.85 -7.55
C GLY D 359 28.08 -32.33 -7.53
N PHE D 360 28.33 -31.79 -6.34
CA PHE D 360 28.33 -30.35 -6.13
C PHE D 360 29.27 -30.03 -4.98
N ASP D 361 29.77 -28.80 -4.97
CA ASP D 361 30.50 -28.30 -3.82
C ASP D 361 29.49 -27.78 -2.80
N ALA D 362 29.61 -28.23 -1.54
CA ALA D 362 28.66 -27.83 -0.52
C ALA D 362 28.62 -26.32 -0.33
N HIS D 363 29.73 -25.64 -0.66
CA HIS D 363 29.84 -24.19 -0.55
C HIS D 363 29.82 -23.50 -1.92
N ASN D 364 29.38 -24.21 -2.96
CA ASN D 364 29.17 -23.57 -4.25
C ASN D 364 28.19 -22.42 -4.12
N ASP D 365 28.52 -21.29 -4.75
CA ASP D 365 27.63 -20.13 -4.69
C ASP D 365 26.70 -20.03 -5.89
N ASP D 366 26.92 -20.85 -6.92
CA ASP D 366 26.17 -20.75 -8.17
C ASP D 366 25.10 -21.83 -8.17
N TYR D 367 23.98 -21.54 -7.51
CA TYR D 367 22.83 -22.44 -7.48
C TYR D 367 21.56 -21.63 -7.56
N LEU D 368 20.46 -22.32 -7.84
CA LEU D 368 19.13 -21.76 -7.70
C LEU D 368 18.40 -22.51 -6.60
N ILE D 369 17.42 -21.85 -5.98
CA ILE D 369 16.57 -22.52 -5.00
C ILE D 369 15.22 -22.77 -5.65
N LEU D 370 14.89 -24.05 -5.85
CA LEU D 370 13.62 -24.47 -6.42
C LEU D 370 12.69 -24.95 -5.30
N LEU D 371 11.45 -24.46 -5.29
CA LEU D 371 10.46 -24.83 -4.29
C LEU D 371 9.49 -25.87 -4.86
N ALA D 372 9.15 -26.86 -4.03
CA ALA D 372 8.15 -27.90 -4.35
C ALA D 372 8.44 -28.61 -5.67
N GLU D 373 9.71 -28.66 -6.08
CA GLU D 373 10.12 -29.30 -7.34
C GLU D 373 9.33 -28.76 -8.54
N GLY D 374 8.91 -27.50 -8.46
CA GLY D 374 8.15 -26.85 -9.52
C GLY D 374 6.64 -27.02 -9.45
N ARG D 375 6.15 -27.84 -8.52
CA ARG D 375 4.71 -28.01 -8.31
C ARG D 375 4.13 -26.80 -7.58
N LEU D 376 2.79 -26.71 -7.56
CA LEU D 376 2.04 -25.62 -6.93
C LEU D 376 2.68 -25.20 -5.60
N VAL D 377 3.29 -24.02 -5.54
CA VAL D 377 4.17 -23.75 -4.43
C VAL D 377 3.39 -23.44 -3.16
N ASN D 378 2.21 -22.83 -3.28
CA ASN D 378 1.45 -22.45 -2.09
C ASN D 378 0.97 -23.69 -1.34
N LEU D 379 0.55 -24.74 -2.07
CA LEU D 379 0.13 -25.98 -1.44
C LEU D 379 1.30 -26.88 -1.09
N GLY D 380 2.39 -26.80 -1.87
CA GLY D 380 3.52 -27.67 -1.64
C GLY D 380 4.39 -27.24 -0.47
N ASN D 381 4.60 -25.93 -0.30
CA ASN D 381 5.45 -25.42 0.76
C ASN D 381 4.70 -24.75 1.91
N ALA D 382 3.39 -24.54 1.78
CA ALA D 382 2.59 -24.05 2.90
C ALA D 382 1.29 -24.85 2.93
N THR D 383 0.13 -24.22 3.15
CA THR D 383 -1.12 -24.98 3.26
C THR D 383 -2.14 -24.54 2.21
N GLY D 384 -1.69 -23.91 1.12
CA GLY D 384 -2.60 -23.36 0.13
C GLY D 384 -3.42 -22.20 0.69
N HIS D 385 -4.59 -21.99 0.09
CA HIS D 385 -5.43 -20.86 0.48
C HIS D 385 -6.05 -21.08 1.86
N PRO D 386 -6.36 -19.99 2.56
CA PRO D 386 -7.00 -20.13 3.88
C PRO D 386 -8.47 -20.54 3.77
N SER D 387 -8.96 -21.12 4.87
CA SER D 387 -10.34 -21.62 4.92
C SER D 387 -11.35 -20.55 4.50
N ARG D 388 -11.22 -19.31 5.01
CA ARG D 388 -12.26 -18.32 4.72
C ARG D 388 -12.31 -17.94 3.24
N ILE D 389 -11.23 -18.15 2.49
CA ILE D 389 -11.28 -17.99 1.05
C ILE D 389 -11.85 -19.22 0.39
N MET D 390 -11.35 -20.41 0.75
CA MET D 390 -11.84 -21.65 0.14
C MET D 390 -13.33 -21.85 0.40
N ASP D 391 -13.86 -21.22 1.44
CA ASP D 391 -15.30 -21.20 1.70
C ASP D 391 -16.08 -20.86 0.44
N GLY D 392 -15.63 -19.82 -0.28
CA GLY D 392 -16.32 -19.41 -1.50
C GLY D 392 -16.25 -20.46 -2.59
N SER D 393 -15.05 -20.95 -2.89
CA SER D 393 -14.90 -21.97 -3.93
C SER D 393 -15.73 -23.21 -3.59
N PHE D 394 -15.72 -23.62 -2.34
CA PHE D 394 -16.33 -24.91 -2.02
C PHE D 394 -17.83 -24.80 -1.82
N ALA D 395 -18.34 -23.63 -1.40
CA ALA D 395 -19.77 -23.39 -1.49
C ALA D 395 -20.27 -23.52 -2.93
N ASN D 396 -19.50 -22.98 -3.89
CA ASN D 396 -19.86 -23.13 -5.30
C ASN D 396 -19.80 -24.60 -5.74
N GLN D 397 -18.82 -25.36 -5.24
CA GLN D 397 -18.73 -26.78 -5.58
C GLN D 397 -19.97 -27.53 -5.11
N VAL D 398 -20.40 -27.29 -3.87
CA VAL D 398 -21.56 -27.99 -3.35
C VAL D 398 -22.80 -27.65 -4.18
N LEU D 399 -23.00 -26.36 -4.49
CA LEU D 399 -24.15 -25.97 -5.30
C LEU D 399 -24.08 -26.57 -6.70
N ALA D 400 -22.88 -26.68 -7.26
CA ALA D 400 -22.75 -27.27 -8.61
C ALA D 400 -23.06 -28.76 -8.59
N GLN D 401 -22.57 -29.47 -7.56
CA GLN D 401 -22.90 -30.88 -7.37
C GLN D 401 -24.40 -31.07 -7.26
N ILE D 402 -25.07 -30.25 -6.45
CA ILE D 402 -26.51 -30.36 -6.28
C ILE D 402 -27.23 -30.16 -7.61
N HIS D 403 -26.81 -29.16 -8.38
CA HIS D 403 -27.52 -28.87 -9.63
C HIS D 403 -27.36 -30.00 -10.63
N LEU D 404 -26.14 -30.51 -10.82
CA LEU D 404 -25.97 -31.55 -11.84
C LEU D 404 -26.51 -32.90 -11.38
N PHE D 405 -26.44 -33.20 -10.08
CA PHE D 405 -27.01 -34.45 -9.61
C PHE D 405 -28.53 -34.44 -9.77
N GLU D 406 -29.17 -33.30 -9.49
CA GLU D 406 -30.61 -33.22 -9.62
C GLU D 406 -31.06 -33.21 -11.08
N GLN D 407 -30.18 -32.76 -12.00
CA GLN D 407 -30.52 -32.81 -13.42
C GLN D 407 -30.55 -34.24 -13.98
N LYS D 408 -29.76 -35.15 -13.41
CA LYS D 408 -29.84 -36.57 -13.74
C LYS D 408 -29.58 -36.81 -15.24
N TYR D 409 -28.51 -36.19 -15.75
CA TYR D 409 -28.18 -36.33 -17.17
C TYR D 409 -28.09 -37.78 -17.61
N ALA D 410 -27.54 -38.66 -16.78
CA ALA D 410 -27.31 -40.04 -17.22
C ALA D 410 -28.62 -40.77 -17.51
N ASP D 411 -29.73 -40.29 -16.95
CA ASP D 411 -31.01 -40.93 -17.08
C ASP D 411 -31.85 -40.38 -18.23
N LEU D 412 -31.35 -39.34 -18.93
CA LEU D 412 -32.10 -38.70 -19.98
C LEU D 412 -32.03 -39.50 -21.28
N PRO D 413 -33.07 -39.43 -22.11
CA PRO D 413 -32.97 -39.98 -23.47
C PRO D 413 -31.86 -39.30 -24.26
N ALA D 414 -31.41 -40.01 -25.30
CA ALA D 414 -30.31 -39.53 -26.13
C ALA D 414 -30.59 -38.14 -26.70
N ALA D 415 -31.83 -37.90 -27.16
CA ALA D 415 -32.18 -36.59 -27.70
C ALA D 415 -32.07 -35.50 -26.64
N GLU D 416 -32.45 -35.81 -25.40
CA GLU D 416 -32.39 -34.80 -24.36
C GLU D 416 -30.97 -34.59 -23.84
N LYS D 417 -30.14 -35.65 -23.84
CA LYS D 417 -28.73 -35.47 -23.49
C LYS D 417 -28.04 -34.53 -24.45
N ALA D 418 -28.34 -34.66 -25.75
CA ALA D 418 -27.71 -33.79 -26.75
C ALA D 418 -27.95 -32.31 -26.46
N LYS D 419 -29.12 -31.99 -25.89
CA LYS D 419 -29.45 -30.60 -25.58
C LYS D 419 -28.84 -30.09 -24.29
N ARG D 420 -28.33 -30.98 -23.43
CA ARG D 420 -27.78 -30.57 -22.14
C ARG D 420 -26.29 -30.80 -22.01
N LEU D 421 -25.63 -31.32 -23.06
CA LEU D 421 -24.21 -31.59 -23.01
C LEU D 421 -23.46 -30.28 -23.21
N SER D 422 -23.00 -29.68 -22.12
CA SER D 422 -22.38 -28.37 -22.20
C SER D 422 -21.50 -28.16 -20.97
N VAL D 423 -20.75 -27.07 -21.02
CA VAL D 423 -19.98 -26.57 -19.89
C VAL D 423 -20.57 -25.23 -19.50
N GLU D 424 -21.16 -25.15 -18.30
CA GLU D 424 -21.91 -23.98 -17.86
C GLU D 424 -21.34 -23.46 -16.55
N VAL D 425 -21.73 -22.24 -16.20
CA VAL D 425 -21.45 -21.68 -14.89
C VAL D 425 -22.74 -21.64 -14.08
N LEU D 426 -22.59 -21.48 -12.76
CA LEU D 426 -23.74 -21.27 -11.90
C LEU D 426 -24.39 -19.92 -12.19
N PRO D 427 -25.70 -19.81 -11.99
CA PRO D 427 -26.36 -18.52 -12.20
C PRO D 427 -25.83 -17.48 -11.22
N LYS D 428 -25.88 -16.21 -11.64
CA LYS D 428 -25.33 -15.12 -10.83
C LYS D 428 -26.02 -15.02 -9.47
N LYS D 429 -27.34 -15.27 -9.43
CA LYS D 429 -28.03 -15.23 -8.14
C LYS D 429 -27.35 -16.12 -7.09
N LEU D 430 -26.93 -17.33 -7.49
CA LEU D 430 -26.24 -18.20 -6.55
C LEU D 430 -24.85 -17.66 -6.19
N ASP D 431 -24.15 -17.11 -7.17
CA ASP D 431 -22.86 -16.46 -6.94
C ASP D 431 -23.01 -15.40 -5.83
N GLU D 432 -24.07 -14.58 -5.95
CA GLU D 432 -24.35 -13.54 -4.96
C GLU D 432 -24.68 -14.13 -3.60
N GLU D 433 -25.45 -15.22 -3.57
CA GLU D 433 -25.82 -15.80 -2.28
C GLU D 433 -24.60 -16.33 -1.55
N VAL D 434 -23.63 -16.90 -2.29
CA VAL D 434 -22.37 -17.29 -1.67
C VAL D 434 -21.65 -16.06 -1.14
N ALA D 435 -21.60 -15.00 -1.96
CA ALA D 435 -20.89 -13.79 -1.57
C ALA D 435 -21.45 -13.20 -0.28
N LEU D 436 -22.77 -13.17 -0.13
CA LEU D 436 -23.37 -12.56 1.05
C LEU D 436 -22.96 -13.31 2.32
N GLU D 437 -22.92 -14.65 2.26
CA GLU D 437 -22.49 -15.42 3.42
C GLU D 437 -21.03 -15.12 3.75
N MET D 438 -20.19 -14.95 2.72
CA MET D 438 -18.81 -14.54 2.97
C MET D 438 -18.74 -13.17 3.63
N VAL D 439 -19.56 -12.22 3.17
CA VAL D 439 -19.54 -10.87 3.73
C VAL D 439 -20.03 -10.88 5.18
N LYS D 440 -21.08 -11.65 5.46
CA LYS D 440 -21.54 -11.77 6.83
C LYS D 440 -20.46 -12.36 7.72
N GLY D 441 -19.61 -13.22 7.16
CA GLY D 441 -18.53 -13.80 7.93
C GLY D 441 -17.50 -12.78 8.37
N PHE D 442 -17.33 -11.71 7.59
CA PHE D 442 -16.47 -10.59 7.97
C PHE D 442 -17.17 -9.61 8.89
N GLY D 443 -18.44 -9.84 9.20
CA GLY D 443 -19.22 -8.86 9.92
C GLY D 443 -19.73 -7.72 9.07
N GLY D 444 -19.60 -7.81 7.74
CA GLY D 444 -20.06 -6.74 6.88
C GLY D 444 -21.58 -6.67 6.81
N VAL D 445 -22.09 -5.47 6.54
CA VAL D 445 -23.53 -5.23 6.49
C VAL D 445 -23.85 -4.65 5.11
N VAL D 446 -24.54 -5.44 4.30
CA VAL D 446 -24.96 -5.03 2.96
C VAL D 446 -26.23 -4.19 3.09
N THR D 447 -26.33 -3.16 2.28
CA THR D 447 -27.51 -2.30 2.26
C THR D 447 -28.58 -2.92 1.37
N GLN D 448 -29.84 -2.77 1.77
CA GLN D 448 -30.97 -3.19 0.98
C GLN D 448 -31.47 -2.02 0.16
N LEU D 449 -31.61 -2.23 -1.15
CA LEU D 449 -32.23 -1.24 -2.02
C LEU D 449 -33.66 -0.94 -1.58
N THR D 450 -34.05 0.33 -1.69
CA THR D 450 -35.47 0.64 -1.63
C THR D 450 -36.12 0.17 -2.94
N PRO D 451 -37.45 0.01 -2.96
CA PRO D 451 -38.09 -0.32 -4.25
C PRO D 451 -37.79 0.69 -5.34
N LYS D 452 -37.74 1.98 -5.02
CA LYS D 452 -37.47 2.96 -6.06
C LYS D 452 -36.04 2.85 -6.58
N GLN D 453 -35.09 2.58 -5.69
CA GLN D 453 -33.69 2.44 -6.14
C GLN D 453 -33.52 1.21 -7.01
N ALA D 454 -34.19 0.10 -6.66
CA ALA D 454 -34.12 -1.08 -7.50
C ALA D 454 -34.73 -0.80 -8.87
N GLU D 455 -35.86 -0.10 -8.90
CA GLU D 455 -36.48 0.29 -10.17
C GLU D 455 -35.55 1.20 -10.97
N TYR D 456 -34.91 2.16 -10.29
CA TYR D 456 -34.07 3.12 -10.99
C TYR D 456 -32.93 2.45 -11.74
N ILE D 457 -32.29 1.46 -11.13
CA ILE D 457 -31.20 0.77 -11.82
C ILE D 457 -31.66 -0.52 -12.48
N GLY D 458 -32.95 -0.86 -12.39
CA GLY D 458 -33.51 -1.96 -13.16
C GLY D 458 -33.21 -3.34 -12.65
N VAL D 459 -33.21 -3.54 -11.33
CA VAL D 459 -32.95 -4.83 -10.72
C VAL D 459 -34.09 -5.15 -9.75
N SER D 460 -34.25 -6.44 -9.47
CA SER D 460 -35.01 -6.87 -8.31
C SER D 460 -34.25 -6.53 -7.04
N VAL D 461 -35.00 -6.17 -5.99
CA VAL D 461 -34.40 -5.81 -4.70
C VAL D 461 -33.49 -6.93 -4.19
N GLU D 462 -33.90 -8.20 -4.39
CA GLU D 462 -33.09 -9.30 -3.89
C GLU D 462 -31.97 -9.70 -4.84
N GLY D 463 -31.86 -9.04 -6.00
CA GLY D 463 -30.86 -9.38 -6.99
C GLY D 463 -31.41 -10.38 -7.99
N PRO D 464 -30.60 -10.75 -9.01
CA PRO D 464 -29.21 -10.33 -9.26
C PRO D 464 -29.04 -8.84 -9.57
N PHE D 465 -27.89 -8.29 -9.21
CA PHE D 465 -27.70 -6.84 -9.26
C PHE D 465 -26.95 -6.37 -10.50
N LYS D 466 -26.37 -7.28 -11.27
CA LYS D 466 -25.52 -6.96 -12.40
C LYS D 466 -25.91 -7.80 -13.61
N PRO D 467 -25.74 -7.27 -14.82
CA PRO D 467 -25.94 -8.12 -16.00
C PRO D 467 -24.85 -9.18 -16.09
N ASP D 468 -25.12 -10.23 -16.85
CA ASP D 468 -24.16 -11.32 -16.94
C ASP D 468 -22.85 -10.89 -17.59
N THR D 469 -22.85 -9.80 -18.36
CA THR D 469 -21.62 -9.26 -18.95
C THR D 469 -20.70 -8.56 -17.95
N TYR D 470 -21.15 -8.33 -16.73
CA TYR D 470 -20.39 -7.49 -15.79
C TYR D 470 -19.13 -8.20 -15.33
N ARG D 471 -18.02 -7.44 -15.28
CA ARG D 471 -16.71 -8.03 -15.02
C ARG D 471 -16.21 -7.86 -13.58
N TYR D 472 -16.84 -7.00 -12.78
CA TYR D 472 -16.41 -6.75 -11.40
C TYR D 472 -14.93 -6.32 -11.36
#